data_8G2J
#
_entry.id   8G2J
#
_cell.length_a   1.00
_cell.length_b   1.00
_cell.length_c   1.00
_cell.angle_alpha   90.00
_cell.angle_beta   90.00
_cell.angle_gamma   90.00
#
_symmetry.space_group_name_H-M   'P 1'
#
loop_
_entity.id
_entity.type
_entity.pdbx_description
1 polymer 'Cellulose synthase'
2 branched beta-D-glucopyranose-(1-4)-beta-D-glucopyranose-(1-4)-beta-D-glucopyranose-(1-4)-beta-D-glucopyranose-(1-4)-beta-D-glucopyranose
3 non-polymer "URIDINE-5'-DIPHOSPHATE-GLUCOSE"
4 non-polymer 'MAGNESIUM ION'
#
_entity_poly.entity_id   1
_entity_poly.type   'polypeptide(L)'
_entity_poly.pdbx_seq_one_letter_code
;MHHHHHHHHHHHHMMESGAPICHTCGEQVGHDANGDLFVACHECNYHICKSCFEYEIKEGRKVCLRCGSPYDENLLDDVE
KKGSGNQSTMASHLNNSQDVGIHARHISSVSTVDSEMNDEYGNPIWKNRVESWKDKRNKKKKSNTKPETEPAQVPPEQQM
ENKPSAEASEPLSIVYPIPRNKLTPYRAVIIMRLIILGLFFHYRITNPVDSAFGLWLTSVICEIWFAFSWVLDQFPKWKP
VNRETFIERLSARYEREGEPSQLAAVDFFVSTVDPLKEPPLITANTVLSILAVDYPVDKVSCYVSDDGAAMLTFESLVET
AEFARKWVPFCKKFSIEPRAPEFYFSQKIDYLKDKVQPSFVKERRAMKRDYEEYKVRVNALVAKAQKTPDEGWTMQDGTP
WPGNNTRDHPGMIQVFLGNTGARDIEGNELPRLVYVSREKRPGYQHHKKAGAENALVRVSAVLTNAPYILNLDCDHYVNN
SKAVREAMCILMDPQVGRDVCYVQFPQRFDGIDRSDRYANRNIVFFDVNMKGLDGIQGPMYVGTGCVFNRQALYGYGPPS
MPRLRKGKESSSCFSCCCPTKKKPAQDPAEVYRDAKREDLNAAIFNLTEIDNYDDYERSMLISQLSFEKTFGLSPVFIES
TLMENGGVPESANSSTLIKEAIHVIGCGFEEKTEWGKEIGWIYGSVTEDILSGFKMHCRGWRSIYCMPVRPAFKGSAPIN
LSDRLHQVLRWALGSVEIFFSRHCPFWYGYGGGRLKWLQRLAYINTIVYPFTSLPLIAYCTIPAVCLLTGKFIIPTLSNL
ASMLFLGLFISIIVTAVLELRWSGVSIEDLWRNEQFWVIGGVSAHLFAVFQGFLKMLAGIDTNFTVTAKAADDTEFGELY
MVKWTTLLIPPTTLLIINIVGVVAGFSDALNKGYEAWGPLFGKVFFAFWVILHLYPFLKGLMGRQNRTPTIVVLWSVLLT
SVFSLVWVKINPFVNKVDNTLAGETCISIDC
;
_entity_poly.pdbx_strand_id   D,I,C
#
loop_
_chem_comp.id
_chem_comp.type
_chem_comp.name
_chem_comp.formula
BGC D-saccharide, beta linking beta-D-glucopyranose 'C6 H12 O6'
MG non-polymer 'MAGNESIUM ION' 'Mg 2'
UPG non-polymer URIDINE-5'-DIPHOSPHATE-GLUCOSE 'C15 H24 N2 O17 P2'
#
# COMPACT_ATOMS: atom_id res chain seq x y z
N GLU A 170 0.66 21.77 -45.88
CA GLU A 170 0.27 21.34 -44.54
C GLU A 170 1.45 21.39 -43.59
N PRO A 171 1.26 21.92 -42.38
CA PRO A 171 2.34 21.94 -41.40
C PRO A 171 2.45 20.61 -40.64
N LEU A 172 3.69 20.13 -40.51
CA LEU A 172 3.95 18.92 -39.77
C LEU A 172 3.68 19.06 -38.28
N SER A 173 4.03 20.19 -37.69
CA SER A 173 3.78 20.45 -36.28
C SER A 173 3.16 21.83 -36.14
N ILE A 174 2.27 21.95 -35.16
CA ILE A 174 1.58 23.21 -34.89
C ILE A 174 2.03 23.70 -33.51
N VAL A 175 2.46 24.96 -33.47
CA VAL A 175 2.86 25.62 -32.23
C VAL A 175 1.79 26.65 -31.89
N TYR A 176 1.09 26.44 -30.80
CA TYR A 176 0.07 27.36 -30.33
C TYR A 176 0.41 27.86 -28.94
N PRO A 177 0.24 29.15 -28.68
CA PRO A 177 0.53 29.67 -27.35
C PRO A 177 -0.56 29.32 -26.36
N ILE A 178 -0.45 29.84 -25.14
CA ILE A 178 -1.55 29.67 -24.18
C ILE A 178 -2.84 30.20 -24.81
N PRO A 179 -3.99 29.56 -24.59
CA PRO A 179 -5.18 29.90 -25.39
C PRO A 179 -5.70 31.33 -25.21
N ARG A 180 -4.97 32.19 -24.50
CA ARG A 180 -5.28 33.60 -24.25
C ARG A 180 -6.30 33.74 -23.13
N ASN A 181 -6.93 32.65 -22.67
CA ASN A 181 -7.82 32.73 -21.53
C ASN A 181 -7.07 32.56 -20.21
N LYS A 182 -5.98 31.79 -20.22
CA LYS A 182 -5.15 31.58 -19.04
C LYS A 182 -3.85 32.37 -19.10
N LEU A 183 -3.64 33.17 -20.14
CA LEU A 183 -2.39 33.90 -20.34
C LEU A 183 -2.44 35.33 -19.80
N THR A 184 -3.41 36.13 -20.27
CA THR A 184 -3.49 37.50 -19.80
C THR A 184 -3.61 37.59 -18.29
N PRO A 185 -4.45 36.80 -17.62
CA PRO A 185 -4.45 36.85 -16.15
C PRO A 185 -3.09 36.52 -15.55
N TYR A 186 -2.37 35.56 -16.12
CA TYR A 186 -1.04 35.23 -15.62
C TYR A 186 -0.08 36.40 -15.81
N ARG A 187 -0.12 37.03 -16.99
CA ARG A 187 0.71 38.21 -17.22
C ARG A 187 0.26 39.37 -16.33
N ALA A 188 -1.05 39.52 -16.13
CA ALA A 188 -1.57 40.65 -15.38
C ALA A 188 -1.26 40.54 -13.88
N VAL A 189 -1.16 39.32 -13.36
CA VAL A 189 -0.85 39.17 -11.94
C VAL A 189 0.62 39.47 -11.68
N ILE A 190 1.51 38.96 -12.53
CA ILE A 190 2.93 39.20 -12.34
C ILE A 190 3.27 40.67 -12.55
N ILE A 191 2.62 41.32 -13.53
CA ILE A 191 2.88 42.74 -13.76
C ILE A 191 2.38 43.56 -12.58
N MET A 192 1.24 43.15 -11.99
CA MET A 192 0.76 43.82 -10.78
C MET A 192 1.71 43.58 -9.62
N ARG A 193 2.24 42.37 -9.49
CA ARG A 193 3.11 42.05 -8.37
C ARG A 193 4.33 42.96 -8.33
N LEU A 194 4.83 43.35 -9.50
CA LEU A 194 5.98 44.25 -9.54
C LEU A 194 5.66 45.58 -8.88
N ILE A 195 4.51 46.17 -9.18
CA ILE A 195 4.14 47.44 -8.59
C ILE A 195 3.96 47.30 -7.08
N ILE A 196 3.31 46.22 -6.64
CA ILE A 196 3.14 45.99 -5.21
C ILE A 196 4.50 45.85 -4.54
N LEU A 197 5.41 45.09 -5.16
CA LEU A 197 6.76 44.96 -4.61
C LEU A 197 7.47 46.31 -4.58
N GLY A 198 7.36 47.09 -5.66
CA GLY A 198 8.01 48.39 -5.68
C GLY A 198 7.49 49.31 -4.59
N LEU A 199 6.17 49.37 -4.43
CA LEU A 199 5.60 50.16 -3.34
C LEU A 199 6.03 49.61 -1.99
N PHE A 200 6.06 48.28 -1.85
CA PHE A 200 6.50 47.67 -0.60
C PHE A 200 7.93 48.05 -0.26
N PHE A 201 8.82 48.02 -1.26
CA PHE A 201 10.21 48.40 -1.02
C PHE A 201 10.33 49.87 -0.63
N HIS A 202 9.57 50.73 -1.31
CA HIS A 202 9.65 52.16 -1.00
C HIS A 202 9.25 52.44 0.44
N TYR A 203 8.18 51.79 0.91
CA TYR A 203 7.74 52.01 2.28
C TYR A 203 8.83 51.62 3.29
N ARG A 204 9.45 50.47 3.08
CA ARG A 204 10.49 50.02 4.02
C ARG A 204 11.68 50.97 4.02
N ILE A 205 12.15 51.36 2.83
CA ILE A 205 13.34 52.20 2.75
C ILE A 205 13.14 53.51 3.50
N THR A 206 11.89 54.00 3.57
CA THR A 206 11.62 55.24 4.28
C THR A 206 11.95 55.11 5.76
N ASN A 207 11.58 53.98 6.37
CA ASN A 207 11.83 53.79 7.79
C ASN A 207 13.33 53.59 8.04
N PRO A 208 13.99 54.46 8.81
CA PRO A 208 15.45 54.33 8.98
C PRO A 208 15.86 53.55 10.22
N VAL A 209 14.93 53.26 11.13
CA VAL A 209 15.25 52.74 12.45
C VAL A 209 14.26 51.64 12.82
N ASP A 210 14.78 50.57 13.43
CA ASP A 210 13.97 49.56 14.08
C ASP A 210 14.56 49.16 15.42
N SER A 211 15.22 50.10 16.10
CA SER A 211 15.98 49.93 17.34
C SER A 211 17.34 49.28 17.07
N ALA A 212 17.64 48.94 15.81
CA ALA A 212 18.95 48.36 15.48
C ALA A 212 19.21 48.65 14.01
N PHE A 213 20.16 49.56 13.74
CA PHE A 213 20.46 49.93 12.36
C PHE A 213 21.08 48.78 11.60
N GLY A 214 21.86 47.93 12.28
CA GLY A 214 22.50 46.83 11.60
C GLY A 214 21.50 45.85 11.00
N LEU A 215 20.48 45.48 11.78
CA LEU A 215 19.46 44.57 11.25
C LEU A 215 18.69 45.22 10.11
N TRP A 216 18.40 46.52 10.23
CA TRP A 216 17.70 47.20 9.15
C TRP A 216 18.51 47.18 7.86
N LEU A 217 19.82 47.37 7.94
CA LEU A 217 20.67 47.32 6.77
C LEU A 217 20.65 45.93 6.13
N THR A 218 20.70 44.89 6.96
CA THR A 218 20.75 43.53 6.42
C THR A 218 19.42 43.12 5.80
N SER A 219 18.31 43.38 6.50
CA SER A 219 17.01 42.92 6.00
C SER A 219 16.66 43.56 4.67
N VAL A 220 16.86 44.88 4.56
CA VAL A 220 16.49 45.57 3.32
C VAL A 220 17.36 45.08 2.17
N ILE A 221 18.67 44.97 2.39
CA ILE A 221 19.56 44.50 1.33
C ILE A 221 19.21 43.07 0.95
N CYS A 222 18.99 42.20 1.93
CA CYS A 222 18.67 40.81 1.64
C CYS A 222 17.35 40.69 0.90
N GLU A 223 16.33 41.43 1.32
CA GLU A 223 15.03 41.36 0.65
C GLU A 223 15.13 41.87 -0.79
N ILE A 224 15.97 42.89 -1.03
CA ILE A 224 16.15 43.40 -2.38
C ILE A 224 16.70 42.32 -3.29
N TRP A 225 17.60 41.49 -2.76
CA TRP A 225 18.17 40.41 -3.57
C TRP A 225 17.10 39.45 -4.05
N PHE A 226 16.16 39.10 -3.16
CA PHE A 226 15.09 38.18 -3.55
C PHE A 226 14.25 38.78 -4.67
N ALA A 227 13.96 40.08 -4.61
CA ALA A 227 13.15 40.70 -5.65
C ALA A 227 13.82 40.58 -7.02
N PHE A 228 15.13 40.82 -7.08
CA PHE A 228 15.84 40.63 -8.33
C PHE A 228 15.81 39.16 -8.77
N SER A 229 15.95 38.24 -7.81
CA SER A 229 15.87 36.83 -8.14
C SER A 229 14.51 36.48 -8.74
N TRP A 230 13.44 37.00 -8.14
CA TRP A 230 12.11 36.78 -8.71
C TRP A 230 11.99 37.45 -10.09
N VAL A 231 12.54 38.65 -10.22
CA VAL A 231 12.50 39.33 -11.52
C VAL A 231 13.24 38.51 -12.57
N LEU A 232 14.42 37.99 -12.22
CA LEU A 232 15.16 37.13 -13.14
C LEU A 232 14.48 35.79 -13.35
N ASP A 233 13.51 35.42 -12.51
CA ASP A 233 12.88 34.12 -12.57
C ASP A 233 11.48 34.15 -13.16
N GLN A 234 10.78 35.28 -13.08
CA GLN A 234 9.40 35.34 -13.57
C GLN A 234 9.33 35.73 -15.04
N PHE A 235 10.12 36.71 -15.45
CA PHE A 235 10.09 37.15 -16.84
C PHE A 235 10.36 36.01 -17.83
N PRO A 236 11.30 35.09 -17.59
CA PRO A 236 11.48 33.97 -18.53
C PRO A 236 10.22 33.15 -18.75
N LYS A 237 9.34 33.08 -17.76
CA LYS A 237 8.07 32.37 -17.89
C LYS A 237 7.03 33.18 -18.67
N TRP A 238 7.38 34.39 -19.11
CA TRP A 238 6.49 35.21 -19.90
C TRP A 238 6.27 34.57 -21.26
N LYS A 239 5.03 34.64 -21.74
CA LYS A 239 4.66 34.09 -23.04
C LYS A 239 5.00 32.60 -23.12
N PRO A 240 4.36 31.76 -22.31
CA PRO A 240 4.53 30.31 -22.50
C PRO A 240 3.96 29.86 -23.83
N VAL A 241 4.54 28.78 -24.36
CA VAL A 241 4.15 28.25 -25.66
C VAL A 241 3.96 26.74 -25.53
N ASN A 242 2.90 26.24 -26.13
CA ASN A 242 2.62 24.82 -26.20
C ASN A 242 2.73 24.35 -27.64
N ARG A 243 3.23 23.12 -27.80
CA ARG A 243 3.45 22.56 -29.12
C ARG A 243 2.73 21.22 -29.22
N GLU A 244 2.27 20.91 -30.43
CA GLU A 244 1.64 19.63 -30.72
C GLU A 244 2.24 19.06 -31.99
N THR A 245 2.42 17.74 -32.00
CA THR A 245 3.07 17.07 -33.12
C THR A 245 2.22 15.88 -33.54
N PHE A 246 2.17 15.67 -34.86
CA PHE A 246 1.48 14.54 -35.46
C PHE A 246 2.46 13.71 -36.26
N ILE A 247 2.36 12.39 -36.10
CA ILE A 247 3.28 11.47 -36.77
C ILE A 247 2.70 10.92 -38.07
N GLU A 248 1.37 10.88 -38.21
CA GLU A 248 0.78 10.34 -39.43
C GLU A 248 1.18 11.16 -40.65
N ARG A 249 1.12 12.49 -40.52
CA ARG A 249 1.51 13.34 -41.64
C ARG A 249 2.98 13.20 -41.98
N LEU A 250 3.85 13.07 -40.97
CA LEU A 250 5.26 12.83 -41.23
C LEU A 250 5.46 11.56 -42.05
N SER A 251 4.82 10.47 -41.62
CA SER A 251 4.92 9.23 -42.37
C SER A 251 4.31 9.38 -43.76
N ALA A 252 3.14 10.00 -43.85
CA ALA A 252 2.49 10.17 -45.14
C ALA A 252 3.35 10.99 -46.08
N ARG A 253 3.97 12.06 -45.58
CA ARG A 253 4.76 12.94 -46.44
C ARG A 253 6.09 12.30 -46.83
N TYR A 254 6.75 11.63 -45.89
CA TYR A 254 8.12 11.16 -46.10
C TYR A 254 8.20 9.67 -46.39
N GLU A 255 7.57 8.82 -45.58
CA GLU A 255 7.67 7.38 -45.81
C GLU A 255 7.22 7.03 -47.22
N ARG A 256 6.01 7.46 -47.60
CA ARG A 256 5.53 7.32 -48.97
C ARG A 256 5.42 5.85 -49.37
N GLU A 257 4.22 5.43 -49.79
CA GLU A 257 4.03 4.04 -50.21
C GLU A 257 4.94 3.69 -51.38
N GLY A 258 5.31 4.68 -52.19
CA GLY A 258 6.19 4.41 -53.31
C GLY A 258 7.57 3.94 -52.91
N GLU A 259 8.09 4.46 -51.81
CA GLU A 259 9.42 4.09 -51.31
C GLU A 259 10.49 4.58 -52.27
N PRO A 260 11.74 4.75 -51.83
CA PRO A 260 12.27 4.52 -50.47
C PRO A 260 11.94 5.64 -49.50
N SER A 261 12.10 5.40 -48.20
CA SER A 261 11.86 6.43 -47.20
C SER A 261 12.90 7.55 -47.32
N GLN A 262 12.47 8.76 -46.97
CA GLN A 262 13.34 9.94 -47.02
C GLN A 262 13.64 10.48 -45.63
N LEU A 263 13.41 9.65 -44.60
CA LEU A 263 13.62 10.08 -43.24
C LEU A 263 15.12 10.23 -42.96
N ALA A 264 15.44 11.17 -42.07
CA ALA A 264 16.82 11.48 -41.71
C ALA A 264 17.36 10.47 -40.71
N ALA A 265 18.68 10.33 -40.71
CA ALA A 265 19.36 9.40 -39.82
C ALA A 265 19.52 9.98 -38.42
N VAL A 266 19.57 9.08 -37.44
CA VAL A 266 19.73 9.46 -36.04
C VAL A 266 20.81 8.58 -35.42
N ASP A 267 21.68 9.21 -34.64
CA ASP A 267 22.74 8.51 -33.91
C ASP A 267 22.49 8.63 -32.41
N PHE A 268 22.55 7.50 -31.73
CA PHE A 268 22.33 7.43 -30.30
C PHE A 268 23.66 7.25 -29.57
N PHE A 269 23.86 8.03 -28.51
CA PHE A 269 25.07 7.97 -27.71
C PHE A 269 24.72 7.49 -26.31
N VAL A 270 25.41 6.43 -25.87
CA VAL A 270 25.29 5.92 -24.52
C VAL A 270 26.67 5.93 -23.89
N SER A 271 26.78 6.59 -22.73
CA SER A 271 28.06 6.78 -22.07
C SER A 271 28.10 5.99 -20.77
N THR A 272 29.20 5.27 -20.56
CA THR A 272 29.44 4.52 -19.34
C THR A 272 30.83 4.84 -18.84
N VAL A 273 31.05 4.60 -17.54
CA VAL A 273 32.33 4.91 -16.90
C VAL A 273 32.90 3.67 -16.24
N ASP A 274 32.13 3.04 -15.35
CA ASP A 274 32.56 1.88 -14.62
C ASP A 274 31.43 0.87 -14.59
N PRO A 275 31.71 -0.42 -14.77
CA PRO A 275 30.63 -1.41 -14.74
C PRO A 275 30.20 -1.78 -13.33
N LEU A 276 31.15 -1.72 -12.38
CA LEU A 276 30.83 -2.09 -11.00
C LEU A 276 29.96 -1.04 -10.33
N LYS A 277 30.27 0.25 -10.52
CA LYS A 277 29.51 1.30 -9.87
C LYS A 277 28.07 1.32 -10.34
N GLU A 278 27.83 1.13 -11.63
CA GLU A 278 26.49 1.11 -12.20
C GLU A 278 26.29 -0.23 -12.89
N PRO A 279 25.24 -0.98 -12.55
CA PRO A 279 25.11 -2.32 -13.12
C PRO A 279 25.00 -2.26 -14.63
N PRO A 280 25.59 -3.22 -15.34
CA PRO A 280 25.49 -3.19 -16.81
C PRO A 280 24.16 -3.69 -17.35
N LEU A 281 23.34 -4.36 -16.53
CA LEU A 281 22.03 -4.78 -17.00
C LEU A 281 21.18 -3.58 -17.40
N ILE A 282 21.21 -2.52 -16.58
CA ILE A 282 20.48 -1.31 -16.93
C ILE A 282 21.03 -0.72 -18.22
N THR A 283 22.35 -0.70 -18.36
CA THR A 283 22.96 -0.27 -19.62
C THR A 283 22.52 -1.15 -20.77
N ALA A 284 22.53 -2.47 -20.56
CA ALA A 284 22.09 -3.39 -21.60
C ALA A 284 20.62 -3.17 -21.95
N ASN A 285 19.77 -2.97 -20.94
CA ASN A 285 18.37 -2.68 -21.21
C ASN A 285 18.22 -1.39 -22.00
N THR A 286 19.01 -0.38 -21.65
CA THR A 286 18.97 0.87 -22.42
C THR A 286 19.37 0.63 -23.87
N VAL A 287 20.44 -0.12 -24.09
CA VAL A 287 20.89 -0.39 -25.46
C VAL A 287 19.80 -1.12 -26.23
N LEU A 288 19.14 -2.09 -25.60
CA LEU A 288 18.04 -2.78 -26.25
C LEU A 288 16.92 -1.82 -26.61
N SER A 289 16.62 -0.87 -25.71
CA SER A 289 15.58 0.11 -25.98
C SER A 289 15.97 0.99 -27.18
N ILE A 290 17.24 1.35 -27.29
CA ILE A 290 17.67 2.22 -28.38
C ILE A 290 17.43 1.55 -29.73
N LEU A 291 17.77 0.27 -29.84
CA LEU A 291 17.68 -0.43 -31.11
C LEU A 291 16.25 -0.77 -31.52
N ALA A 292 15.27 -0.59 -30.64
CA ALA A 292 13.90 -0.97 -30.91
C ALA A 292 13.02 0.21 -31.33
N VAL A 293 13.63 1.39 -31.55
CA VAL A 293 12.85 2.56 -31.92
C VAL A 293 12.06 2.28 -33.20
N ASP A 294 10.87 2.86 -33.27
CA ASP A 294 10.01 2.72 -34.45
C ASP A 294 10.52 3.69 -35.51
N TYR A 295 11.58 3.27 -36.19
CA TYR A 295 12.24 4.08 -37.20
C TYR A 295 12.90 3.14 -38.19
N PRO A 296 13.06 3.56 -39.45
CA PRO A 296 13.70 2.68 -40.43
C PRO A 296 15.07 2.22 -39.94
N VAL A 297 15.33 0.92 -40.07
CA VAL A 297 16.58 0.35 -39.60
C VAL A 297 17.78 0.83 -40.37
N ASP A 298 17.59 1.31 -41.60
CA ASP A 298 18.70 1.83 -42.41
C ASP A 298 19.16 3.20 -41.93
N LYS A 299 18.40 3.84 -41.04
CA LYS A 299 18.68 5.21 -40.61
C LYS A 299 19.30 5.27 -39.21
N VAL A 300 18.64 4.66 -38.22
CA VAL A 300 19.06 4.78 -36.84
C VAL A 300 20.34 3.99 -36.60
N SER A 301 21.22 4.53 -35.76
CA SER A 301 22.44 3.86 -35.36
C SER A 301 22.65 4.12 -33.88
N CYS A 302 23.35 3.20 -33.21
CA CYS A 302 23.60 3.27 -31.78
C CYS A 302 25.09 3.21 -31.52
N TYR A 303 25.55 4.06 -30.60
CA TYR A 303 26.93 4.09 -30.16
C TYR A 303 26.99 3.98 -28.64
N VAL A 304 27.87 3.10 -28.15
CA VAL A 304 28.08 2.90 -26.74
C VAL A 304 29.53 3.23 -26.43
N SER A 305 29.76 4.11 -25.46
CA SER A 305 31.08 4.55 -25.07
C SER A 305 31.31 4.25 -23.59
N ASP A 306 32.42 3.58 -23.29
CA ASP A 306 32.83 3.28 -21.93
C ASP A 306 34.17 3.96 -21.66
N ASP A 307 34.15 4.97 -20.79
CA ASP A 307 35.39 5.70 -20.48
C ASP A 307 36.42 4.76 -19.86
N GLY A 308 36.00 3.92 -18.93
CA GLY A 308 36.89 2.92 -18.35
C GLY A 308 36.76 1.60 -19.08
N ALA A 309 37.74 1.29 -19.93
CA ALA A 309 37.70 0.05 -20.68
C ALA A 309 37.54 -1.13 -19.74
N ALA A 310 36.40 -1.82 -19.84
CA ALA A 310 36.11 -2.96 -18.99
C ALA A 310 35.59 -4.09 -19.86
N MET A 311 36.10 -5.29 -19.61
CA MET A 311 35.65 -6.46 -20.38
C MET A 311 34.17 -6.76 -20.13
N LEU A 312 33.68 -6.42 -18.94
CA LEU A 312 32.28 -6.69 -18.62
C LEU A 312 31.35 -5.91 -19.55
N THR A 313 31.66 -4.63 -19.80
CA THR A 313 30.82 -3.85 -20.71
C THR A 313 30.87 -4.41 -22.12
N PHE A 314 32.07 -4.73 -22.61
CA PHE A 314 32.18 -5.27 -23.97
C PHE A 314 31.45 -6.60 -24.08
N GLU A 315 31.66 -7.50 -23.11
CA GLU A 315 30.98 -8.78 -23.12
C GLU A 315 29.47 -8.60 -22.94
N SER A 316 29.06 -7.64 -22.11
CA SER A 316 27.64 -7.39 -21.92
C SER A 316 26.98 -6.97 -23.23
N LEU A 317 27.64 -6.11 -24.00
CA LEU A 317 27.11 -5.72 -25.30
C LEU A 317 27.00 -6.92 -26.23
N VAL A 318 28.00 -7.80 -26.22
CA VAL A 318 27.96 -9.00 -27.05
C VAL A 318 26.75 -9.85 -26.67
N GLU A 319 26.55 -10.05 -25.36
CA GLU A 319 25.35 -10.76 -24.91
C GLU A 319 24.09 -9.98 -25.26
N THR A 320 24.13 -8.66 -25.10
CA THR A 320 22.97 -7.84 -25.46
C THR A 320 22.66 -7.95 -26.95
N ALA A 321 23.71 -7.93 -27.79
CA ALA A 321 23.50 -8.07 -29.22
C ALA A 321 22.89 -9.43 -29.56
N GLU A 322 23.36 -10.49 -28.89
CA GLU A 322 22.80 -11.82 -29.14
C GLU A 322 21.32 -11.88 -28.78
N PHE A 323 20.93 -11.28 -27.65
CA PHE A 323 19.53 -11.25 -27.26
C PHE A 323 18.72 -10.27 -28.08
N ALA A 324 19.36 -9.27 -28.68
CA ALA A 324 18.64 -8.33 -29.53
C ALA A 324 18.02 -9.01 -30.75
N ARG A 325 18.58 -10.14 -31.18
CA ARG A 325 18.01 -10.87 -32.30
C ARG A 325 16.59 -11.33 -31.98
N LYS A 326 16.37 -11.79 -30.76
CA LYS A 326 15.03 -12.22 -30.35
C LYS A 326 14.17 -11.05 -29.91
N TRP A 327 14.77 -10.06 -29.23
CA TRP A 327 13.98 -8.99 -28.62
C TRP A 327 13.41 -8.05 -29.67
N VAL A 328 14.20 -7.68 -30.67
CA VAL A 328 13.79 -6.68 -31.65
C VAL A 328 12.57 -7.15 -32.43
N PRO A 329 12.61 -8.29 -33.12
CA PRO A 329 11.43 -8.69 -33.91
C PRO A 329 10.18 -8.85 -33.07
N PHE A 330 10.32 -9.35 -31.84
CA PHE A 330 9.17 -9.47 -30.96
C PHE A 330 8.56 -8.11 -30.66
N CYS A 331 9.40 -7.11 -30.40
CA CYS A 331 8.90 -5.77 -30.12
C CYS A 331 8.22 -5.16 -31.35
N LYS A 332 8.86 -5.28 -32.52
CA LYS A 332 8.33 -4.64 -33.71
C LYS A 332 7.01 -5.26 -34.14
N LYS A 333 6.93 -6.60 -34.16
CA LYS A 333 5.73 -7.26 -34.65
C LYS A 333 4.52 -6.93 -33.77
N PHE A 334 4.71 -6.97 -32.45
CA PHE A 334 3.61 -6.75 -31.52
C PHE A 334 3.49 -5.30 -31.06
N SER A 335 4.44 -4.44 -31.41
CA SER A 335 4.39 -3.02 -31.09
C SER A 335 4.12 -2.80 -29.59
N ILE A 336 4.98 -3.41 -28.78
CA ILE A 336 4.89 -3.30 -27.32
C ILE A 336 5.66 -2.05 -26.89
N GLU A 337 5.25 -1.49 -25.75
CA GLU A 337 5.91 -0.33 -25.18
C GLU A 337 5.78 -0.39 -23.66
N PRO A 338 6.85 -0.12 -22.91
CA PRO A 338 8.20 0.26 -23.35
C PRO A 338 8.94 -0.93 -23.97
N ARG A 339 9.97 -0.68 -24.77
CA ARG A 339 10.69 -1.73 -25.46
C ARG A 339 11.97 -2.13 -24.72
N ALA A 340 12.12 -1.73 -23.46
CA ALA A 340 13.20 -2.19 -22.61
C ALA A 340 12.71 -3.40 -21.82
N PRO A 341 13.28 -4.59 -22.00
CA PRO A 341 12.70 -5.78 -21.34
C PRO A 341 12.66 -5.67 -19.83
N GLU A 342 13.68 -5.07 -19.21
CA GLU A 342 13.71 -4.98 -17.76
C GLU A 342 12.55 -4.11 -17.24
N PHE A 343 12.31 -2.98 -17.91
CA PHE A 343 11.25 -2.06 -17.51
C PHE A 343 9.91 -2.39 -18.15
N TYR A 344 9.86 -3.38 -19.04
CA TYR A 344 8.61 -3.80 -19.67
C TYR A 344 8.01 -5.03 -19.01
N PHE A 345 8.81 -6.08 -18.81
CA PHE A 345 8.31 -7.27 -18.13
C PHE A 345 7.94 -6.96 -16.68
N SER A 346 8.73 -6.13 -16.01
CA SER A 346 8.48 -5.76 -14.62
C SER A 346 7.43 -4.64 -14.55
N GLN A 347 6.28 -4.91 -15.15
CA GLN A 347 5.16 -3.99 -15.15
C GLN A 347 3.90 -4.76 -14.79
N LYS A 348 3.09 -4.18 -13.90
CA LYS A 348 1.85 -4.80 -13.46
C LYS A 348 0.66 -4.37 -14.31
N ILE A 349 0.87 -3.56 -15.34
CA ILE A 349 -0.18 -3.19 -16.27
C ILE A 349 -0.55 -4.42 -17.09
N ASP A 350 -1.86 -4.64 -17.27
CA ASP A 350 -2.32 -5.79 -18.03
C ASP A 350 -1.74 -5.74 -19.44
N TYR A 351 -0.86 -6.70 -19.75
CA TYR A 351 -0.22 -6.73 -21.06
C TYR A 351 -1.19 -7.07 -22.19
N LEU A 352 -2.35 -7.63 -21.87
CA LEU A 352 -3.40 -7.89 -22.86
C LEU A 352 -4.41 -6.75 -22.76
N LYS A 353 -4.00 -5.58 -23.27
CA LYS A 353 -4.82 -4.38 -23.20
C LYS A 353 -5.41 -4.02 -24.56
N ASP A 354 -4.58 -3.90 -25.59
CA ASP A 354 -5.05 -3.58 -26.93
C ASP A 354 -4.45 -4.49 -28.00
N LYS A 355 -3.69 -5.51 -27.62
CA LYS A 355 -3.09 -6.40 -28.61
C LYS A 355 -4.16 -7.15 -29.39
N VAL A 356 -3.97 -7.24 -30.70
CA VAL A 356 -4.91 -7.92 -31.57
C VAL A 356 -4.30 -9.11 -32.30
N GLN A 357 -2.98 -9.29 -32.23
CA GLN A 357 -2.36 -10.41 -32.91
C GLN A 357 -2.83 -11.73 -32.28
N PRO A 358 -3.00 -12.77 -33.10
CA PRO A 358 -3.52 -14.05 -32.57
C PRO A 358 -2.50 -14.79 -31.71
N SER A 359 -1.22 -14.61 -31.99
CA SER A 359 -0.15 -15.35 -31.33
C SER A 359 0.70 -14.45 -30.43
N PHE A 360 0.07 -13.48 -29.79
CA PHE A 360 0.81 -12.61 -28.88
C PHE A 360 1.24 -13.36 -27.62
N VAL A 361 0.31 -14.10 -27.02
CA VAL A 361 0.61 -14.79 -25.77
C VAL A 361 1.68 -15.85 -25.97
N LYS A 362 1.58 -16.62 -27.05
CA LYS A 362 2.56 -17.68 -27.29
C LYS A 362 3.97 -17.11 -27.42
N GLU A 363 4.12 -16.03 -28.19
CA GLU A 363 5.43 -15.42 -28.34
C GLU A 363 5.88 -14.73 -27.07
N ARG A 364 4.95 -14.10 -26.34
CA ARG A 364 5.32 -13.40 -25.11
C ARG A 364 5.88 -14.37 -24.07
N ARG A 365 5.25 -15.52 -23.89
CA ARG A 365 5.73 -16.48 -22.90
C ARG A 365 7.14 -16.95 -23.24
N ALA A 366 7.40 -17.23 -24.51
CA ALA A 366 8.74 -17.61 -24.93
C ALA A 366 9.72 -16.47 -24.70
N MET A 367 9.32 -15.24 -25.02
CA MET A 367 10.22 -14.11 -24.87
C MET A 367 10.56 -13.88 -23.40
N LYS A 368 9.56 -13.96 -22.51
CA LYS A 368 9.83 -13.78 -21.10
C LYS A 368 10.79 -14.86 -20.58
N ARG A 369 10.60 -16.10 -21.05
CA ARG A 369 11.56 -17.15 -20.73
C ARG A 369 12.94 -16.81 -21.28
N ASP A 370 13.00 -16.31 -22.51
CA ASP A 370 14.29 -15.97 -23.11
C ASP A 370 14.97 -14.84 -22.36
N TYR A 371 14.22 -13.80 -22.01
CA TYR A 371 14.81 -12.68 -21.28
C TYR A 371 15.34 -13.13 -19.93
N GLU A 372 14.59 -13.97 -19.22
CA GLU A 372 15.06 -14.47 -17.92
C GLU A 372 16.35 -15.26 -18.09
N GLU A 373 16.43 -16.09 -19.13
CA GLU A 373 17.69 -16.78 -19.42
C GLU A 373 18.80 -15.78 -19.72
N TYR A 374 18.49 -14.75 -20.53
CA TYR A 374 19.49 -13.73 -20.84
C TYR A 374 19.92 -12.99 -19.58
N LYS A 375 18.95 -12.64 -18.72
CA LYS A 375 19.29 -11.93 -17.50
C LYS A 375 20.25 -12.74 -16.64
N VAL A 376 20.08 -14.06 -16.63
CA VAL A 376 20.99 -14.92 -15.87
C VAL A 376 22.40 -14.85 -16.45
N ARG A 377 22.52 -14.89 -17.78
CA ARG A 377 23.84 -14.85 -18.40
C ARG A 377 24.57 -13.54 -18.06
N VAL A 378 23.85 -12.42 -18.10
CA VAL A 378 24.47 -11.15 -17.73
C VAL A 378 24.92 -11.18 -16.28
N ASN A 379 24.07 -11.70 -15.39
CA ASN A 379 24.45 -11.81 -13.99
C ASN A 379 25.66 -12.70 -13.82
N ALA A 380 25.71 -13.83 -14.55
CA ALA A 380 26.90 -14.68 -14.51
C ALA A 380 28.11 -13.93 -15.04
N LEU A 381 27.94 -13.18 -16.13
CA LEU A 381 29.04 -12.40 -16.66
C LEU A 381 29.49 -11.33 -15.67
N VAL A 382 28.54 -10.67 -15.01
CA VAL A 382 28.90 -9.64 -14.04
C VAL A 382 29.61 -10.26 -12.84
N ALA A 383 29.05 -11.33 -12.28
CA ALA A 383 29.66 -11.98 -11.13
C ALA A 383 30.99 -12.63 -11.48
N LYS A 384 31.18 -13.04 -12.74
CA LYS A 384 32.45 -13.64 -13.15
C LYS A 384 33.59 -12.65 -13.01
N ALA A 385 33.37 -11.39 -13.40
CA ALA A 385 34.42 -10.39 -13.45
C ALA A 385 34.68 -9.74 -12.10
N GLN A 386 34.12 -10.25 -11.01
CA GLN A 386 34.41 -9.70 -9.69
C GLN A 386 35.89 -9.82 -9.36
N LYS A 387 36.49 -10.97 -9.68
CA LYS A 387 37.92 -11.18 -9.47
C LYS A 387 38.67 -10.92 -10.76
N THR A 388 39.79 -10.20 -10.66
CA THR A 388 40.60 -9.95 -11.84
C THR A 388 41.77 -10.91 -11.88
N PRO A 389 41.97 -11.66 -12.98
CA PRO A 389 43.11 -12.57 -13.05
C PRO A 389 44.42 -11.82 -12.90
N ASP A 390 45.38 -12.45 -12.23
CA ASP A 390 46.65 -11.79 -11.94
C ASP A 390 47.36 -11.36 -13.22
N GLU A 391 47.34 -12.20 -14.26
CA GLU A 391 47.96 -11.84 -15.52
C GLU A 391 47.22 -10.69 -16.19
N GLY A 392 45.90 -10.75 -16.21
CA GLY A 392 45.08 -9.74 -16.86
C GLY A 392 44.01 -10.41 -17.71
N TRP A 393 43.00 -9.63 -18.08
CA TRP A 393 41.90 -10.16 -18.86
C TRP A 393 42.38 -10.60 -20.25
N THR A 394 41.85 -11.72 -20.72
CA THR A 394 42.19 -12.28 -22.02
C THR A 394 40.91 -12.56 -22.80
N MET A 395 40.89 -12.12 -24.05
CA MET A 395 39.73 -12.31 -24.90
C MET A 395 39.54 -13.79 -25.23
N GLN A 396 38.31 -14.14 -25.64
CA GLN A 396 38.00 -15.52 -25.96
C GLN A 396 38.84 -16.03 -27.11
N ASP A 397 39.15 -15.16 -28.08
CA ASP A 397 39.98 -15.58 -29.21
C ASP A 397 41.34 -16.08 -28.76
N GLY A 398 41.82 -15.60 -27.62
CA GLY A 398 43.11 -16.02 -27.10
C GLY A 398 44.14 -14.91 -27.11
N THR A 399 43.69 -13.66 -26.99
CA THR A 399 44.56 -12.51 -26.96
C THR A 399 44.20 -11.63 -25.78
N PRO A 400 45.16 -10.92 -25.20
CA PRO A 400 44.85 -10.06 -24.06
C PRO A 400 43.90 -8.94 -24.45
N TRP A 401 43.02 -8.59 -23.51
CA TRP A 401 42.14 -7.46 -23.72
C TRP A 401 42.99 -6.19 -23.86
N PRO A 402 42.80 -5.39 -24.93
CA PRO A 402 43.74 -4.29 -25.16
C PRO A 402 43.88 -3.35 -23.97
N GLY A 403 42.80 -3.08 -23.25
CA GLY A 403 42.88 -2.24 -22.08
C GLY A 403 42.91 -3.03 -20.78
N ASN A 404 44.11 -3.23 -20.24
CA ASN A 404 44.29 -3.89 -18.96
C ASN A 404 44.46 -2.90 -17.82
N ASN A 405 44.72 -1.63 -18.11
CA ASN A 405 44.83 -0.59 -17.11
C ASN A 405 43.72 0.43 -17.33
N THR A 406 42.97 0.73 -16.27
CA THR A 406 41.85 1.67 -16.40
C THR A 406 42.33 3.05 -16.85
N ARG A 407 43.56 3.41 -16.50
CA ARG A 407 44.13 4.70 -16.88
C ARG A 407 44.96 4.64 -18.15
N ASP A 408 45.08 3.47 -18.77
CA ASP A 408 45.89 3.32 -19.98
C ASP A 408 45.31 2.19 -20.82
N HIS A 409 44.72 2.54 -21.97
CA HIS A 409 44.20 1.54 -22.90
C HIS A 409 44.07 2.14 -24.29
N PRO A 410 44.67 1.53 -25.31
CA PRO A 410 44.53 2.09 -26.67
C PRO A 410 43.09 2.15 -27.11
N GLY A 411 42.78 3.16 -27.92
CA GLY A 411 41.42 3.32 -28.40
C GLY A 411 40.96 2.08 -29.16
N MET A 412 39.74 1.65 -28.85
CA MET A 412 39.16 0.46 -29.45
C MET A 412 37.83 0.81 -30.10
N ILE A 413 37.62 0.27 -31.30
CA ILE A 413 36.37 0.43 -32.04
C ILE A 413 35.97 -0.91 -32.61
N GLN A 414 34.69 -1.25 -32.47
CA GLN A 414 34.17 -2.50 -33.02
C GLN A 414 32.71 -2.30 -33.39
N VAL A 415 32.24 -3.13 -34.32
CA VAL A 415 30.88 -3.04 -34.85
C VAL A 415 30.14 -4.33 -34.53
N PHE A 416 28.95 -4.20 -33.97
CA PHE A 416 28.12 -5.34 -33.62
C PHE A 416 26.72 -5.15 -34.18
N LEU A 417 26.10 -6.26 -34.58
CA LEU A 417 24.71 -6.25 -35.04
C LEU A 417 24.51 -5.25 -36.18
N GLY A 418 25.50 -5.17 -37.07
CA GLY A 418 25.47 -4.21 -38.15
C GLY A 418 24.73 -4.73 -39.38
N ASN A 419 24.80 -3.90 -40.44
CA ASN A 419 24.20 -4.31 -41.72
C ASN A 419 24.87 -5.57 -42.26
N THR A 420 26.20 -5.63 -42.19
CA THR A 420 26.96 -6.81 -42.63
C THR A 420 27.39 -7.56 -41.37
N GLY A 421 26.50 -8.43 -40.89
CA GLY A 421 26.78 -9.20 -39.70
C GLY A 421 25.58 -9.98 -39.21
N ALA A 422 25.31 -9.94 -37.92
CA ALA A 422 24.17 -10.65 -37.37
C ALA A 422 22.87 -10.08 -37.93
N ARG A 423 21.96 -10.99 -38.31
CA ARG A 423 20.65 -10.60 -38.80
C ARG A 423 19.58 -11.11 -37.84
N ASP A 424 18.35 -10.68 -38.09
CA ASP A 424 17.23 -11.08 -37.25
C ASP A 424 16.85 -12.53 -37.53
N ILE A 425 16.06 -13.10 -36.61
CA ILE A 425 15.62 -14.49 -36.78
C ILE A 425 14.80 -14.64 -38.05
N GLU A 426 13.89 -13.70 -38.29
CA GLU A 426 13.09 -13.74 -39.52
C GLU A 426 13.98 -13.63 -40.75
N GLY A 427 14.98 -12.76 -40.70
CA GLY A 427 15.88 -12.55 -41.81
C GLY A 427 16.12 -11.09 -42.12
N ASN A 428 15.57 -10.20 -41.29
CA ASN A 428 15.71 -8.77 -41.47
C ASN A 428 17.00 -8.28 -40.82
N GLU A 429 17.31 -7.00 -41.03
CA GLU A 429 18.47 -6.35 -40.44
C GLU A 429 18.04 -5.55 -39.21
N LEU A 430 19.02 -5.18 -38.41
CA LEU A 430 18.79 -4.46 -37.17
C LEU A 430 19.74 -3.27 -37.12
N PRO A 431 19.43 -2.26 -36.31
CA PRO A 431 20.32 -1.09 -36.23
C PRO A 431 21.72 -1.51 -35.82
N ARG A 432 22.71 -0.88 -36.44
CA ARG A 432 24.10 -1.20 -36.16
C ARG A 432 24.53 -0.61 -34.81
N LEU A 433 25.26 -1.42 -34.05
CA LEU A 433 25.77 -1.03 -32.75
C LEU A 433 27.28 -0.92 -32.82
N VAL A 434 27.80 0.23 -32.41
CA VAL A 434 29.24 0.51 -32.46
C VAL A 434 29.73 0.70 -31.03
N TYR A 435 30.75 -0.06 -30.65
CA TYR A 435 31.38 0.04 -29.34
C TYR A 435 32.72 0.73 -29.52
N VAL A 436 32.84 1.93 -28.97
CA VAL A 436 34.04 2.75 -29.11
C VAL A 436 34.53 3.15 -27.73
N SER A 437 35.83 2.95 -27.50
CA SER A 437 36.49 3.35 -26.26
C SER A 437 37.64 4.30 -26.59
N ARG A 438 37.71 5.40 -25.85
CA ARG A 438 38.72 6.41 -26.10
C ARG A 438 40.10 5.90 -25.71
N GLU A 439 41.13 6.61 -26.16
CA GLU A 439 42.51 6.31 -25.84
C GLU A 439 42.95 7.16 -24.66
N LYS A 440 43.44 6.52 -23.61
CA LYS A 440 43.95 7.21 -22.43
C LYS A 440 45.41 6.83 -22.20
N ARG A 441 46.24 7.82 -21.92
CA ARG A 441 47.64 7.62 -21.61
C ARG A 441 48.01 8.50 -20.43
N PRO A 442 48.99 8.10 -19.63
CA PRO A 442 49.38 8.91 -18.48
C PRO A 442 49.96 10.25 -18.90
N GLY A 443 49.77 11.25 -18.04
CA GLY A 443 50.26 12.58 -18.30
C GLY A 443 49.32 13.47 -19.09
N TYR A 444 48.10 13.03 -19.36
CA TYR A 444 47.11 13.82 -20.10
C TYR A 444 45.82 13.91 -19.30
N GLN A 445 45.13 15.02 -19.47
CA GLN A 445 43.86 15.27 -18.80
C GLN A 445 42.71 14.92 -19.73
N HIS A 446 41.85 14.00 -19.28
CA HIS A 446 40.70 13.57 -20.06
C HIS A 446 39.44 13.98 -19.32
N HIS A 447 38.57 14.71 -20.01
CA HIS A 447 37.34 15.18 -19.40
C HIS A 447 36.35 14.02 -19.24
N LYS A 448 35.45 14.18 -18.27
CA LYS A 448 34.61 13.07 -17.85
C LYS A 448 33.58 12.70 -18.90
N LYS A 449 32.69 13.63 -19.24
CA LYS A 449 31.60 13.38 -20.18
C LYS A 449 31.74 14.16 -21.48
N ALA A 450 32.22 15.39 -21.42
CA ALA A 450 32.38 16.18 -22.63
C ALA A 450 33.37 15.53 -23.60
N GLY A 451 34.48 15.01 -23.07
CA GLY A 451 35.44 14.35 -23.92
C GLY A 451 34.86 13.12 -24.61
N ALA A 452 34.11 12.31 -23.87
CA ALA A 452 33.49 11.13 -24.46
C ALA A 452 32.49 11.53 -25.53
N GLU A 453 31.65 12.53 -25.26
CA GLU A 453 30.68 12.97 -26.26
C GLU A 453 31.37 13.51 -27.50
N ASN A 454 32.43 14.31 -27.31
CA ASN A 454 33.16 14.83 -28.46
C ASN A 454 33.78 13.70 -29.27
N ALA A 455 34.35 12.70 -28.59
CA ALA A 455 34.91 11.56 -29.30
C ALA A 455 33.82 10.80 -30.07
N LEU A 456 32.65 10.63 -29.46
CA LEU A 456 31.55 9.97 -30.15
C LEU A 456 31.13 10.76 -31.39
N VAL A 457 31.07 12.08 -31.29
CA VAL A 457 30.67 12.89 -32.43
C VAL A 457 31.67 12.72 -33.57
N ARG A 458 32.96 12.76 -33.27
CA ARG A 458 33.97 12.58 -34.32
C ARG A 458 33.88 11.19 -34.93
N VAL A 459 33.72 10.17 -34.09
CA VAL A 459 33.62 8.81 -34.60
C VAL A 459 32.35 8.65 -35.44
N SER A 460 31.23 9.17 -34.95
CA SER A 460 29.98 9.05 -35.69
C SER A 460 30.07 9.72 -37.05
N ALA A 461 30.72 10.88 -37.13
CA ALA A 461 30.83 11.56 -38.41
C ALA A 461 31.58 10.71 -39.43
N VAL A 462 32.70 10.11 -39.01
CA VAL A 462 33.49 9.31 -39.95
C VAL A 462 32.77 8.01 -40.29
N LEU A 463 32.24 7.31 -39.29
CA LEU A 463 31.62 6.02 -39.52
C LEU A 463 30.30 6.17 -40.28
N THR A 464 29.34 6.89 -39.68
CA THR A 464 28.03 7.09 -40.28
C THR A 464 27.62 8.53 -40.02
N ASN A 465 27.99 9.44 -40.92
CA ASN A 465 27.61 10.83 -40.76
C ASN A 465 26.10 10.96 -40.84
N ALA A 466 25.51 11.52 -39.80
CA ALA A 466 24.07 11.68 -39.70
C ALA A 466 23.75 13.14 -39.46
N PRO A 467 22.63 13.64 -40.00
CA PRO A 467 22.26 15.04 -39.79
C PRO A 467 21.78 15.36 -38.39
N TYR A 468 21.54 14.35 -37.56
CA TYR A 468 21.05 14.57 -36.20
C TYR A 468 21.73 13.60 -35.26
N ILE A 469 21.94 14.06 -34.02
CA ILE A 469 22.62 13.29 -32.98
C ILE A 469 21.74 13.31 -31.74
N LEU A 470 21.50 12.13 -31.17
CA LEU A 470 20.70 11.98 -29.96
C LEU A 470 21.59 11.46 -28.85
N ASN A 471 21.60 12.17 -27.72
CA ASN A 471 22.45 11.83 -26.59
C ASN A 471 21.58 11.31 -25.45
N LEU A 472 22.01 10.19 -24.86
CA LEU A 472 21.28 9.57 -23.77
C LEU A 472 22.27 9.06 -22.73
N ASP A 473 21.79 8.93 -21.50
CA ASP A 473 22.55 8.34 -20.42
C ASP A 473 22.20 6.86 -20.27
N CYS A 474 23.07 6.14 -19.56
CA CYS A 474 22.85 4.70 -19.37
C CYS A 474 21.56 4.45 -18.60
N ASP A 475 21.31 5.22 -17.55
CA ASP A 475 20.11 5.01 -16.74
C ASP A 475 18.85 5.25 -17.56
N HIS A 476 18.84 6.30 -18.37
CA HIS A 476 17.65 6.64 -19.13
C HIS A 476 17.44 5.66 -20.29
N TYR A 477 16.18 5.38 -20.59
CA TYR A 477 15.81 4.49 -21.67
C TYR A 477 14.61 5.08 -22.40
N VAL A 478 14.41 4.64 -23.64
CA VAL A 478 13.32 5.10 -24.47
C VAL A 478 12.03 4.41 -24.02
N ASN A 479 10.99 5.20 -23.76
CA ASN A 479 9.70 4.67 -23.36
C ASN A 479 8.66 4.72 -24.48
N ASN A 480 8.81 5.62 -25.45
CA ASN A 480 7.91 5.72 -26.59
C ASN A 480 8.66 5.34 -27.85
N SER A 481 8.12 4.37 -28.59
CA SER A 481 8.73 3.93 -29.83
C SER A 481 8.69 4.99 -30.92
N LYS A 482 7.79 5.96 -30.82
CA LYS A 482 7.62 7.00 -31.82
C LYS A 482 8.42 8.26 -31.49
N ALA A 483 9.30 8.20 -30.48
CA ALA A 483 10.02 9.38 -30.06
C ALA A 483 10.89 9.93 -31.19
N VAL A 484 11.57 9.03 -31.93
CA VAL A 484 12.41 9.49 -33.04
C VAL A 484 11.55 10.19 -34.09
N ARG A 485 10.41 9.60 -34.45
CA ARG A 485 9.51 10.25 -35.39
C ARG A 485 8.99 11.57 -34.84
N GLU A 486 8.60 11.58 -33.56
CA GLU A 486 8.13 12.81 -32.95
C GLU A 486 9.23 13.86 -32.92
N ALA A 487 10.45 13.47 -32.58
CA ALA A 487 11.57 14.41 -32.60
C ALA A 487 11.86 14.87 -34.02
N MET A 488 11.79 13.97 -35.00
CA MET A 488 12.15 14.30 -36.37
C MET A 488 11.10 15.15 -37.06
N CYS A 489 9.84 15.09 -36.64
CA CYS A 489 8.78 15.86 -37.29
C CYS A 489 8.96 17.36 -37.09
N ILE A 490 9.75 17.78 -36.12
CA ILE A 490 10.01 19.21 -35.88
C ILE A 490 11.31 19.58 -36.56
N LEU A 491 12.32 18.73 -36.44
CA LEU A 491 13.63 19.00 -37.04
C LEU A 491 13.62 18.91 -38.55
N MET A 492 12.80 18.02 -39.13
CA MET A 492 12.77 17.82 -40.57
C MET A 492 11.68 18.64 -41.26
N ASP A 493 10.95 19.46 -40.51
CA ASP A 493 9.95 20.32 -41.10
C ASP A 493 10.64 21.42 -41.91
N PRO A 494 10.32 21.59 -43.20
CA PRO A 494 11.06 22.58 -43.99
C PRO A 494 11.00 23.99 -43.43
N GLN A 495 9.87 24.39 -42.83
CA GLN A 495 9.70 25.78 -42.40
C GLN A 495 10.24 26.03 -41.01
N VAL A 496 9.71 25.33 -40.00
CA VAL A 496 10.10 25.60 -38.62
C VAL A 496 11.40 24.90 -38.24
N GLY A 497 11.80 23.87 -38.98
CA GLY A 497 13.02 23.14 -38.71
C GLY A 497 14.27 23.74 -39.30
N ARG A 498 14.16 24.90 -39.97
CA ARG A 498 15.33 25.50 -40.60
C ARG A 498 16.39 25.85 -39.56
N ASP A 499 15.97 26.41 -38.42
CA ASP A 499 16.89 26.86 -37.36
C ASP A 499 16.51 26.13 -36.07
N VAL A 500 17.09 24.96 -35.86
CA VAL A 500 16.88 24.19 -34.63
C VAL A 500 18.16 23.43 -34.30
N CYS A 501 18.84 23.83 -33.23
CA CYS A 501 20.05 23.13 -32.81
C CYS A 501 19.74 21.77 -32.19
N TYR A 502 18.72 21.71 -31.34
CA TYR A 502 18.34 20.44 -30.73
C TYR A 502 16.90 20.53 -30.24
N VAL A 503 16.31 19.36 -29.98
CA VAL A 503 14.95 19.24 -29.48
C VAL A 503 15.03 18.61 -28.10
N GLN A 504 14.66 19.37 -27.08
CA GLN A 504 14.74 18.92 -25.69
C GLN A 504 13.52 18.11 -25.33
N PHE A 505 13.75 16.98 -24.65
CA PHE A 505 12.68 16.16 -24.11
C PHE A 505 12.75 16.15 -22.59
N PRO A 506 11.63 16.35 -21.89
CA PRO A 506 11.67 16.30 -20.42
C PRO A 506 12.10 14.93 -19.94
N GLN A 507 12.88 14.93 -18.86
CA GLN A 507 13.33 13.70 -18.23
C GLN A 507 12.36 13.33 -17.13
N ARG A 508 11.69 12.19 -17.29
CA ARG A 508 10.70 11.72 -16.34
C ARG A 508 11.23 10.46 -15.66
N PHE A 509 11.16 10.45 -14.34
CA PHE A 509 11.75 9.39 -13.54
C PHE A 509 10.66 8.45 -13.04
N ASP A 510 10.95 7.16 -13.13
CA ASP A 510 10.06 6.10 -12.67
C ASP A 510 10.57 5.54 -11.35
N GLY A 511 9.88 4.51 -10.85
CA GLY A 511 10.25 3.93 -9.57
C GLY A 511 10.23 4.92 -8.44
N ILE A 512 9.27 5.83 -8.44
CA ILE A 512 9.19 6.92 -7.46
C ILE A 512 7.84 6.84 -6.76
N ASP A 513 7.86 6.99 -5.44
CA ASP A 513 6.64 6.88 -4.66
C ASP A 513 5.66 7.98 -5.03
N ARG A 514 4.38 7.72 -4.78
CA ARG A 514 3.34 8.71 -5.07
C ARG A 514 3.67 10.05 -4.43
N SER A 515 4.19 10.03 -3.21
CA SER A 515 4.62 11.23 -2.51
C SER A 515 6.12 11.38 -2.67
N ASP A 516 6.53 12.12 -3.70
CA ASP A 516 7.95 12.34 -3.97
C ASP A 516 8.49 13.28 -2.90
N ARG A 517 9.07 12.70 -1.85
CA ARG A 517 9.56 13.51 -0.75
C ARG A 517 10.65 14.46 -1.19
N TYR A 518 11.67 13.96 -1.87
CA TYR A 518 12.84 14.74 -2.24
C TYR A 518 12.64 15.53 -3.53
N ALA A 519 11.41 15.63 -4.03
CA ALA A 519 11.12 16.40 -5.23
C ALA A 519 12.03 15.97 -6.38
N ASN A 520 12.30 14.66 -6.45
CA ASN A 520 13.21 14.14 -7.47
C ASN A 520 12.66 14.34 -8.88
N ARG A 521 11.35 14.16 -9.06
CA ARG A 521 10.77 14.30 -10.40
C ARG A 521 11.00 15.69 -10.95
N ASN A 522 10.98 16.70 -10.08
CA ASN A 522 11.26 18.09 -10.46
C ASN A 522 10.43 18.51 -11.66
N ILE A 523 9.12 18.31 -11.54
CA ILE A 523 8.19 18.67 -12.61
C ILE A 523 8.04 20.19 -12.73
N VAL A 524 8.26 20.93 -11.64
CA VAL A 524 8.09 22.38 -11.69
C VAL A 524 9.00 22.99 -12.75
N PHE A 525 10.27 22.59 -12.76
CA PHE A 525 11.20 23.14 -13.74
C PHE A 525 10.81 22.74 -15.16
N PHE A 526 10.45 21.47 -15.36
CA PHE A 526 10.17 20.99 -16.71
C PHE A 526 8.77 21.40 -17.16
N ASP A 527 7.80 21.42 -16.25
CA ASP A 527 6.43 21.76 -16.62
C ASP A 527 6.11 23.24 -16.48
N VAL A 528 7.04 24.04 -15.96
CA VAL A 528 6.80 25.48 -15.82
C VAL A 528 7.93 26.24 -16.52
N ASN A 529 9.15 26.09 -16.02
CA ASN A 529 10.28 26.87 -16.53
C ASN A 529 10.58 26.50 -17.97
N MET A 530 10.72 25.20 -18.26
CA MET A 530 11.06 24.78 -19.62
C MET A 530 9.97 25.17 -20.61
N LYS A 531 8.71 24.96 -20.24
CA LYS A 531 7.61 25.38 -21.12
C LYS A 531 7.59 26.89 -21.26
N GLY A 532 7.74 27.62 -20.15
CA GLY A 532 7.78 29.07 -20.23
C GLY A 532 9.00 29.58 -20.99
N LEU A 533 10.17 28.99 -20.73
CA LEU A 533 11.38 29.39 -21.42
C LEU A 533 11.36 28.98 -22.90
N ASP A 534 10.49 28.05 -23.28
CA ASP A 534 10.41 27.62 -24.67
C ASP A 534 9.84 28.71 -25.57
N GLY A 535 9.24 29.76 -24.99
CA GLY A 535 8.59 30.77 -25.81
C GLY A 535 9.54 31.74 -26.47
N ILE A 536 10.70 31.98 -25.86
CA ILE A 536 11.62 32.99 -26.38
C ILE A 536 12.45 32.41 -27.50
N GLN A 537 13.32 31.46 -27.17
CA GLN A 537 14.05 30.67 -28.16
C GLN A 537 13.82 29.17 -27.99
N GLY A 538 13.96 28.67 -26.76
CA GLY A 538 13.77 27.26 -26.49
C GLY A 538 14.34 26.87 -25.15
N PRO A 539 14.19 25.59 -24.79
CA PRO A 539 14.69 25.12 -23.49
C PRO A 539 16.20 25.15 -23.39
N MET A 540 16.73 24.71 -22.26
CA MET A 540 18.16 24.62 -22.03
C MET A 540 18.59 23.16 -21.96
N TYR A 541 19.78 22.89 -22.50
CA TYR A 541 20.30 21.54 -22.52
C TYR A 541 20.45 21.03 -21.09
N VAL A 542 19.84 19.87 -20.81
CA VAL A 542 19.89 19.26 -19.49
C VAL A 542 20.96 18.18 -19.42
N GLY A 543 21.14 17.43 -20.50
CA GLY A 543 22.16 16.39 -20.52
C GLY A 543 21.72 15.13 -21.26
N THR A 544 20.41 14.91 -21.36
CA THR A 544 19.87 13.71 -21.98
C THR A 544 18.62 14.05 -22.79
N GLY A 545 18.30 13.18 -23.72
CA GLY A 545 17.08 13.31 -24.51
C GLY A 545 17.06 14.54 -25.39
N CYS A 546 18.16 14.81 -26.09
CA CYS A 546 18.23 15.93 -27.01
C CYS A 546 18.74 15.45 -28.35
N VAL A 547 18.01 15.80 -29.41
CA VAL A 547 18.36 15.42 -30.77
C VAL A 547 19.14 16.58 -31.38
N PHE A 548 20.45 16.59 -31.19
CA PHE A 548 21.32 17.66 -31.65
C PHE A 548 21.52 17.58 -33.15
N ASN A 549 21.37 18.72 -33.83
CA ASN A 549 21.76 18.81 -35.23
C ASN A 549 23.28 18.70 -35.33
N ARG A 550 23.75 17.87 -36.26
CA ARG A 550 25.19 17.65 -36.38
C ARG A 550 25.92 18.95 -36.73
N GLN A 551 25.34 19.74 -37.63
CA GLN A 551 25.96 21.02 -37.98
C GLN A 551 26.01 21.96 -36.78
N ALA A 552 24.98 21.95 -35.93
CA ALA A 552 24.98 22.81 -34.76
C ALA A 552 26.14 22.47 -33.82
N LEU A 553 26.40 21.18 -33.62
CA LEU A 553 27.49 20.79 -32.73
C LEU A 553 28.83 21.27 -33.26
N TYR A 554 29.03 21.18 -34.59
CA TYR A 554 30.27 21.67 -35.18
C TYR A 554 30.46 23.16 -34.97
N GLY A 555 29.39 23.90 -34.70
CA GLY A 555 29.49 25.32 -34.45
C GLY A 555 29.60 26.13 -35.73
N TYR A 556 28.63 25.98 -36.64
CA TYR A 556 28.59 26.73 -37.88
C TYR A 556 27.70 27.96 -37.79
N GLY A 557 26.48 27.79 -37.30
CA GLY A 557 25.53 28.88 -37.21
C GLY A 557 24.25 28.57 -37.97
N PRO A 558 23.13 29.16 -37.56
CA PRO A 558 21.87 28.85 -38.21
C PRO A 558 21.90 29.22 -39.68
N PRO A 559 21.27 28.44 -40.54
CA PRO A 559 21.22 28.80 -41.97
C PRO A 559 20.36 30.03 -42.19
N SER A 560 20.29 30.46 -43.45
CA SER A 560 19.57 31.65 -43.86
C SER A 560 20.09 32.91 -43.16
N MET A 561 21.38 32.95 -42.85
CA MET A 561 21.99 34.09 -42.17
C MET A 561 23.23 34.55 -42.92
N PRO A 562 23.59 35.83 -42.80
CA PRO A 562 24.75 36.34 -43.54
C PRO A 562 26.06 35.74 -43.06
N ARG A 563 26.30 35.77 -41.75
CA ARG A 563 27.53 35.26 -41.16
C ARG A 563 27.21 34.46 -39.91
N LEU A 564 28.14 33.56 -39.56
CA LEU A 564 27.99 32.73 -38.37
C LEU A 564 27.88 33.60 -37.11
N SER A 623 39.39 27.18 -46.10
CA SER A 623 40.68 26.60 -46.49
C SER A 623 40.97 25.36 -45.66
N GLN A 624 41.87 24.51 -46.17
CA GLN A 624 42.21 23.29 -45.45
C GLN A 624 42.83 23.61 -44.09
N LEU A 625 43.68 24.63 -44.04
CA LEU A 625 44.28 25.01 -42.76
C LEU A 625 43.23 25.45 -41.77
N SER A 626 42.26 26.26 -42.21
CA SER A 626 41.18 26.68 -41.32
C SER A 626 40.36 25.48 -40.86
N PHE A 627 39.98 24.61 -41.80
CA PHE A 627 39.32 23.36 -41.42
C PHE A 627 40.23 22.48 -40.59
N GLU A 628 41.52 22.42 -40.96
CA GLU A 628 42.48 21.64 -40.18
C GLU A 628 42.57 22.18 -38.76
N LYS A 629 42.76 23.50 -38.63
CA LYS A 629 42.84 24.13 -37.32
C LYS A 629 41.52 24.22 -36.56
N THR A 630 40.39 24.04 -37.25
CA THR A 630 39.09 24.14 -36.63
C THR A 630 38.51 22.79 -36.23
N PHE A 631 38.83 21.73 -36.99
CA PHE A 631 38.28 20.40 -36.73
C PHE A 631 39.34 19.41 -36.29
N GLY A 632 40.41 19.24 -37.05
CA GLY A 632 41.43 18.28 -36.70
C GLY A 632 42.42 18.10 -37.85
N LEU A 633 43.17 17.00 -37.78
CA LEU A 633 44.16 16.68 -38.79
C LEU A 633 43.70 15.59 -39.75
N SER A 634 42.76 14.75 -39.37
CA SER A 634 42.32 13.67 -40.24
C SER A 634 41.61 14.25 -41.47
N PRO A 635 42.07 13.95 -42.69
CA PRO A 635 41.42 14.52 -43.88
C PRO A 635 40.02 13.98 -44.08
N VAL A 636 39.79 12.72 -43.71
CA VAL A 636 38.47 12.11 -43.90
C VAL A 636 37.43 12.86 -43.06
N PHE A 637 37.73 13.08 -41.78
CA PHE A 637 36.82 13.83 -40.93
C PHE A 637 36.67 15.26 -41.44
N ILE A 638 37.77 15.88 -41.87
CA ILE A 638 37.69 17.21 -42.45
C ILE A 638 36.80 17.19 -43.69
N GLU A 639 36.98 16.19 -44.55
CA GLU A 639 36.13 16.08 -45.73
C GLU A 639 34.74 15.57 -45.37
N SER A 640 34.61 14.85 -44.25
CA SER A 640 33.32 14.29 -43.87
C SER A 640 32.29 15.40 -43.62
N THR A 641 32.69 16.47 -42.94
CA THR A 641 31.75 17.53 -42.62
C THR A 641 31.26 18.27 -43.86
N LEU A 642 32.02 18.24 -44.96
CA LEU A 642 31.57 18.88 -46.19
C LEU A 642 30.33 18.22 -46.77
N MET A 643 30.03 17.00 -46.37
CA MET A 643 28.85 16.31 -46.88
C MET A 643 27.59 17.10 -46.54
N GLU A 644 26.76 17.35 -47.56
CA GLU A 644 25.55 18.13 -47.34
C GLU A 644 24.55 17.40 -46.46
N ASN A 645 24.43 16.08 -46.64
CA ASN A 645 23.46 15.28 -45.90
C ASN A 645 24.15 14.32 -44.93
N GLY A 646 25.07 13.50 -45.40
CA GLY A 646 25.80 12.57 -44.56
C GLY A 646 25.93 11.21 -45.21
N GLY A 647 27.10 10.61 -45.03
CA GLY A 647 27.40 9.28 -45.55
C GLY A 647 28.86 9.15 -45.92
N VAL A 648 29.21 7.93 -46.33
CA VAL A 648 30.59 7.67 -46.78
C VAL A 648 30.81 8.36 -48.11
N PRO A 649 31.80 9.25 -48.24
CA PRO A 649 31.92 10.04 -49.48
C PRO A 649 32.23 9.19 -50.71
N GLU A 650 33.31 8.39 -50.63
CA GLU A 650 33.76 7.59 -51.76
C GLU A 650 33.61 6.09 -51.51
N SER A 651 32.70 5.69 -50.62
CA SER A 651 32.45 4.28 -50.29
C SER A 651 33.70 3.41 -50.22
N ALA A 652 34.70 3.91 -49.50
CA ALA A 652 35.95 3.17 -49.32
C ALA A 652 35.74 1.86 -48.54
N ASN A 653 36.78 1.04 -48.51
CA ASN A 653 36.70 -0.22 -47.81
C ASN A 653 36.52 0.00 -46.30
N SER A 654 35.82 -0.92 -45.66
CA SER A 654 35.52 -0.79 -44.24
C SER A 654 36.80 -0.68 -43.42
N SER A 655 37.88 -1.34 -43.85
CA SER A 655 39.12 -1.30 -43.09
C SER A 655 39.66 0.12 -42.99
N THR A 656 39.63 0.87 -44.10
CA THR A 656 40.12 2.25 -44.07
C THR A 656 39.29 3.10 -43.13
N LEU A 657 37.96 2.98 -43.19
CA LEU A 657 37.10 3.76 -42.30
C LEU A 657 37.33 3.38 -40.85
N ILE A 658 37.45 2.08 -40.57
CA ILE A 658 37.76 1.65 -39.21
C ILE A 658 39.12 2.16 -38.78
N LYS A 659 40.11 2.07 -39.67
CA LYS A 659 41.44 2.60 -39.35
C LYS A 659 41.38 4.10 -39.11
N GLU A 660 40.64 4.83 -39.96
CA GLU A 660 40.47 6.26 -39.74
C GLU A 660 39.73 6.53 -38.44
N ALA A 661 38.68 5.78 -38.16
CA ALA A 661 37.93 5.97 -36.92
C ALA A 661 38.81 5.71 -35.69
N ILE A 662 39.66 4.67 -35.77
CA ILE A 662 40.60 4.44 -34.69
C ILE A 662 41.62 5.57 -34.60
N HIS A 663 42.00 6.13 -35.75
CA HIS A 663 42.96 7.22 -35.77
C HIS A 663 42.36 8.55 -35.33
N VAL A 664 41.05 8.73 -35.47
CA VAL A 664 40.42 10.01 -35.17
C VAL A 664 39.96 10.04 -33.72
N ILE A 665 40.42 9.07 -32.92
CA ILE A 665 40.13 9.05 -31.49
C ILE A 665 41.45 9.05 -30.73
N GLY A 666 42.48 9.65 -31.31
CA GLY A 666 43.77 9.71 -30.65
C GLY A 666 43.71 10.49 -29.35
N CYS A 667 44.59 10.11 -28.43
CA CYS A 667 44.62 10.78 -27.13
C CYS A 667 44.94 12.26 -27.28
N GLY A 668 45.90 12.60 -28.14
CA GLY A 668 46.27 13.98 -28.37
C GLY A 668 45.71 14.54 -29.65
N PHE A 669 44.61 13.95 -30.14
CA PHE A 669 44.02 14.43 -31.39
C PHE A 669 43.54 15.87 -31.27
N GLU A 670 42.92 16.21 -30.14
CA GLU A 670 42.37 17.55 -29.93
C GLU A 670 43.38 18.41 -29.17
N GLU A 671 44.49 18.68 -29.85
CA GLU A 671 45.56 19.52 -29.31
C GLU A 671 45.47 20.96 -29.83
N LYS A 672 45.53 21.14 -31.14
CA LYS A 672 45.41 22.45 -31.75
C LYS A 672 43.99 22.75 -32.22
N THR A 673 43.05 21.83 -31.99
CA THR A 673 41.68 22.01 -32.44
C THR A 673 40.90 22.90 -31.47
N GLU A 674 39.71 23.29 -31.90
CA GLU A 674 38.79 24.07 -31.08
C GLU A 674 37.78 23.21 -30.33
N TRP A 675 37.95 21.90 -30.36
CA TRP A 675 37.04 21.02 -29.62
C TRP A 675 37.07 21.39 -28.14
N GLY A 676 35.89 21.51 -27.56
CA GLY A 676 35.77 21.90 -26.16
C GLY A 676 35.75 23.40 -25.95
N LYS A 677 36.50 24.14 -26.76
CA LYS A 677 36.55 25.59 -26.61
C LYS A 677 35.35 26.25 -27.28
N GLU A 678 35.11 25.92 -28.55
CA GLU A 678 34.01 26.52 -29.29
C GLU A 678 33.26 25.54 -30.18
N ILE A 679 33.59 24.25 -30.15
CA ILE A 679 32.96 23.26 -31.02
C ILE A 679 32.55 22.07 -30.17
N GLY A 680 31.34 21.57 -30.40
CA GLY A 680 30.87 20.40 -29.69
C GLY A 680 30.63 20.69 -28.21
N TRP A 681 30.64 19.62 -27.43
CA TRP A 681 30.51 19.76 -25.98
C TRP A 681 31.66 20.59 -25.43
N ILE A 682 31.35 21.43 -24.45
CA ILE A 682 32.28 22.43 -23.96
C ILE A 682 32.90 21.94 -22.65
N TYR A 683 34.22 22.00 -22.57
CA TYR A 683 34.94 21.63 -21.36
C TYR A 683 34.83 22.73 -20.32
N GLY A 684 35.19 22.40 -19.08
CA GLY A 684 35.21 23.37 -18.00
C GLY A 684 34.36 22.96 -16.81
N SER A 685 33.26 23.67 -16.60
CA SER A 685 32.41 23.41 -15.44
C SER A 685 31.92 21.97 -15.43
N VAL A 686 31.53 21.51 -14.24
CA VAL A 686 31.02 20.15 -14.11
C VAL A 686 29.74 19.98 -14.90
N THR A 687 28.83 20.95 -14.80
CA THR A 687 27.56 20.93 -15.54
C THR A 687 27.78 21.50 -16.94
N GLU A 688 28.55 20.75 -17.74
CA GLU A 688 28.87 21.19 -19.09
C GLU A 688 27.63 21.28 -19.98
N ASP A 689 26.55 20.59 -19.63
CA ASP A 689 25.35 20.63 -20.46
C ASP A 689 24.80 22.04 -20.57
N ILE A 690 24.75 22.78 -19.46
CA ILE A 690 24.30 24.17 -19.50
C ILE A 690 25.24 24.99 -20.36
N LEU A 691 26.56 24.80 -20.18
CA LEU A 691 27.53 25.56 -20.96
C LEU A 691 27.44 25.23 -22.44
N SER A 692 27.30 23.95 -22.77
CA SER A 692 27.25 23.55 -24.18
C SER A 692 26.03 24.16 -24.88
N GLY A 693 24.88 24.15 -24.22
CA GLY A 693 23.69 24.74 -24.82
C GLY A 693 23.81 26.24 -24.96
N PHE A 694 24.46 26.90 -24.00
CA PHE A 694 24.55 28.35 -24.04
C PHE A 694 25.29 28.84 -25.28
N LYS A 695 26.44 28.22 -25.59
CA LYS A 695 27.22 28.67 -26.74
C LYS A 695 26.47 28.43 -28.04
N MET A 696 25.79 27.28 -28.16
CA MET A 696 25.04 27.00 -29.38
C MET A 696 23.93 28.03 -29.58
N HIS A 697 23.20 28.37 -28.51
CA HIS A 697 22.17 29.39 -28.61
C HIS A 697 22.75 30.78 -28.85
N CYS A 698 24.00 31.01 -28.45
CA CYS A 698 24.62 32.31 -28.62
C CYS A 698 24.87 32.67 -30.08
N ARG A 699 24.87 31.70 -30.99
CA ARG A 699 25.11 31.94 -32.40
C ARG A 699 23.83 32.06 -33.20
N GLY A 700 22.68 32.17 -32.53
CA GLY A 700 21.41 32.35 -33.21
C GLY A 700 20.59 31.09 -33.36
N TRP A 701 21.05 29.95 -32.87
CA TRP A 701 20.29 28.72 -32.96
C TRP A 701 19.07 28.76 -32.04
N ARG A 702 18.10 27.92 -32.35
CA ARG A 702 16.90 27.77 -31.54
C ARG A 702 16.78 26.31 -31.08
N SER A 703 16.10 26.12 -29.96
CA SER A 703 15.80 24.79 -29.45
C SER A 703 14.29 24.67 -29.28
N ILE A 704 13.82 23.42 -29.28
CA ILE A 704 12.39 23.14 -29.20
C ILE A 704 12.13 22.24 -28.00
N TYR A 705 10.92 22.33 -27.46
CA TYR A 705 10.48 21.53 -26.34
C TYR A 705 9.38 20.59 -26.78
N CYS A 706 9.57 19.30 -26.53
CA CYS A 706 8.60 18.27 -26.89
C CYS A 706 8.04 17.66 -25.62
N MET A 707 6.71 17.56 -25.56
CA MET A 707 6.01 16.91 -24.46
C MET A 707 5.01 15.92 -25.03
N PRO A 708 5.49 14.78 -25.52
CA PRO A 708 4.57 13.75 -25.99
C PRO A 708 3.71 13.23 -24.85
N VAL A 709 2.55 12.69 -25.22
CA VAL A 709 1.64 12.15 -24.21
C VAL A 709 2.35 11.12 -23.36
N ARG A 710 3.11 10.24 -24.00
CA ARG A 710 4.01 9.37 -23.26
C ARG A 710 5.30 10.13 -22.92
N PRO A 711 5.98 9.74 -21.84
CA PRO A 711 7.22 10.45 -21.49
C PRO A 711 8.25 10.45 -22.61
N ALA A 712 8.37 9.36 -23.36
CA ALA A 712 9.33 9.17 -24.45
C ALA A 712 10.77 9.03 -23.94
N PHE A 713 11.02 9.26 -22.66
CA PHE A 713 12.35 9.08 -22.08
C PHE A 713 12.19 8.94 -20.58
N LYS A 714 12.67 7.82 -20.03
CA LYS A 714 12.57 7.56 -18.61
C LYS A 714 13.88 6.96 -18.13
N GLY A 715 14.23 7.28 -16.89
CA GLY A 715 15.44 6.77 -16.29
C GLY A 715 15.29 6.52 -14.81
N SER A 716 16.41 6.57 -14.09
CA SER A 716 16.43 6.34 -12.65
C SER A 716 16.80 7.62 -11.92
N ALA A 717 16.13 7.86 -10.81
CA ALA A 717 16.36 9.01 -9.96
C ALA A 717 17.02 8.56 -8.67
N PRO A 718 17.73 9.46 -7.98
CA PRO A 718 18.34 9.08 -6.71
C PRO A 718 17.28 8.62 -5.71
N ILE A 719 17.63 7.59 -4.94
CA ILE A 719 16.76 7.05 -3.91
C ILE A 719 17.14 7.55 -2.54
N ASN A 720 18.43 7.51 -2.21
CA ASN A 720 18.93 8.03 -0.94
C ASN A 720 19.31 9.50 -1.08
N LEU A 721 19.23 10.22 0.04
CA LEU A 721 19.49 11.65 0.02
C LEU A 721 20.96 11.94 -0.31
N SER A 722 21.87 11.08 0.16
CA SER A 722 23.29 11.34 -0.06
C SER A 722 23.61 11.60 -1.52
N ASP A 723 22.98 10.85 -2.43
CA ASP A 723 23.18 11.09 -3.85
C ASP A 723 22.42 12.33 -4.32
N ARG A 724 21.22 12.56 -3.78
CA ARG A 724 20.43 13.71 -4.20
C ARG A 724 21.12 15.02 -3.81
N LEU A 725 21.59 15.11 -2.56
CA LEU A 725 22.30 16.31 -2.12
C LEU A 725 23.59 16.49 -2.91
N HIS A 726 24.33 15.40 -3.16
CA HIS A 726 25.50 15.48 -3.99
C HIS A 726 25.13 15.93 -5.40
N GLN A 727 24.01 15.43 -5.92
CA GLN A 727 23.54 15.87 -7.23
C GLN A 727 23.24 17.36 -7.24
N VAL A 728 22.55 17.86 -6.21
CA VAL A 728 22.27 19.29 -6.12
C VAL A 728 23.55 20.08 -5.97
N LEU A 729 24.46 19.61 -5.13
CA LEU A 729 25.74 20.30 -4.95
C LEU A 729 26.51 20.36 -6.25
N ARG A 730 26.57 19.26 -6.99
CA ARG A 730 27.33 19.21 -8.23
C ARG A 730 26.75 20.19 -9.25
N TRP A 731 25.41 20.28 -9.33
CA TRP A 731 24.80 21.27 -10.21
C TRP A 731 25.18 22.68 -9.79
N ALA A 732 25.12 22.97 -8.48
CA ALA A 732 25.45 24.31 -8.00
C ALA A 732 26.90 24.65 -8.27
N LEU A 733 27.81 23.71 -8.02
CA LEU A 733 29.23 23.97 -8.23
C LEU A 733 29.53 24.27 -9.69
N GLY A 734 28.92 23.52 -10.61
CA GLY A 734 29.13 23.78 -12.02
C GLY A 734 28.64 25.15 -12.44
N SER A 735 27.48 25.56 -11.95
CA SER A 735 26.96 26.89 -12.28
C SER A 735 27.87 27.98 -11.74
N VAL A 736 28.38 27.81 -10.52
CA VAL A 736 29.30 28.78 -9.95
C VAL A 736 30.56 28.88 -10.81
N GLU A 737 31.07 27.74 -11.25
CA GLU A 737 32.25 27.75 -12.13
C GLU A 737 31.97 28.52 -13.41
N ILE A 738 30.76 28.38 -13.94
CA ILE A 738 30.38 29.11 -15.16
C ILE A 738 30.39 30.60 -14.91
N PHE A 739 29.91 31.03 -13.74
CA PHE A 739 29.80 32.45 -13.45
C PHE A 739 31.16 33.14 -13.53
N PHE A 740 32.19 32.51 -12.98
CA PHE A 740 33.53 33.10 -12.93
C PHE A 740 34.38 32.74 -14.14
N SER A 741 33.86 31.97 -15.09
CA SER A 741 34.59 31.60 -16.28
C SER A 741 34.34 32.61 -17.40
N ARG A 742 35.11 32.48 -18.48
CA ARG A 742 34.92 33.39 -19.62
C ARG A 742 33.52 33.25 -20.21
N HIS A 743 32.92 32.06 -20.07
CA HIS A 743 31.59 31.83 -20.62
C HIS A 743 30.52 32.25 -19.62
N CYS A 744 30.56 33.51 -19.20
CA CYS A 744 29.60 34.06 -18.26
C CYS A 744 28.60 34.93 -18.99
N PRO A 745 27.29 34.67 -18.86
CA PRO A 745 26.31 35.47 -19.63
C PRO A 745 26.41 36.97 -19.37
N PHE A 746 26.98 37.39 -18.23
CA PHE A 746 27.08 38.81 -17.94
C PHE A 746 27.90 39.54 -19.00
N TRP A 747 29.05 38.97 -19.39
CA TRP A 747 29.96 39.63 -20.31
C TRP A 747 30.36 38.72 -21.46
N TYR A 748 29.59 37.66 -21.71
CA TYR A 748 29.84 36.73 -22.80
C TYR A 748 28.64 36.70 -23.73
N GLY A 749 28.93 36.65 -25.04
CA GLY A 749 27.90 36.58 -26.04
C GLY A 749 27.31 37.91 -26.46
N TYR A 750 27.70 39.01 -25.82
CA TYR A 750 27.18 40.31 -26.21
C TYR A 750 27.58 40.65 -27.64
N GLY A 751 28.84 40.39 -28.00
CA GLY A 751 29.30 40.63 -29.35
C GLY A 751 28.60 39.74 -30.36
N GLY A 752 28.05 40.36 -31.41
CA GLY A 752 27.34 39.63 -32.44
C GLY A 752 25.87 39.42 -32.16
N GLY A 753 25.42 39.66 -30.93
CA GLY A 753 24.01 39.50 -30.61
C GLY A 753 23.55 38.08 -30.88
N ARG A 754 22.42 37.96 -31.58
CA ARG A 754 21.80 36.70 -31.96
C ARG A 754 21.16 35.99 -30.77
N LEU A 755 21.25 36.56 -29.57
CA LEU A 755 20.65 36.00 -28.37
C LEU A 755 19.55 36.94 -27.89
N LYS A 756 18.34 36.42 -27.73
CA LYS A 756 17.23 37.25 -27.31
C LYS A 756 17.53 37.91 -25.97
N TRP A 757 17.24 39.21 -25.88
CA TRP A 757 17.48 39.93 -24.63
C TRP A 757 16.68 39.34 -23.47
N LEU A 758 15.48 38.81 -23.75
CA LEU A 758 14.65 38.20 -22.72
C LEU A 758 15.12 36.80 -22.34
N GLN A 759 15.93 36.15 -23.18
CA GLN A 759 16.49 34.85 -22.85
C GLN A 759 17.82 34.95 -22.11
N ARG A 760 18.64 35.96 -22.42
CA ARG A 760 19.85 36.18 -21.63
C ARG A 760 19.51 36.36 -20.17
N LEU A 761 18.32 36.89 -19.87
CA LEU A 761 17.85 36.95 -18.50
C LEU A 761 17.73 35.55 -17.90
N ALA A 762 17.19 34.61 -18.67
CA ALA A 762 17.10 33.23 -18.20
C ALA A 762 18.48 32.64 -17.97
N TYR A 763 19.41 32.87 -18.88
CA TYR A 763 20.78 32.43 -18.66
C TYR A 763 21.40 33.11 -17.45
N ILE A 764 21.15 34.41 -17.29
CA ILE A 764 21.60 35.10 -16.09
C ILE A 764 21.01 34.45 -14.85
N ASN A 765 19.70 34.15 -14.89
CA ASN A 765 19.07 33.47 -13.76
C ASN A 765 19.69 32.10 -13.53
N THR A 766 19.92 31.34 -14.60
CA THR A 766 20.46 29.99 -14.47
C THR A 766 21.90 29.98 -13.95
N ILE A 767 22.61 31.10 -14.06
CA ILE A 767 24.00 31.15 -13.63
C ILE A 767 24.17 31.84 -12.28
N VAL A 768 23.24 32.72 -11.91
CA VAL A 768 23.33 33.48 -10.66
C VAL A 768 22.40 32.94 -9.59
N TYR A 769 21.64 31.88 -9.88
CA TYR A 769 20.75 31.34 -8.86
C TYR A 769 21.50 30.89 -7.61
N PRO A 770 22.70 30.29 -7.69
CA PRO A 770 23.36 29.88 -6.44
C PRO A 770 23.63 31.03 -5.49
N PHE A 771 23.94 32.22 -6.02
CA PHE A 771 24.26 33.36 -5.17
C PHE A 771 23.06 33.82 -4.35
N THR A 772 21.84 33.48 -4.76
CA THR A 772 20.66 33.84 -3.97
C THR A 772 20.62 33.10 -2.65
N SER A 773 21.43 32.06 -2.48
CA SER A 773 21.42 31.30 -1.23
C SER A 773 22.00 32.11 -0.08
N LEU A 774 23.07 32.87 -0.34
CA LEU A 774 23.70 33.62 0.74
C LEU A 774 22.73 34.58 1.41
N PRO A 775 21.96 35.40 0.69
CA PRO A 775 20.89 36.14 1.37
C PRO A 775 19.85 35.23 1.99
N LEU A 776 19.59 34.06 1.38
CA LEU A 776 18.61 33.15 1.94
C LEU A 776 19.01 32.70 3.35
N ILE A 777 20.28 32.36 3.54
CA ILE A 777 20.73 32.01 4.88
C ILE A 777 20.67 33.23 5.80
N ALA A 778 20.98 34.41 5.26
CA ALA A 778 20.82 35.64 6.05
C ALA A 778 19.36 35.90 6.37
N TYR A 779 18.46 35.69 5.40
CA TYR A 779 17.04 35.86 5.66
C TYR A 779 16.53 34.82 6.64
N CYS A 780 17.11 33.62 6.60
CA CYS A 780 16.79 32.59 7.58
C CYS A 780 17.43 32.84 8.93
N THR A 781 18.44 33.71 9.00
CA THR A 781 19.09 34.03 10.25
C THR A 781 18.49 35.25 10.95
N ILE A 782 17.88 36.16 10.19
CA ILE A 782 17.31 37.37 10.81
C ILE A 782 16.25 37.01 11.85
N PRO A 783 15.35 36.05 11.63
CA PRO A 783 14.31 35.82 12.65
C PRO A 783 14.87 35.45 14.01
N ALA A 784 15.94 34.65 14.03
CA ALA A 784 16.53 34.25 15.31
C ALA A 784 17.28 35.40 15.95
N VAL A 785 18.08 36.13 15.17
CA VAL A 785 18.85 37.24 15.73
C VAL A 785 17.90 38.30 16.28
N CYS A 786 16.88 38.66 15.48
CA CYS A 786 15.91 39.65 15.95
C CYS A 786 15.11 39.12 17.13
N LEU A 787 14.54 37.93 17.00
CA LEU A 787 13.69 37.39 18.04
C LEU A 787 14.44 37.19 19.35
N LEU A 788 15.77 37.07 19.30
CA LEU A 788 16.54 36.79 20.51
C LEU A 788 16.74 38.06 21.35
N THR A 789 17.42 39.07 20.78
CA THR A 789 17.75 40.29 21.51
C THR A 789 16.99 41.50 20.98
N GLY A 790 17.09 41.78 19.68
CA GLY A 790 16.46 42.96 19.13
C GLY A 790 14.95 42.96 19.22
N LYS A 791 14.33 41.85 18.83
CA LYS A 791 12.88 41.68 18.81
C LYS A 791 12.18 42.78 18.02
N PHE A 792 12.87 43.40 17.07
CA PHE A 792 12.29 44.49 16.29
C PHE A 792 13.04 44.60 14.97
N ILE A 793 12.40 44.16 13.88
CA ILE A 793 12.97 44.26 12.55
C ILE A 793 12.44 45.47 11.79
N ILE A 794 11.13 45.69 11.81
CA ILE A 794 10.51 46.81 11.10
C ILE A 794 9.65 47.60 12.08
N PRO A 795 9.44 48.90 11.86
CA PRO A 795 8.53 49.65 12.73
C PRO A 795 7.11 49.12 12.64
N THR A 796 6.37 49.30 13.73
CA THR A 796 4.98 48.87 13.76
C THR A 796 4.21 49.56 12.64
N LEU A 797 3.32 48.80 12.00
CA LEU A 797 2.59 49.33 10.85
C LEU A 797 1.85 50.64 11.12
N SER A 798 2.02 51.59 10.21
CA SER A 798 1.44 52.93 10.36
C SER A 798 0.11 53.06 9.62
N ASN A 799 -0.67 51.97 9.54
CA ASN A 799 -1.96 51.98 8.88
C ASN A 799 -1.80 51.99 7.36
N LEU A 800 -0.56 52.05 6.88
CA LEU A 800 -0.26 51.98 5.46
C LEU A 800 0.44 50.70 5.05
N ALA A 801 1.25 50.12 5.92
CA ALA A 801 1.92 48.86 5.61
C ALA A 801 0.96 47.68 5.62
N SER A 802 -0.17 47.79 6.33
CA SER A 802 -1.11 46.68 6.38
C SER A 802 -1.60 46.30 4.99
N MET A 803 -1.98 47.30 4.19
CA MET A 803 -2.39 47.03 2.82
C MET A 803 -1.22 46.53 1.99
N LEU A 804 -0.03 47.11 2.18
CA LEU A 804 1.14 46.65 1.43
C LEU A 804 1.49 45.22 1.81
N PHE A 805 1.52 44.91 3.11
CA PHE A 805 1.77 43.54 3.54
C PHE A 805 0.66 42.62 3.06
N LEU A 806 -0.59 43.05 3.16
CA LEU A 806 -1.69 42.24 2.66
C LEU A 806 -1.56 42.01 1.16
N GLY A 807 -1.20 43.05 0.41
CA GLY A 807 -0.99 42.88 -1.02
C GLY A 807 0.15 41.94 -1.33
N LEU A 808 1.22 41.99 -0.54
CA LEU A 808 2.36 41.10 -0.76
C LEU A 808 1.97 39.65 -0.57
N PHE A 809 1.36 39.32 0.58
CA PHE A 809 1.04 37.93 0.87
C PHE A 809 0.04 37.37 -0.14
N ILE A 810 -1.00 38.14 -0.47
CA ILE A 810 -1.99 37.65 -1.43
C ILE A 810 -1.37 37.51 -2.82
N SER A 811 -0.42 38.40 -3.17
CA SER A 811 0.15 38.37 -4.50
C SER A 811 0.84 37.03 -4.79
N ILE A 812 1.59 36.52 -3.81
CA ILE A 812 2.28 35.24 -4.02
C ILE A 812 1.27 34.12 -4.22
N ILE A 813 0.15 34.16 -3.49
CA ILE A 813 -0.84 33.09 -3.61
C ILE A 813 -1.49 33.11 -5.00
N VAL A 814 -1.92 34.29 -5.45
CA VAL A 814 -2.66 34.36 -6.71
C VAL A 814 -1.80 33.94 -7.89
N THR A 815 -0.54 34.40 -7.92
CA THR A 815 0.33 34.07 -9.04
C THR A 815 0.57 32.56 -9.11
N ALA A 816 0.70 31.90 -7.95
CA ALA A 816 0.90 30.46 -7.94
C ALA A 816 -0.31 29.74 -8.52
N VAL A 817 -1.52 30.20 -8.17
CA VAL A 817 -2.73 29.54 -8.67
C VAL A 817 -2.80 29.65 -10.19
N LEU A 818 -2.60 30.85 -10.73
CA LEU A 818 -2.62 31.02 -12.17
C LEU A 818 -1.51 30.22 -12.84
N GLU A 819 -0.30 30.27 -12.27
CA GLU A 819 0.77 29.43 -12.77
C GLU A 819 0.38 27.96 -12.73
N LEU A 820 -0.25 27.54 -11.63
CA LEU A 820 -0.81 26.19 -11.55
C LEU A 820 -1.90 25.99 -12.59
N ARG A 821 -2.73 27.01 -12.80
CA ARG A 821 -3.91 26.86 -13.65
C ARG A 821 -3.51 26.51 -15.09
N TRP A 822 -2.53 27.21 -15.65
CA TRP A 822 -2.14 26.98 -17.04
C TRP A 822 -1.03 25.95 -17.18
N SER A 823 -0.10 25.90 -16.23
CA SER A 823 1.02 24.96 -16.35
C SER A 823 0.56 23.52 -16.22
N GLY A 824 -0.42 23.26 -15.35
CA GLY A 824 -0.88 21.91 -15.09
C GLY A 824 -0.20 21.22 -13.94
N VAL A 825 0.82 21.84 -13.33
CA VAL A 825 1.48 21.24 -12.17
C VAL A 825 0.52 21.25 -10.98
N SER A 826 0.82 20.40 -10.01
CA SER A 826 0.04 20.35 -8.77
C SER A 826 0.62 21.30 -7.74
N ILE A 827 -0.26 21.80 -6.87
CA ILE A 827 0.17 22.74 -5.83
C ILE A 827 1.17 22.08 -4.89
N GLU A 828 0.93 20.81 -4.55
CA GLU A 828 1.82 20.11 -3.64
C GLU A 828 3.26 20.16 -4.13
N ASP A 829 3.48 19.83 -5.41
CA ASP A 829 4.83 19.85 -5.96
C ASP A 829 5.42 21.25 -5.90
N LEU A 830 4.60 22.28 -6.16
CA LEU A 830 5.07 23.65 -6.01
C LEU A 830 5.52 23.91 -4.58
N TRP A 831 4.72 23.47 -3.60
CA TRP A 831 5.12 23.62 -2.21
C TRP A 831 6.38 22.82 -1.91
N ARG A 832 6.45 21.57 -2.41
CA ARG A 832 7.65 20.77 -2.20
C ARG A 832 8.85 21.40 -2.89
N ASN A 833 8.67 21.87 -4.13
CA ASN A 833 9.77 22.53 -4.83
C ASN A 833 10.17 23.81 -4.10
N GLU A 834 9.19 24.60 -3.70
CA GLU A 834 9.48 25.75 -2.85
C GLU A 834 10.09 25.30 -1.53
N GLN A 835 9.56 24.23 -0.96
CA GLN A 835 10.12 23.67 0.27
C GLN A 835 11.45 22.96 0.01
N PHE A 836 11.73 22.58 -1.24
CA PHE A 836 13.02 21.98 -1.57
C PHE A 836 14.06 23.04 -1.93
N TRP A 837 13.62 24.15 -2.53
CA TRP A 837 14.56 25.22 -2.85
C TRP A 837 15.19 25.80 -1.59
N VAL A 838 14.39 25.98 -0.54
CA VAL A 838 14.91 26.57 0.70
C VAL A 838 15.99 25.69 1.30
N ILE A 839 15.74 24.38 1.39
CA ILE A 839 16.76 23.48 1.94
C ILE A 839 17.96 23.39 1.01
N GLY A 840 17.72 23.38 -0.30
CA GLY A 840 18.83 23.35 -1.24
C GLY A 840 19.71 24.59 -1.12
N GLY A 841 19.10 25.76 -0.97
CA GLY A 841 19.87 26.99 -0.86
C GLY A 841 20.72 27.03 0.40
N VAL A 842 20.14 26.69 1.55
CA VAL A 842 20.84 26.85 2.82
C VAL A 842 22.05 25.94 2.88
N SER A 843 21.91 24.69 2.43
CA SER A 843 22.93 23.67 2.62
C SER A 843 23.88 23.56 1.42
N ALA A 844 23.36 23.12 0.28
CA ALA A 844 24.24 22.82 -0.85
C ALA A 844 24.84 24.09 -1.45
N HIS A 845 24.01 25.11 -1.68
CA HIS A 845 24.49 26.30 -2.37
C HIS A 845 25.48 27.08 -1.52
N LEU A 846 25.23 27.18 -0.22
CA LEU A 846 26.14 27.91 0.66
C LEU A 846 27.54 27.31 0.60
N PHE A 847 27.64 25.97 0.71
CA PHE A 847 28.92 25.32 0.52
C PHE A 847 29.40 25.45 -0.92
N ALA A 848 28.50 25.32 -1.88
CA ALA A 848 28.90 25.43 -3.28
C ALA A 848 29.46 26.81 -3.58
N VAL A 849 28.79 27.86 -3.11
CA VAL A 849 29.28 29.22 -3.34
C VAL A 849 30.61 29.43 -2.63
N PHE A 850 30.69 29.03 -1.36
CA PHE A 850 31.95 29.16 -0.62
C PHE A 850 33.03 28.30 -1.25
N GLN A 851 32.71 27.04 -1.57
CA GLN A 851 33.68 26.20 -2.25
C GLN A 851 34.03 26.76 -3.62
N GLY A 852 33.03 27.24 -4.36
CA GLY A 852 33.31 27.90 -5.62
C GLY A 852 34.09 29.18 -5.43
N PHE A 853 33.72 29.98 -4.42
CA PHE A 853 34.48 31.18 -4.11
C PHE A 853 35.89 30.82 -3.66
N LEU A 854 36.01 29.80 -2.79
CA LEU A 854 37.33 29.33 -2.39
C LEU A 854 38.10 28.78 -3.58
N LYS A 855 37.44 27.97 -4.42
CA LYS A 855 38.07 27.47 -5.63
C LYS A 855 38.36 28.59 -6.61
N MET A 856 37.43 29.54 -6.76
CA MET A 856 37.69 30.71 -7.59
C MET A 856 38.88 31.50 -7.05
N LEU A 857 38.92 31.71 -5.74
CA LEU A 857 40.10 32.34 -5.13
C LEU A 857 41.34 31.48 -5.34
N ALA A 858 41.20 30.16 -5.16
CA ALA A 858 42.30 29.25 -5.42
C ALA A 858 42.53 29.04 -6.92
N GLY A 859 41.54 29.35 -7.74
CA GLY A 859 41.67 29.20 -9.18
C GLY A 859 41.00 27.93 -9.67
N VAL A 882 32.81 16.96 -0.02
CA VAL A 882 31.99 17.11 1.18
C VAL A 882 31.24 15.80 1.45
N LYS A 883 30.91 15.57 2.71
CA LYS A 883 30.21 14.37 3.14
C LYS A 883 28.74 14.66 3.37
N TRP A 884 27.94 13.59 3.39
CA TRP A 884 26.52 13.75 3.67
C TRP A 884 26.30 14.35 5.05
N THR A 885 27.17 14.01 6.01
CA THR A 885 27.09 14.62 7.34
C THR A 885 27.48 16.09 7.28
N THR A 886 28.53 16.43 6.52
CA THR A 886 28.97 17.81 6.45
C THR A 886 27.98 18.69 5.69
N LEU A 887 27.36 18.15 4.64
CA LEU A 887 26.38 18.92 3.88
C LEU A 887 25.17 19.32 4.72
N LEU A 888 24.86 18.55 5.76
CA LEU A 888 23.68 18.79 6.59
C LEU A 888 23.99 19.69 7.79
N ILE A 889 25.21 20.19 7.90
CA ILE A 889 25.61 21.01 9.05
C ILE A 889 24.89 22.37 9.01
N PRO A 890 25.02 23.15 7.94
CA PRO A 890 24.35 24.46 7.90
C PRO A 890 22.87 24.35 8.22
N PRO A 891 22.11 23.54 7.49
CA PRO A 891 20.66 23.48 7.76
C PRO A 891 20.32 23.10 9.19
N THR A 892 21.10 22.19 9.79
CA THR A 892 20.87 21.84 11.18
C THR A 892 21.09 23.04 12.10
N THR A 893 22.10 23.85 11.81
CA THR A 893 22.37 25.02 12.64
C THR A 893 21.17 25.97 12.65
N LEU A 894 20.59 26.23 11.48
CA LEU A 894 19.39 27.07 11.44
C LEU A 894 18.22 26.42 12.15
N LEU A 895 18.06 25.10 11.99
CA LEU A 895 16.98 24.39 12.67
C LEU A 895 17.12 24.52 14.18
N ILE A 896 18.32 24.32 14.71
CA ILE A 896 18.54 24.42 16.15
C ILE A 896 18.42 25.87 16.61
N ILE A 897 19.06 26.79 15.90
CA ILE A 897 19.02 28.19 16.31
C ILE A 897 17.60 28.72 16.28
N ASN A 898 16.86 28.42 15.21
CA ASN A 898 15.49 28.91 15.10
C ASN A 898 14.60 28.31 16.17
N ILE A 899 14.65 26.98 16.35
CA ILE A 899 13.75 26.34 17.29
C ILE A 899 14.06 26.78 18.71
N VAL A 900 15.35 26.80 19.08
CA VAL A 900 15.71 27.26 20.42
C VAL A 900 15.47 28.75 20.55
N GLY A 901 15.80 29.52 19.50
CA GLY A 901 15.56 30.96 19.55
C GLY A 901 14.09 31.29 19.61
N VAL A 902 13.29 30.73 18.71
CA VAL A 902 11.87 31.06 18.66
C VAL A 902 11.18 30.66 19.95
N VAL A 903 11.49 29.47 20.47
CA VAL A 903 10.86 29.01 21.70
C VAL A 903 11.35 29.83 22.89
N ALA A 904 12.65 30.13 22.91
CA ALA A 904 13.19 30.98 23.96
C ALA A 904 12.53 32.36 23.95
N GLY A 905 12.11 32.82 22.76
CA GLY A 905 11.37 34.07 22.68
C GLY A 905 10.12 34.05 23.52
N PHE A 906 9.38 32.93 23.51
CA PHE A 906 8.21 32.82 24.36
C PHE A 906 8.59 32.92 25.82
N SER A 907 9.64 32.21 26.25
CA SER A 907 10.00 32.19 27.66
C SER A 907 10.41 33.58 28.14
N ASP A 908 11.34 34.22 27.44
CA ASP A 908 11.77 35.56 27.85
C ASP A 908 10.62 36.55 27.71
N ALA A 909 9.88 36.49 26.60
CA ALA A 909 8.75 37.39 26.43
C ALA A 909 7.66 37.12 27.46
N LEU A 910 7.38 35.84 27.73
CA LEU A 910 6.35 35.50 28.72
C LEU A 910 6.75 35.99 30.11
N ASN A 911 8.02 35.81 30.48
CA ASN A 911 8.48 36.33 31.77
C ASN A 911 8.35 37.84 31.82
N LYS A 912 8.43 38.50 30.67
CA LYS A 912 8.20 39.93 30.57
C LYS A 912 6.73 40.23 30.87
N GLY A 913 6.34 41.49 30.68
CA GLY A 913 4.96 41.90 30.89
C GLY A 913 3.94 41.07 30.13
N TYR A 914 4.39 40.34 29.11
CA TYR A 914 3.54 39.48 28.28
C TYR A 914 2.30 40.21 27.80
N GLU A 915 2.36 41.53 27.67
CA GLU A 915 1.26 42.31 27.14
C GLU A 915 1.58 42.95 25.79
N ALA A 916 2.85 43.25 25.53
CA ALA A 916 3.26 43.84 24.26
C ALA A 916 3.67 42.73 23.29
N TRP A 917 2.77 41.76 23.13
CA TRP A 917 2.96 40.67 22.19
C TRP A 917 2.12 40.81 20.92
N GLY A 918 2.53 40.09 19.89
CA GLY A 918 2.07 40.32 18.55
C GLY A 918 3.26 40.58 17.65
N PRO A 919 4.19 41.43 18.12
CA PRO A 919 5.55 41.37 17.56
C PRO A 919 6.19 40.02 17.77
N LEU A 920 5.92 39.39 18.91
CA LEU A 920 6.31 37.98 19.08
C LEU A 920 5.67 37.13 17.99
N PHE A 921 4.38 37.32 17.76
CA PHE A 921 3.70 36.59 16.68
C PHE A 921 4.33 36.90 15.34
N GLY A 922 4.66 38.17 15.09
CA GLY A 922 5.31 38.51 13.84
C GLY A 922 6.67 37.85 13.68
N LYS A 923 7.49 37.90 14.74
CA LYS A 923 8.78 37.22 14.69
C LYS A 923 8.60 35.71 14.79
N VAL A 924 7.67 35.25 15.62
CA VAL A 924 7.41 33.81 15.74
C VAL A 924 6.89 33.27 14.41
N PHE A 925 5.88 33.93 13.82
CA PHE A 925 5.36 33.49 12.55
C PHE A 925 6.43 33.57 11.46
N PHE A 926 7.18 34.67 11.44
CA PHE A 926 8.31 34.78 10.51
C PHE A 926 9.36 33.72 10.81
N ALA A 927 9.60 33.46 12.09
CA ALA A 927 10.45 32.33 12.46
C ALA A 927 9.81 31.01 12.05
N PHE A 928 8.49 30.90 12.21
CA PHE A 928 7.78 29.71 11.73
C PHE A 928 7.91 29.58 10.21
N TRP A 929 7.87 30.71 9.49
CA TRP A 929 8.05 30.67 8.05
C TRP A 929 9.35 29.95 7.69
N VAL A 930 10.46 30.37 8.31
CA VAL A 930 11.75 29.75 8.02
C VAL A 930 11.75 28.30 8.45
N ILE A 931 11.35 28.03 9.70
CA ILE A 931 11.41 26.66 10.21
C ILE A 931 10.47 25.76 9.41
N LEU A 932 9.26 26.23 9.12
CA LEU A 932 8.31 25.42 8.38
C LEU A 932 8.83 25.09 6.99
N HIS A 933 9.67 25.97 6.43
CA HIS A 933 10.25 25.71 5.11
C HIS A 933 11.27 24.59 5.17
N LEU A 934 12.17 24.62 6.15
CA LEU A 934 13.19 23.58 6.30
C LEU A 934 12.96 22.59 7.44
N TYR A 935 11.78 22.60 8.05
CA TYR A 935 11.44 21.61 9.08
C TYR A 935 11.09 20.27 8.46
N PRO A 936 10.14 20.23 7.52
CA PRO A 936 9.69 18.92 7.01
C PRO A 936 10.80 18.10 6.40
N PHE A 937 11.80 18.73 5.76
CA PHE A 937 12.89 17.96 5.17
C PHE A 937 13.92 17.57 6.23
N LEU A 938 14.56 18.56 6.86
CA LEU A 938 15.54 18.26 7.90
C LEU A 938 15.03 17.18 8.85
N LYS A 939 13.73 17.20 9.14
CA LYS A 939 13.11 16.11 9.89
C LYS A 939 12.76 14.95 8.96
N GLY A 940 12.01 15.24 7.88
CA GLY A 940 11.54 14.17 7.03
C GLY A 940 12.65 13.46 6.28
N LEU A 941 13.60 14.22 5.71
CA LEU A 941 14.65 13.61 4.92
C LEU A 941 15.43 12.58 5.72
N MET A 942 15.56 12.79 7.04
CA MET A 942 16.24 11.85 7.91
C MET A 942 15.26 11.16 8.87
N GLY A 943 14.56 11.93 9.70
CA GLY A 943 13.61 11.38 10.65
C GLY A 943 14.20 10.21 11.41
N ARG A 944 13.36 9.42 12.09
CA ARG A 944 13.80 8.10 12.55
C ARG A 944 13.21 6.99 11.67
N GLN A 945 11.89 6.84 11.69
CA GLN A 945 11.23 6.00 10.70
C GLN A 945 10.21 6.78 9.89
N ASN A 946 9.16 7.29 10.56
CA ASN A 946 8.11 8.08 9.91
C ASN A 946 7.42 8.89 11.01
N ARG A 947 7.81 10.16 11.14
CA ARG A 947 7.17 11.08 12.09
C ARG A 947 6.84 10.35 13.40
N THR A 948 5.66 10.65 13.97
CA THR A 948 5.11 9.95 15.15
C THR A 948 6.20 9.43 16.07
N PRO A 949 7.14 10.27 16.52
CA PRO A 949 8.23 9.76 17.35
C PRO A 949 7.91 9.78 18.83
N THR A 950 6.85 10.51 19.21
CA THR A 950 6.54 10.86 20.61
C THR A 950 7.69 11.54 21.35
N ILE A 951 8.63 12.11 20.61
CA ILE A 951 9.76 12.81 21.20
C ILE A 951 9.57 14.32 21.20
N VAL A 952 8.54 14.83 20.52
CA VAL A 952 8.29 16.26 20.48
C VAL A 952 8.00 16.81 21.87
N VAL A 953 7.62 15.95 22.81
CA VAL A 953 7.29 16.41 24.15
C VAL A 953 8.51 16.98 24.85
N LEU A 954 9.71 16.55 24.47
CA LEU A 954 10.92 17.04 25.13
C LEU A 954 10.98 18.56 25.09
N TRP A 955 10.78 19.14 23.91
CA TRP A 955 10.81 20.59 23.80
C TRP A 955 9.80 21.23 24.75
N SER A 956 8.58 20.69 24.78
CA SER A 956 7.56 21.22 25.67
C SER A 956 8.02 21.18 27.12
N VAL A 957 8.58 20.04 27.55
CA VAL A 957 8.93 19.87 28.96
C VAL A 957 10.10 20.78 29.32
N LEU A 958 11.26 20.56 28.70
CA LEU A 958 12.44 21.34 29.06
C LEU A 958 12.16 22.83 28.92
N LEU A 959 11.43 23.22 27.88
CA LEU A 959 11.07 24.62 27.72
C LEU A 959 9.94 25.01 28.68
N THR A 960 9.10 24.04 29.06
CA THR A 960 8.21 24.26 30.19
C THR A 960 8.94 24.15 31.51
N SER A 961 10.07 23.43 31.54
CA SER A 961 10.83 23.28 32.77
C SER A 961 11.74 24.48 33.01
N VAL A 962 12.46 24.92 31.97
CA VAL A 962 13.17 26.18 32.07
C VAL A 962 12.19 27.31 32.30
N PHE A 963 11.01 27.23 31.67
CA PHE A 963 9.91 28.12 32.03
C PHE A 963 9.56 27.95 33.51
N SER A 964 9.43 26.70 33.97
CA SER A 964 9.27 26.46 35.39
C SER A 964 10.45 27.00 36.18
N LEU A 965 11.67 26.85 35.64
CA LEU A 965 12.82 27.51 36.24
C LEU A 965 12.66 29.03 36.23
N VAL A 966 11.90 29.54 35.26
CA VAL A 966 11.57 30.95 35.21
C VAL A 966 10.16 31.24 35.76
N TRP A 967 9.34 30.21 35.94
CA TRP A 967 7.97 30.38 36.39
C TRP A 967 7.83 29.92 37.84
N GLU B 170 45.02 -19.02 14.49
CA GLU B 170 43.97 -18.11 14.02
C GLU B 170 42.64 -18.41 14.72
N PRO B 171 41.99 -17.38 15.25
CA PRO B 171 40.69 -17.60 15.89
C PRO B 171 39.58 -17.77 14.88
N LEU B 172 38.70 -18.72 15.18
CA LEU B 172 37.54 -18.97 14.33
C LEU B 172 36.48 -17.87 14.46
N SER B 173 36.24 -17.37 15.66
CA SER B 173 35.30 -16.29 15.87
C SER B 173 35.95 -15.24 16.76
N ILE B 174 35.59 -13.98 16.50
CA ILE B 174 36.10 -12.86 17.27
C ILE B 174 34.94 -12.21 18.01
N VAL B 175 35.14 -11.99 19.31
CA VAL B 175 34.16 -11.32 20.17
C VAL B 175 34.74 -9.98 20.57
N TYR B 176 34.04 -8.91 20.22
CA TYR B 176 34.48 -7.56 20.56
C TYR B 176 33.37 -6.82 21.27
N PRO B 177 33.70 -6.01 22.28
CA PRO B 177 32.67 -5.24 22.95
C PRO B 177 32.27 -4.00 22.17
N ILE B 178 31.42 -3.16 22.77
CA ILE B 178 31.07 -1.89 22.13
C ILE B 178 32.36 -1.11 21.90
N PRO B 179 32.51 -0.37 20.79
CA PRO B 179 33.81 0.23 20.45
C PRO B 179 34.31 1.28 21.44
N ARG B 180 33.63 1.46 22.58
CA ARG B 180 33.98 2.37 23.66
C ARG B 180 33.60 3.81 23.32
N ASN B 181 33.19 4.11 22.09
CA ASN B 181 32.71 5.44 21.77
C ASN B 181 31.25 5.61 22.19
N LYS B 182 30.47 4.51 22.14
CA LYS B 182 29.08 4.53 22.54
C LYS B 182 28.83 3.81 23.87
N LEU B 183 29.88 3.27 24.50
CA LEU B 183 29.74 2.52 25.74
C LEU B 183 29.93 3.38 26.97
N THR B 184 31.08 4.04 27.10
CA THR B 184 31.31 4.89 28.27
C THR B 184 30.22 5.92 28.44
N PRO B 185 29.76 6.63 27.39
CA PRO B 185 28.59 7.50 27.59
C PRO B 185 27.37 6.75 28.05
N TYR B 186 27.17 5.52 27.58
CA TYR B 186 26.01 4.74 27.99
C TYR B 186 26.15 4.26 29.42
N ARG B 187 27.34 3.77 29.79
CA ARG B 187 27.59 3.35 31.16
C ARG B 187 27.45 4.53 32.12
N ALA B 188 27.98 5.69 31.74
CA ALA B 188 27.94 6.84 32.63
C ALA B 188 26.52 7.30 32.90
N VAL B 189 25.68 7.34 31.86
CA VAL B 189 24.33 7.87 32.02
C VAL B 189 23.54 7.01 32.99
N ILE B 190 23.60 5.69 32.84
CA ILE B 190 22.89 4.81 33.77
C ILE B 190 23.44 4.95 35.18
N ILE B 191 24.75 5.16 35.30
CA ILE B 191 25.34 5.42 36.61
C ILE B 191 24.79 6.73 37.18
N MET B 192 24.75 7.77 36.36
CA MET B 192 24.21 9.05 36.82
C MET B 192 22.74 8.94 37.16
N ARG B 193 21.96 8.22 36.34
CA ARG B 193 20.53 8.12 36.58
C ARG B 193 20.23 7.52 37.94
N LEU B 194 21.07 6.58 38.40
CA LEU B 194 20.85 5.98 39.72
C LEU B 194 20.94 7.03 40.82
N ILE B 195 21.94 7.91 40.75
CA ILE B 195 22.09 8.94 41.78
C ILE B 195 20.93 9.92 41.72
N ILE B 196 20.53 10.34 40.53
CA ILE B 196 19.41 11.27 40.40
C ILE B 196 18.15 10.67 41.01
N LEU B 197 17.92 9.38 40.76
CA LEU B 197 16.74 8.73 41.33
C LEU B 197 16.78 8.73 42.85
N GLY B 198 17.96 8.46 43.43
CA GLY B 198 18.07 8.44 44.88
C GLY B 198 17.76 9.79 45.51
N LEU B 199 18.32 10.85 44.94
CA LEU B 199 18.02 12.19 45.44
C LEU B 199 16.54 12.52 45.27
N PHE B 200 15.94 12.08 44.16
CA PHE B 200 14.52 12.30 43.95
C PHE B 200 13.68 11.66 45.05
N PHE B 201 14.03 10.43 45.43
CA PHE B 201 13.30 9.76 46.51
C PHE B 201 13.51 10.49 47.83
N HIS B 202 14.75 10.89 48.12
CA HIS B 202 15.02 11.55 49.39
C HIS B 202 14.18 12.81 49.55
N TYR B 203 14.05 13.60 48.48
CA TYR B 203 13.21 14.79 48.54
C TYR B 203 11.76 14.41 48.87
N ARG B 204 11.23 13.39 48.19
CA ARG B 204 9.86 12.97 48.46
C ARG B 204 9.72 12.43 49.89
N ILE B 205 10.71 11.66 50.35
CA ILE B 205 10.66 11.15 51.71
C ILE B 205 10.67 12.28 52.72
N THR B 206 11.42 13.35 52.46
CA THR B 206 11.47 14.50 53.36
C THR B 206 10.18 15.30 53.38
N ASN B 207 9.25 15.02 52.47
CA ASN B 207 7.98 15.74 52.38
C ASN B 207 6.86 14.83 52.87
N PRO B 208 6.68 14.65 54.17
CA PRO B 208 5.66 13.70 54.66
C PRO B 208 4.24 14.06 54.24
N VAL B 209 3.94 15.36 54.12
CA VAL B 209 2.56 15.83 54.01
C VAL B 209 2.31 16.34 52.60
N ASP B 210 1.23 15.85 51.98
CA ASP B 210 0.70 16.41 50.75
C ASP B 210 -0.81 16.54 50.81
N SER B 211 -1.35 16.82 52.00
CA SER B 211 -2.77 16.90 52.30
C SER B 211 -3.40 15.51 52.41
N ALA B 212 -2.63 14.44 52.19
CA ALA B 212 -3.17 13.09 52.31
C ALA B 212 -1.98 12.15 52.53
N PHE B 213 -1.91 11.57 53.73
CA PHE B 213 -0.80 10.68 54.04
C PHE B 213 -0.94 9.34 53.30
N GLY B 214 -2.17 8.91 53.04
CA GLY B 214 -2.36 7.65 52.35
C GLY B 214 -1.74 7.64 50.97
N LEU B 215 -1.97 8.70 50.19
CA LEU B 215 -1.36 8.79 48.87
C LEU B 215 0.15 8.91 48.97
N TRP B 216 0.64 9.67 49.96
CA TRP B 216 2.08 9.80 50.14
C TRP B 216 2.73 8.44 50.42
N LEU B 217 2.12 7.65 51.30
CA LEU B 217 2.67 6.34 51.62
C LEU B 217 2.57 5.40 50.43
N THR B 218 1.42 5.38 49.76
CA THR B 218 1.25 4.49 48.61
C THR B 218 2.12 4.91 47.44
N SER B 219 2.12 6.20 47.10
CA SER B 219 2.93 6.67 45.98
C SER B 219 4.41 6.44 46.23
N VAL B 220 4.87 6.72 47.46
CA VAL B 220 6.28 6.50 47.78
C VAL B 220 6.63 5.02 47.67
N ILE B 221 5.79 4.15 48.26
CA ILE B 221 6.05 2.72 48.18
C ILE B 221 6.02 2.25 46.74
N CYS B 222 5.02 2.70 45.97
CA CYS B 222 4.90 2.26 44.59
C CYS B 222 6.09 2.73 43.75
N GLU B 223 6.51 3.98 43.93
CA GLU B 223 7.65 4.49 43.18
C GLU B 223 8.94 3.79 43.59
N ILE B 224 9.07 3.47 44.88
CA ILE B 224 10.25 2.73 45.34
C ILE B 224 10.32 1.38 44.65
N TRP B 225 9.17 0.69 44.53
CA TRP B 225 9.13 -0.56 43.80
C TRP B 225 9.59 -0.35 42.36
N PHE B 226 9.17 0.75 41.73
CA PHE B 226 9.58 1.05 40.37
C PHE B 226 11.09 1.22 40.26
N ALA B 227 11.69 1.88 41.25
CA ALA B 227 13.13 2.13 41.19
C ALA B 227 13.91 0.82 41.22
N PHE B 228 13.52 -0.10 42.10
CA PHE B 228 14.21 -1.39 42.14
C PHE B 228 14.02 -2.16 40.83
N SER B 229 12.90 -1.97 40.16
CA SER B 229 12.71 -2.60 38.86
C SER B 229 13.74 -2.09 37.85
N TRP B 230 13.99 -0.79 37.85
CA TRP B 230 15.00 -0.23 36.94
C TRP B 230 16.39 -0.75 37.30
N VAL B 231 16.70 -0.83 38.59
CA VAL B 231 18.02 -1.33 39.00
C VAL B 231 18.20 -2.77 38.54
N LEU B 232 17.17 -3.61 38.73
CA LEU B 232 17.23 -4.98 38.24
C LEU B 232 17.16 -5.07 36.73
N ASP B 233 16.68 -4.02 36.06
CA ASP B 233 16.51 -4.06 34.61
C ASP B 233 17.63 -3.38 33.84
N GLN B 234 18.28 -2.37 34.43
CA GLN B 234 19.34 -1.65 33.73
C GLN B 234 20.71 -2.27 33.94
N PHE B 235 21.00 -2.72 35.16
CA PHE B 235 22.30 -3.33 35.42
C PHE B 235 22.59 -4.52 34.52
N PRO B 236 21.64 -5.44 34.27
CA PRO B 236 21.94 -6.55 33.35
C PRO B 236 22.41 -6.11 31.98
N LYS B 237 21.97 -4.94 31.50
CA LYS B 237 22.40 -4.42 30.22
C LYS B 237 23.79 -3.79 30.28
N TRP B 238 24.51 -3.97 31.39
CA TRP B 238 25.86 -3.46 31.53
C TRP B 238 26.83 -4.31 30.71
N LYS B 239 27.79 -3.65 30.08
CA LYS B 239 28.82 -4.33 29.30
C LYS B 239 28.19 -5.16 28.18
N PRO B 240 27.56 -4.53 27.19
CA PRO B 240 27.11 -5.28 26.01
C PRO B 240 28.30 -5.82 25.23
N VAL B 241 28.07 -6.95 24.55
CA VAL B 241 29.10 -7.62 23.80
C VAL B 241 28.56 -7.98 22.42
N ASN B 242 29.37 -7.72 21.40
CA ASN B 242 29.07 -8.07 20.02
C ASN B 242 30.04 -9.14 19.55
N ARG B 243 29.52 -10.05 18.72
CA ARG B 243 30.30 -11.17 18.24
C ARG B 243 30.18 -11.27 16.73
N GLU B 244 31.26 -11.72 16.10
CA GLU B 244 31.30 -11.90 14.65
C GLU B 244 31.89 -13.26 14.36
N THR B 245 31.39 -13.87 13.28
CA THR B 245 31.82 -15.22 12.91
C THR B 245 32.12 -15.25 11.42
N PHE B 246 33.11 -16.07 11.06
CA PHE B 246 33.49 -16.29 9.67
C PHE B 246 33.38 -17.77 9.35
N ILE B 247 32.87 -18.06 8.16
CA ILE B 247 32.66 -19.44 7.73
C ILE B 247 33.82 -19.96 6.89
N GLU B 248 34.52 -19.11 6.14
CA GLU B 248 35.61 -19.59 5.30
C GLU B 248 36.72 -20.20 6.15
N ARG B 249 37.02 -19.59 7.30
CA ARG B 249 38.04 -20.16 8.18
C ARG B 249 37.58 -21.47 8.80
N LEU B 250 36.30 -21.56 9.16
CA LEU B 250 35.78 -22.82 9.69
C LEU B 250 35.91 -23.94 8.65
N SER B 251 35.51 -23.67 7.41
CA SER B 251 35.63 -24.66 6.35
C SER B 251 37.10 -24.98 6.11
N ALA B 252 37.95 -23.96 6.05
CA ALA B 252 39.38 -24.20 5.83
C ALA B 252 39.97 -25.05 6.94
N ARG B 253 39.61 -24.76 8.19
CA ARG B 253 40.20 -25.48 9.32
C ARG B 253 39.65 -26.89 9.41
N TYR B 254 38.33 -27.07 9.28
CA TYR B 254 37.69 -28.34 9.56
C TYR B 254 37.36 -29.15 8.31
N GLU B 255 36.65 -28.57 7.35
CA GLU B 255 36.25 -29.33 6.16
C GLU B 255 37.46 -29.99 5.52
N ARG B 256 38.49 -29.20 5.22
CA ARG B 256 39.76 -29.73 4.74
C ARG B 256 39.60 -30.40 3.37
N GLU B 257 40.40 -29.97 2.39
CA GLU B 257 40.32 -30.58 1.07
C GLU B 257 40.71 -32.04 1.10
N GLY B 258 41.52 -32.45 2.08
CA GLY B 258 41.95 -33.83 2.16
C GLY B 258 40.82 -34.80 2.43
N GLU B 259 39.86 -34.40 3.28
CA GLU B 259 38.73 -35.25 3.65
C GLU B 259 39.22 -36.44 4.46
N PRO B 260 38.38 -37.07 5.28
CA PRO B 260 36.94 -36.78 5.52
C PRO B 260 36.72 -35.57 6.40
N SER B 261 35.52 -34.99 6.37
CA SER B 261 35.21 -33.84 7.21
C SER B 261 35.23 -34.21 8.68
N GLN B 262 35.74 -33.29 9.50
CA GLN B 262 35.82 -33.48 10.94
C GLN B 262 34.72 -32.71 11.67
N LEU B 263 33.74 -32.19 10.94
CA LEU B 263 32.66 -31.43 11.55
C LEU B 263 31.82 -32.31 12.46
N ALA B 264 31.25 -31.69 13.49
CA ALA B 264 30.44 -32.38 14.48
C ALA B 264 29.01 -32.57 14.00
N ALA B 265 28.42 -33.69 14.39
CA ALA B 265 27.05 -34.02 14.01
C ALA B 265 26.07 -33.09 14.72
N VAL B 266 24.94 -32.85 14.04
CA VAL B 266 23.89 -31.99 14.56
C VAL B 266 22.56 -32.73 14.43
N ASP B 267 21.78 -32.69 15.51
CA ASP B 267 20.45 -33.30 15.53
C ASP B 267 19.41 -32.21 15.66
N PHE B 268 18.45 -32.20 14.73
CA PHE B 268 17.36 -31.24 14.70
C PHE B 268 16.11 -31.86 15.30
N PHE B 269 15.50 -31.14 16.22
CA PHE B 269 14.27 -31.58 16.88
C PHE B 269 13.12 -30.68 16.47
N VAL B 270 12.06 -31.30 15.97
CA VAL B 270 10.83 -30.59 15.60
C VAL B 270 9.68 -31.22 16.37
N SER B 271 8.89 -30.37 17.03
CA SER B 271 7.80 -30.82 17.88
C SER B 271 6.46 -30.36 17.31
N THR B 272 5.49 -31.27 17.32
CA THR B 272 4.15 -30.98 16.85
C THR B 272 3.15 -31.55 17.86
N VAL B 273 1.93 -31.03 17.82
CA VAL B 273 0.90 -31.45 18.76
C VAL B 273 -0.35 -31.94 18.03
N ASP B 274 -0.89 -31.10 17.15
CA ASP B 274 -2.16 -31.42 16.51
C ASP B 274 -2.20 -30.90 15.07
N PRO B 275 -2.38 -31.77 14.08
CA PRO B 275 -2.44 -31.26 12.69
C PRO B 275 -3.55 -30.26 12.47
N LEU B 276 -4.70 -30.43 13.11
CA LEU B 276 -5.84 -29.57 12.84
C LEU B 276 -5.62 -28.16 13.39
N LYS B 277 -5.10 -28.05 14.62
CA LYS B 277 -4.91 -26.73 15.22
C LYS B 277 -3.89 -25.91 14.44
N GLU B 278 -2.82 -26.55 13.97
CA GLU B 278 -1.78 -25.88 13.19
C GLU B 278 -1.62 -26.62 11.87
N PRO B 279 -1.76 -25.94 10.73
CA PRO B 279 -1.75 -26.66 9.46
C PRO B 279 -0.45 -27.41 9.28
N PRO B 280 -0.51 -28.62 8.70
CA PRO B 280 0.73 -29.39 8.51
C PRO B 280 1.59 -28.92 7.36
N LEU B 281 1.06 -28.08 6.45
CA LEU B 281 1.89 -27.56 5.37
C LEU B 281 3.04 -26.74 5.92
N ILE B 282 2.77 -25.92 6.93
CA ILE B 282 3.84 -25.17 7.58
C ILE B 282 4.85 -26.13 8.21
N THR B 283 4.34 -27.18 8.88
CA THR B 283 5.23 -28.20 9.40
C THR B 283 6.02 -28.87 8.28
N ALA B 284 5.35 -29.18 7.17
CA ALA B 284 6.03 -29.79 6.04
C ALA B 284 7.11 -28.86 5.48
N ASN B 285 6.79 -27.56 5.36
CA ASN B 285 7.79 -26.61 4.90
C ASN B 285 8.97 -26.53 5.87
N THR B 286 8.68 -26.54 7.17
CA THR B 286 9.76 -26.52 8.16
C THR B 286 10.65 -27.73 8.03
N VAL B 287 10.05 -28.92 7.90
CA VAL B 287 10.84 -30.14 7.76
C VAL B 287 11.74 -30.05 6.54
N LEU B 288 11.19 -29.56 5.42
CA LEU B 288 12.00 -29.39 4.22
C LEU B 288 13.17 -28.45 4.46
N SER B 289 12.93 -27.37 5.21
CA SER B 289 14.00 -26.42 5.51
C SER B 289 15.10 -27.08 6.33
N ILE B 290 14.73 -27.93 7.29
CA ILE B 290 15.72 -28.57 8.14
C ILE B 290 16.68 -29.42 7.32
N LEU B 291 16.14 -30.21 6.39
CA LEU B 291 16.94 -31.14 5.62
C LEU B 291 17.80 -30.46 4.56
N ALA B 292 17.60 -29.17 4.29
CA ALA B 292 18.31 -28.48 3.24
C ALA B 292 19.48 -27.63 3.76
N VAL B 293 19.81 -27.76 5.04
CA VAL B 293 20.90 -26.95 5.60
C VAL B 293 22.20 -27.23 4.85
N ASP B 294 23.02 -26.20 4.75
CA ASP B 294 24.33 -26.28 4.09
C ASP B 294 25.29 -26.92 5.08
N TYR B 295 25.25 -28.24 5.16
CA TYR B 295 26.08 -29.01 6.08
C TYR B 295 26.27 -30.40 5.50
N PRO B 296 27.37 -31.07 5.82
CA PRO B 296 27.57 -32.42 5.28
C PRO B 296 26.40 -33.34 5.61
N VAL B 297 25.96 -34.09 4.59
CA VAL B 297 24.79 -34.95 4.74
C VAL B 297 25.03 -36.12 5.68
N ASP B 298 26.29 -36.42 6.00
CA ASP B 298 26.61 -37.49 6.94
C ASP B 298 26.56 -37.03 8.39
N LYS B 299 26.27 -35.76 8.64
CA LYS B 299 26.31 -35.19 9.98
C LYS B 299 24.94 -34.78 10.48
N VAL B 300 24.17 -34.05 9.68
CA VAL B 300 22.90 -33.50 10.13
C VAL B 300 21.84 -34.58 10.15
N SER B 301 20.94 -34.49 11.12
CA SER B 301 19.80 -35.39 11.23
C SER B 301 18.60 -34.59 11.71
N CYS B 302 17.41 -35.09 11.38
CA CYS B 302 16.16 -34.41 11.71
C CYS B 302 15.23 -35.37 12.44
N TYR B 303 14.58 -34.84 13.48
CA TYR B 303 13.59 -35.59 14.26
C TYR B 303 12.30 -34.80 14.32
N VAL B 304 11.18 -35.48 14.05
CA VAL B 304 9.85 -34.88 14.11
C VAL B 304 9.03 -35.67 15.12
N SER B 305 8.44 -34.97 16.08
CA SER B 305 7.68 -35.59 17.15
C SER B 305 6.28 -34.96 17.19
N ASP B 306 5.26 -35.81 17.26
CA ASP B 306 3.89 -35.38 17.40
C ASP B 306 3.30 -35.95 18.67
N ASP B 307 2.97 -35.07 19.62
CA ASP B 307 2.40 -35.51 20.89
C ASP B 307 1.08 -36.25 20.67
N GLY B 308 0.20 -35.66 19.88
CA GLY B 308 -1.05 -36.32 19.53
C GLY B 308 -0.92 -37.09 18.23
N ALA B 309 -0.77 -38.41 18.32
CA ALA B 309 -0.56 -39.21 17.12
C ALA B 309 -1.71 -39.00 16.14
N ALA B 310 -1.36 -38.59 14.93
CA ALA B 310 -2.35 -38.32 13.89
C ALA B 310 -1.77 -38.77 12.55
N MET B 311 -2.61 -39.46 11.77
CA MET B 311 -2.16 -39.97 10.49
C MET B 311 -1.82 -38.84 9.52
N LEU B 312 -2.42 -37.66 9.71
CA LEU B 312 -2.17 -36.54 8.81
C LEU B 312 -0.70 -36.11 8.87
N THR B 313 -0.14 -35.99 10.07
CA THR B 313 1.27 -35.64 10.19
C THR B 313 2.15 -36.73 9.58
N PHE B 314 1.84 -38.00 9.89
CA PHE B 314 2.61 -39.09 9.32
C PHE B 314 2.52 -39.10 7.81
N GLU B 315 1.30 -38.94 7.27
CA GLU B 315 1.13 -38.86 5.82
C GLU B 315 1.82 -37.62 5.26
N SER B 316 1.72 -36.49 5.95
CA SER B 316 2.38 -35.28 5.48
C SER B 316 3.89 -35.48 5.44
N LEU B 317 4.46 -36.11 6.47
CA LEU B 317 5.89 -36.40 6.46
C LEU B 317 6.25 -37.33 5.31
N VAL B 318 5.43 -38.36 5.07
CA VAL B 318 5.71 -39.28 3.97
C VAL B 318 5.72 -38.55 2.64
N GLU B 319 4.73 -37.69 2.42
CA GLU B 319 4.72 -36.87 1.21
C GLU B 319 5.90 -35.90 1.21
N THR B 320 6.22 -35.32 2.37
CA THR B 320 7.34 -34.40 2.45
C THR B 320 8.64 -35.09 2.08
N ALA B 321 8.82 -36.34 2.54
CA ALA B 321 10.02 -37.09 2.16
C ALA B 321 10.06 -37.33 0.66
N GLU B 322 8.91 -37.64 0.06
CA GLU B 322 8.87 -37.86 -1.39
C GLU B 322 9.27 -36.59 -2.14
N PHE B 323 8.74 -35.44 -1.72
CA PHE B 323 9.07 -34.19 -2.38
C PHE B 323 10.48 -33.70 -2.02
N ALA B 324 11.01 -34.14 -0.88
CA ALA B 324 12.37 -33.75 -0.50
C ALA B 324 13.40 -34.26 -1.51
N ARG B 325 13.09 -35.33 -2.23
CA ARG B 325 14.00 -35.82 -3.26
C ARG B 325 14.25 -34.76 -4.33
N LYS B 326 13.19 -34.08 -4.76
CA LYS B 326 13.32 -33.03 -5.77
C LYS B 326 13.79 -31.72 -5.15
N TRP B 327 13.36 -31.42 -3.93
CA TRP B 327 13.61 -30.10 -3.35
C TRP B 327 15.07 -29.94 -2.94
N VAL B 328 15.65 -30.95 -2.31
CA VAL B 328 17.00 -30.85 -1.75
C VAL B 328 18.02 -30.56 -2.85
N PRO B 329 18.14 -31.39 -3.89
CA PRO B 329 19.18 -31.12 -4.91
C PRO B 329 18.99 -29.77 -5.58
N PHE B 330 17.75 -29.36 -5.82
CA PHE B 330 17.51 -28.05 -6.43
C PHE B 330 18.01 -26.94 -5.54
N CYS B 331 17.79 -27.05 -4.22
CA CYS B 331 18.28 -26.02 -3.31
C CYS B 331 19.80 -26.01 -3.24
N LYS B 332 20.42 -27.19 -3.12
CA LYS B 332 21.86 -27.25 -2.93
C LYS B 332 22.61 -26.77 -4.17
N LYS B 333 22.20 -27.23 -5.35
CA LYS B 333 22.95 -26.89 -6.55
C LYS B 333 22.90 -25.39 -6.82
N PHE B 334 21.73 -24.77 -6.68
CA PHE B 334 21.56 -23.36 -6.98
C PHE B 334 21.79 -22.45 -5.78
N SER B 335 21.93 -23.01 -4.57
CA SER B 335 22.20 -22.23 -3.37
C SER B 335 21.17 -21.10 -3.21
N ILE B 336 19.93 -21.51 -3.05
CA ILE B 336 18.81 -20.58 -2.88
C ILE B 336 18.44 -20.50 -1.41
N GLU B 337 17.98 -19.32 -0.99
CA GLU B 337 17.57 -19.09 0.38
C GLU B 337 16.37 -18.14 0.38
N PRO B 338 15.35 -18.39 1.21
CA PRO B 338 15.20 -19.49 2.17
C PRO B 338 14.92 -20.81 1.47
N ARG B 339 15.21 -21.94 2.11
CA ARG B 339 15.05 -23.26 1.51
C ARG B 339 13.71 -23.90 1.88
N ALA B 340 12.75 -23.11 2.35
CA ALA B 340 11.39 -23.58 2.58
C ALA B 340 10.54 -23.19 1.38
N PRO B 341 10.01 -24.15 0.61
CA PRO B 341 9.32 -23.77 -0.64
C PRO B 341 8.15 -22.81 -0.43
N GLU B 342 7.37 -22.99 0.64
CA GLU B 342 6.22 -22.13 0.86
C GLU B 342 6.66 -20.69 1.08
N PHE B 343 7.70 -20.48 1.88
CA PHE B 343 8.19 -19.14 2.19
C PHE B 343 9.21 -18.64 1.17
N TYR B 344 9.59 -19.45 0.19
CA TYR B 344 10.53 -19.06 -0.85
C TYR B 344 9.83 -18.65 -2.14
N PHE B 345 8.92 -19.50 -2.64
CA PHE B 345 8.19 -19.15 -3.86
C PHE B 345 7.30 -17.94 -3.64
N SER B 346 6.64 -17.85 -2.49
CA SER B 346 5.76 -16.73 -2.17
C SER B 346 6.61 -15.55 -1.68
N GLN B 347 7.47 -15.08 -2.57
CA GLN B 347 8.37 -13.98 -2.28
C GLN B 347 8.48 -13.09 -3.51
N LYS B 348 8.25 -11.78 -3.32
CA LYS B 348 8.25 -10.84 -4.42
C LYS B 348 9.65 -10.40 -4.84
N ILE B 349 10.69 -10.77 -4.07
CA ILE B 349 12.05 -10.42 -4.45
C ILE B 349 12.38 -11.06 -5.80
N ASP B 350 13.10 -10.30 -6.62
CA ASP B 350 13.50 -10.80 -7.93
C ASP B 350 14.41 -12.02 -7.76
N TYR B 351 13.92 -13.19 -8.14
CA TYR B 351 14.66 -14.43 -7.93
C TYR B 351 15.89 -14.53 -8.83
N LEU B 352 15.98 -13.72 -9.88
CA LEU B 352 17.16 -13.69 -10.74
C LEU B 352 18.02 -12.50 -10.33
N LYS B 353 18.71 -12.65 -9.20
CA LYS B 353 19.52 -11.59 -8.62
C LYS B 353 21.02 -11.88 -8.70
N ASP B 354 21.45 -13.05 -8.22
CA ASP B 354 22.85 -13.41 -8.23
C ASP B 354 23.13 -14.77 -8.87
N LYS B 355 22.11 -15.46 -9.36
CA LYS B 355 22.32 -16.77 -9.96
C LYS B 355 23.17 -16.65 -11.23
N VAL B 356 24.08 -17.61 -11.39
CA VAL B 356 25.00 -17.62 -12.53
C VAL B 356 24.83 -18.91 -13.31
N GLN B 357 24.11 -19.88 -12.73
CA GLN B 357 23.92 -21.15 -13.40
C GLN B 357 23.12 -20.95 -14.69
N PRO B 358 23.48 -21.65 -15.77
CA PRO B 358 22.82 -21.40 -17.06
C PRO B 358 21.38 -21.89 -17.09
N SER B 359 21.08 -22.96 -16.35
CA SER B 359 19.79 -23.62 -16.38
C SER B 359 19.00 -23.40 -15.08
N PHE B 360 19.13 -22.21 -14.49
CA PHE B 360 18.40 -21.93 -13.27
C PHE B 360 16.91 -21.76 -13.53
N VAL B 361 16.55 -21.00 -14.56
CA VAL B 361 15.14 -20.72 -14.82
C VAL B 361 14.41 -22.01 -15.22
N LYS B 362 15.05 -22.83 -16.05
CA LYS B 362 14.41 -24.08 -16.48
C LYS B 362 14.13 -24.98 -15.28
N GLU B 363 15.11 -25.12 -14.39
CA GLU B 363 14.89 -25.93 -13.19
C GLU B 363 13.89 -25.26 -12.25
N ARG B 364 13.93 -23.94 -12.11
CA ARG B 364 13.02 -23.26 -11.20
C ARG B 364 11.58 -23.43 -11.63
N ARG B 365 11.29 -23.28 -12.93
CA ARG B 365 9.92 -23.40 -13.40
C ARG B 365 9.37 -24.79 -13.12
N ALA B 366 10.16 -25.82 -13.37
CA ALA B 366 9.73 -27.18 -13.07
C ALA B 366 9.51 -27.37 -11.57
N MET B 367 10.40 -26.81 -10.75
CA MET B 367 10.28 -26.97 -9.31
C MET B 367 9.00 -26.32 -8.79
N LYS B 368 8.69 -25.12 -9.27
CA LYS B 368 7.47 -24.44 -8.84
C LYS B 368 6.24 -25.25 -9.22
N ARG B 369 6.24 -25.85 -10.41
CA ARG B 369 5.17 -26.75 -10.79
C ARG B 369 5.10 -27.94 -9.85
N ASP B 370 6.25 -28.53 -9.52
CA ASP B 370 6.27 -29.69 -8.64
C ASP B 370 5.76 -29.34 -7.24
N TYR B 371 6.21 -28.20 -6.70
CA TYR B 371 5.76 -27.82 -5.36
C TYR B 371 4.26 -27.57 -5.35
N GLU B 372 3.73 -26.90 -6.37
CA GLU B 372 2.29 -26.65 -6.42
C GLU B 372 1.51 -27.96 -6.47
N GLU B 373 1.99 -28.93 -7.26
CA GLU B 373 1.37 -30.24 -7.24
C GLU B 373 1.50 -30.89 -5.87
N TYR B 374 2.67 -30.76 -5.24
CA TYR B 374 2.84 -31.30 -3.89
C TYR B 374 1.91 -30.62 -2.90
N LYS B 375 1.78 -29.29 -3.00
CA LYS B 375 0.87 -28.57 -2.11
C LYS B 375 -0.55 -29.09 -2.25
N VAL B 376 -0.94 -29.47 -3.48
CA VAL B 376 -2.27 -30.05 -3.69
C VAL B 376 -2.38 -31.39 -2.99
N ARG B 377 -1.37 -32.25 -3.14
CA ARG B 377 -1.43 -33.57 -2.52
C ARG B 377 -1.51 -33.46 -1.00
N VAL B 378 -0.73 -32.57 -0.41
CA VAL B 378 -0.83 -32.35 1.04
C VAL B 378 -2.21 -31.83 1.39
N ASN B 379 -2.74 -30.89 0.61
CA ASN B 379 -4.07 -30.36 0.88
C ASN B 379 -5.12 -31.46 0.79
N ALA B 380 -4.98 -32.37 -0.19
CA ALA B 380 -5.92 -33.48 -0.30
C ALA B 380 -5.90 -34.34 0.95
N LEU B 381 -4.71 -34.65 1.46
CA LEU B 381 -4.61 -35.42 2.70
C LEU B 381 -5.18 -34.64 3.87
N VAL B 382 -4.91 -33.33 3.94
CA VAL B 382 -5.44 -32.52 5.03
C VAL B 382 -6.95 -32.51 5.01
N ALA B 383 -7.54 -32.30 3.83
CA ALA B 383 -8.99 -32.24 3.72
C ALA B 383 -9.64 -33.61 3.83
N LYS B 384 -8.91 -34.68 3.49
CA LYS B 384 -9.49 -36.02 3.56
C LYS B 384 -9.63 -36.51 5.00
N ALA B 385 -8.75 -36.07 5.90
CA ALA B 385 -8.73 -36.52 7.28
C ALA B 385 -9.71 -35.75 8.16
N GLN B 386 -10.53 -34.87 7.59
CA GLN B 386 -11.48 -34.10 8.39
C GLN B 386 -12.46 -35.00 9.12
N LYS B 387 -12.99 -36.01 8.43
CA LYS B 387 -13.96 -36.93 9.00
C LYS B 387 -13.28 -38.27 9.25
N THR B 388 -13.24 -38.68 10.51
CA THR B 388 -12.62 -39.95 10.88
C THR B 388 -13.57 -41.10 10.64
N PRO B 389 -13.08 -42.25 10.14
CA PRO B 389 -13.96 -43.42 10.02
C PRO B 389 -14.38 -43.94 11.38
N ASP B 390 -15.56 -44.55 11.42
CA ASP B 390 -16.08 -45.07 12.68
C ASP B 390 -15.17 -46.15 13.26
N GLU B 391 -14.70 -47.06 12.42
CA GLU B 391 -13.86 -48.15 12.93
C GLU B 391 -12.48 -47.64 13.32
N GLY B 392 -11.94 -46.69 12.56
CA GLY B 392 -10.62 -46.14 12.86
C GLY B 392 -9.73 -46.11 11.64
N TRP B 393 -8.65 -45.33 11.71
CA TRP B 393 -7.74 -45.21 10.58
C TRP B 393 -7.02 -46.52 10.32
N THR B 394 -6.73 -46.78 9.04
CA THR B 394 -6.02 -47.97 8.63
C THR B 394 -4.88 -47.57 7.69
N MET B 395 -3.74 -48.23 7.85
CA MET B 395 -2.57 -47.92 7.06
C MET B 395 -2.71 -48.46 5.64
N GLN B 396 -1.84 -47.97 4.75
CA GLN B 396 -1.89 -48.38 3.36
C GLN B 396 -1.58 -49.86 3.20
N ASP B 397 -0.62 -50.37 3.98
CA ASP B 397 -0.23 -51.78 3.83
C ASP B 397 -1.39 -52.71 4.12
N GLY B 398 -2.37 -52.28 4.92
CA GLY B 398 -3.51 -53.09 5.25
C GLY B 398 -3.57 -53.45 6.73
N THR B 399 -2.97 -52.60 7.56
CA THR B 399 -2.97 -52.79 9.01
C THR B 399 -3.45 -51.51 9.67
N PRO B 400 -4.10 -51.64 10.84
CA PRO B 400 -4.59 -50.44 11.52
C PRO B 400 -3.45 -49.54 11.99
N TRP B 401 -3.70 -48.24 11.97
CA TRP B 401 -2.74 -47.30 12.53
C TRP B 401 -2.58 -47.59 14.01
N PRO B 402 -1.36 -47.78 14.51
CA PRO B 402 -1.21 -48.23 15.91
C PRO B 402 -1.91 -47.33 16.91
N GLY B 403 -1.89 -46.02 16.69
CA GLY B 403 -2.57 -45.10 17.59
C GLY B 403 -3.93 -44.68 17.09
N ASN B 404 -4.99 -45.34 17.57
CA ASN B 404 -6.35 -44.97 17.24
C ASN B 404 -7.00 -44.08 18.28
N ASN B 405 -6.45 -44.05 19.50
CA ASN B 405 -6.94 -43.20 20.56
C ASN B 405 -5.88 -42.14 20.87
N THR B 406 -6.27 -40.88 20.85
CA THR B 406 -5.31 -39.80 21.09
C THR B 406 -4.70 -39.92 22.48
N ARG B 407 -5.43 -40.47 23.44
CA ARG B 407 -4.96 -40.63 24.81
C ARG B 407 -4.38 -42.00 25.09
N ASP B 408 -4.43 -42.92 24.13
CA ASP B 408 -3.92 -44.28 24.33
C ASP B 408 -3.37 -44.77 22.99
N HIS B 409 -2.05 -44.66 22.82
CA HIS B 409 -1.40 -45.16 21.62
C HIS B 409 0.00 -45.65 21.95
N PRO B 410 0.35 -46.90 21.63
CA PRO B 410 1.71 -47.37 21.88
C PRO B 410 2.73 -46.54 21.11
N GLY B 411 3.92 -46.44 21.69
CA GLY B 411 4.98 -45.67 21.07
C GLY B 411 5.30 -46.17 19.67
N MET B 412 5.61 -45.21 18.79
CA MET B 412 5.93 -45.51 17.40
C MET B 412 7.20 -44.78 17.01
N ILE B 413 8.07 -45.51 16.30
CA ILE B 413 9.30 -44.93 15.75
C ILE B 413 9.47 -45.44 14.34
N GLN B 414 9.80 -44.53 13.42
CA GLN B 414 10.05 -44.90 12.03
C GLN B 414 11.08 -43.94 11.45
N VAL B 415 11.81 -44.42 10.45
CA VAL B 415 12.88 -43.67 9.81
C VAL B 415 12.52 -43.46 8.35
N PHE B 416 12.58 -42.22 7.89
CA PHE B 416 12.28 -41.86 6.51
C PHE B 416 13.45 -41.10 5.91
N LEU B 417 13.69 -41.33 4.63
CA LEU B 417 14.70 -40.59 3.87
C LEU B 417 16.07 -40.72 4.53
N GLY B 418 16.34 -41.91 5.09
CA GLY B 418 17.61 -42.16 5.74
C GLY B 418 18.70 -42.52 4.74
N ASN B 419 19.88 -42.82 5.30
CA ASN B 419 21.00 -43.21 4.45
C ASN B 419 20.71 -44.51 3.73
N THR B 420 19.99 -45.43 4.38
CA THR B 420 19.57 -46.70 3.77
C THR B 420 18.10 -46.56 3.42
N GLY B 421 17.83 -46.01 2.24
CA GLY B 421 16.46 -45.83 1.79
C GLY B 421 16.35 -44.94 0.58
N ALA B 422 15.41 -44.01 0.60
CA ALA B 422 15.22 -43.11 -0.52
C ALA B 422 16.48 -42.28 -0.75
N ARG B 423 16.86 -42.15 -2.02
CA ARG B 423 18.03 -41.36 -2.40
C ARG B 423 17.61 -40.26 -3.35
N ASP B 424 18.53 -39.32 -3.58
CA ASP B 424 18.25 -38.18 -4.42
C ASP B 424 18.13 -38.61 -5.88
N ILE B 425 17.53 -37.72 -6.68
CA ILE B 425 17.38 -38.01 -8.10
C ILE B 425 18.74 -38.18 -8.76
N GLU B 426 19.69 -37.31 -8.43
CA GLU B 426 21.03 -37.44 -8.98
C GLU B 426 21.68 -38.74 -8.54
N GLY B 427 21.48 -39.13 -7.28
CA GLY B 427 22.05 -40.35 -6.76
C GLY B 427 22.70 -40.17 -5.40
N ASN B 428 22.63 -38.96 -4.86
CA ASN B 428 23.22 -38.65 -3.58
C ASN B 428 22.26 -39.04 -2.45
N GLU B 429 22.73 -38.95 -1.21
CA GLU B 429 21.93 -39.22 -0.03
C GLU B 429 21.41 -37.91 0.55
N LEU B 430 20.47 -38.03 1.46
CA LEU B 430 19.82 -36.88 2.11
C LEU B 430 19.79 -37.11 3.61
N PRO B 431 19.66 -36.04 4.39
CA PRO B 431 19.60 -36.20 5.85
C PRO B 431 18.46 -37.11 6.26
N ARG B 432 18.73 -37.96 7.25
CA ARG B 432 17.73 -38.90 7.72
C ARG B 432 16.65 -38.19 8.52
N LEU B 433 15.42 -38.69 8.40
CA LEU B 433 14.27 -38.16 9.10
C LEU B 433 13.67 -39.25 9.96
N VAL B 434 13.43 -38.93 11.23
CA VAL B 434 12.89 -39.89 12.20
C VAL B 434 11.58 -39.35 12.72
N TYR B 435 10.53 -40.17 12.65
CA TYR B 435 9.21 -39.84 13.19
C TYR B 435 8.98 -40.69 14.42
N VAL B 436 8.95 -40.05 15.58
CA VAL B 436 8.77 -40.73 16.86
C VAL B 436 7.54 -40.19 17.55
N SER B 437 6.65 -41.08 17.98
CA SER B 437 5.47 -40.73 18.74
C SER B 437 5.57 -41.38 20.11
N ARG B 438 5.42 -40.57 21.16
CA ARG B 438 5.55 -41.05 22.52
C ARG B 438 4.41 -42.00 22.86
N GLU B 439 4.64 -42.87 23.84
CA GLU B 439 3.64 -43.81 24.32
C GLU B 439 2.84 -43.17 25.44
N LYS B 440 1.55 -42.95 25.20
CA LYS B 440 0.65 -42.38 26.19
C LYS B 440 -0.36 -43.44 26.61
N ARG B 441 -0.52 -43.58 27.93
CA ARG B 441 -1.50 -44.49 28.51
C ARG B 441 -2.28 -43.75 29.58
N PRO B 442 -3.54 -44.12 29.80
CA PRO B 442 -4.34 -43.44 30.82
C PRO B 442 -3.75 -43.62 32.21
N GLY B 443 -3.91 -42.58 33.03
CA GLY B 443 -3.41 -42.60 34.38
C GLY B 443 -2.01 -42.04 34.56
N TYR B 444 -1.45 -41.41 33.54
CA TYR B 444 -0.11 -40.82 33.60
C TYR B 444 -0.16 -39.40 33.09
N GLN B 445 0.72 -38.56 33.64
CA GLN B 445 0.81 -37.15 33.27
C GLN B 445 1.94 -36.97 32.26
N HIS B 446 1.60 -36.47 31.08
CA HIS B 446 2.56 -36.20 30.03
C HIS B 446 2.62 -34.70 29.79
N HIS B 447 3.81 -34.12 29.92
CA HIS B 447 3.98 -32.68 29.80
C HIS B 447 3.87 -32.24 28.36
N LYS B 448 3.50 -30.98 28.18
CA LYS B 448 3.23 -30.45 26.84
C LYS B 448 4.45 -30.56 25.93
N LYS B 449 5.52 -29.85 26.27
CA LYS B 449 6.70 -29.74 25.43
C LYS B 449 7.94 -30.34 26.06
N ALA B 450 8.12 -30.17 27.38
CA ALA B 450 9.31 -30.72 28.03
C ALA B 450 9.37 -32.24 27.89
N GLY B 451 8.23 -32.91 28.08
CA GLY B 451 8.22 -34.36 27.92
C GLY B 451 8.57 -34.78 26.51
N ALA B 452 8.02 -34.10 25.51
CA ALA B 452 8.33 -34.44 24.13
C ALA B 452 9.81 -34.22 23.82
N GLU B 453 10.36 -33.09 24.27
CA GLU B 453 11.77 -32.82 24.05
C GLU B 453 12.65 -33.85 24.74
N ASN B 454 12.31 -34.20 25.98
CA ASN B 454 13.09 -35.21 26.70
C ASN B 454 13.02 -36.55 25.98
N ALA B 455 11.83 -36.92 25.49
CA ALA B 455 11.72 -38.16 24.71
C ALA B 455 12.58 -38.10 23.46
N LEU B 456 12.60 -36.95 22.79
CA LEU B 456 13.44 -36.81 21.61
C LEU B 456 14.92 -36.98 21.95
N VAL B 457 15.36 -36.39 23.07
CA VAL B 457 16.76 -36.49 23.44
C VAL B 457 17.15 -37.95 23.67
N ARG B 458 16.32 -38.69 24.41
CA ARG B 458 16.62 -40.10 24.66
C ARG B 458 16.62 -40.90 23.35
N VAL B 459 15.63 -40.66 22.49
CA VAL B 459 15.58 -41.36 21.21
C VAL B 459 16.77 -40.97 20.34
N SER B 460 17.08 -39.67 20.27
CA SER B 460 18.20 -39.23 19.45
C SER B 460 19.51 -39.84 19.92
N ALA B 461 19.71 -39.96 21.23
CA ALA B 461 20.93 -40.56 21.74
C ALA B 461 21.07 -42.01 21.29
N VAL B 462 19.99 -42.78 21.37
CA VAL B 462 20.07 -44.19 21.01
C VAL B 462 20.23 -44.37 19.50
N LEU B 463 19.45 -43.62 18.71
CA LEU B 463 19.48 -43.81 17.26
C LEU B 463 20.75 -43.25 16.65
N THR B 464 20.95 -41.93 16.75
CA THR B 464 22.13 -41.27 16.20
C THR B 464 22.61 -40.25 17.24
N ASN B 465 23.50 -40.66 18.13
CA ASN B 465 24.04 -39.75 19.12
C ASN B 465 24.85 -38.67 18.43
N ALA B 466 24.62 -37.42 18.82
CA ALA B 466 25.33 -36.27 18.29
C ALA B 466 25.82 -35.42 19.44
N PRO B 467 26.96 -34.75 19.29
CA PRO B 467 27.46 -33.88 20.37
C PRO B 467 26.67 -32.59 20.53
N TYR B 468 25.79 -32.25 19.60
CA TYR B 468 25.03 -31.02 19.66
C TYR B 468 23.59 -31.30 19.25
N ILE B 469 22.66 -30.56 19.86
CA ILE B 469 21.23 -30.72 19.63
C ILE B 469 20.65 -29.35 19.31
N LEU B 470 19.93 -29.26 18.18
CA LEU B 470 19.27 -28.03 17.77
C LEU B 470 17.77 -28.23 17.87
N ASN B 471 17.12 -27.33 18.61
CA ASN B 471 15.69 -27.42 18.88
C ASN B 471 14.95 -26.32 18.12
N LEU B 472 13.87 -26.70 17.45
CA LEU B 472 13.06 -25.76 16.69
C LEU B 472 11.59 -26.11 16.87
N ASP B 473 10.74 -25.10 16.74
CA ASP B 473 9.30 -25.28 16.70
C ASP B 473 8.85 -25.48 15.26
N CYS B 474 7.66 -26.06 15.11
CA CYS B 474 7.13 -26.30 13.77
C CYS B 474 6.93 -25.00 13.01
N ASP B 475 6.45 -23.96 13.69
CA ASP B 475 6.20 -22.69 13.01
C ASP B 475 7.48 -22.10 12.46
N HIS B 476 8.57 -22.14 13.23
CA HIS B 476 9.82 -21.55 12.81
C HIS B 476 10.49 -22.41 11.73
N TYR B 477 11.20 -21.74 10.82
CA TYR B 477 11.93 -22.40 9.76
C TYR B 477 13.29 -21.72 9.60
N VAL B 478 14.24 -22.46 9.04
CA VAL B 478 15.59 -21.95 8.81
C VAL B 478 15.58 -21.05 7.59
N ASN B 479 16.08 -19.82 7.76
CA ASN B 479 16.16 -18.86 6.67
C ASN B 479 17.55 -18.76 6.06
N ASN B 480 18.60 -19.15 6.77
CA ASN B 480 19.97 -19.11 6.28
C ASN B 480 20.51 -20.53 6.22
N SER B 481 20.98 -20.93 5.04
CA SER B 481 21.56 -22.25 4.86
C SER B 481 22.86 -22.44 5.64
N LYS B 482 23.53 -21.35 6.00
CA LYS B 482 24.80 -21.40 6.72
C LYS B 482 24.61 -21.34 8.23
N ALA B 483 23.36 -21.39 8.71
CA ALA B 483 23.11 -21.23 10.14
C ALA B 483 23.82 -22.32 10.94
N VAL B 484 23.80 -23.55 10.45
CA VAL B 484 24.47 -24.64 11.16
C VAL B 484 25.96 -24.35 11.28
N ARG B 485 26.59 -23.93 10.18
CA ARG B 485 28.02 -23.59 10.23
C ARG B 485 28.26 -22.41 11.16
N GLU B 486 27.40 -21.39 11.11
CA GLU B 486 27.54 -20.25 11.99
C GLU B 486 27.39 -20.66 13.45
N ALA B 487 26.39 -21.50 13.75
CA ALA B 487 26.22 -21.98 15.11
C ALA B 487 27.38 -22.87 15.54
N MET B 488 27.87 -23.73 14.64
CA MET B 488 28.90 -24.70 15.00
C MET B 488 30.28 -24.07 15.09
N CYS B 489 30.50 -22.91 14.45
CA CYS B 489 31.82 -22.29 14.48
C CYS B 489 32.19 -21.80 15.87
N ILE B 490 31.23 -21.67 16.79
CA ILE B 490 31.50 -21.20 18.14
C ILE B 490 31.60 -22.40 19.06
N LEU B 491 30.81 -23.44 18.79
CA LEU B 491 30.77 -24.62 19.63
C LEU B 491 31.98 -25.54 19.45
N MET B 492 32.51 -25.65 18.23
CA MET B 492 33.65 -26.51 17.97
C MET B 492 34.98 -25.78 18.09
N ASP B 493 34.96 -24.49 18.41
CA ASP B 493 36.20 -23.75 18.61
C ASP B 493 36.91 -24.30 19.85
N PRO B 494 38.16 -24.76 19.74
CA PRO B 494 38.79 -25.41 20.90
C PRO B 494 38.84 -24.54 22.15
N GLN B 495 39.03 -23.22 22.00
CA GLN B 495 39.25 -22.36 23.15
C GLN B 495 37.94 -21.79 23.71
N VAL B 496 37.24 -20.98 22.91
CA VAL B 496 36.03 -20.33 23.41
C VAL B 496 34.90 -21.34 23.58
N GLY B 497 34.85 -22.36 22.73
CA GLY B 497 33.78 -23.34 22.75
C GLY B 497 33.90 -24.44 23.77
N ARG B 498 34.91 -24.36 24.65
CA ARG B 498 35.09 -25.42 25.65
C ARG B 498 33.87 -25.52 26.57
N ASP B 499 33.33 -24.38 27.00
CA ASP B 499 32.21 -24.34 27.93
C ASP B 499 31.08 -23.52 27.29
N VAL B 500 30.23 -24.19 26.53
CA VAL B 500 29.06 -23.55 25.92
C VAL B 500 27.90 -24.53 25.93
N CYS B 501 26.87 -24.22 26.73
CA CYS B 501 25.70 -25.10 26.79
C CYS B 501 24.88 -25.01 25.51
N TYR B 502 24.63 -23.81 25.01
CA TYR B 502 23.87 -23.65 23.79
C TYR B 502 24.15 -22.27 23.19
N VAL B 503 23.81 -22.13 21.92
CA VAL B 503 23.98 -20.88 21.18
C VAL B 503 22.60 -20.38 20.82
N GLN B 504 22.21 -19.24 21.39
CA GLN B 504 20.89 -18.68 21.18
C GLN B 504 20.85 -17.85 19.89
N PHE B 505 19.78 -18.02 19.13
CA PHE B 505 19.53 -17.22 17.94
C PHE B 505 18.27 -16.39 18.13
N PRO B 506 18.29 -15.10 17.77
CA PRO B 506 17.08 -14.30 17.89
C PRO B 506 15.97 -14.85 17.00
N GLN B 507 14.75 -14.80 17.52
CA GLN B 507 13.58 -15.24 16.78
C GLN B 507 12.98 -14.05 16.04
N ARG B 508 12.87 -14.16 14.72
CA ARG B 508 12.35 -13.10 13.88
C ARG B 508 11.09 -13.58 13.19
N PHE B 509 10.10 -12.69 13.13
CA PHE B 509 8.78 -13.02 12.61
C PHE B 509 8.54 -12.26 11.30
N ASP B 510 8.02 -12.99 10.32
CA ASP B 510 7.66 -12.45 9.01
C ASP B 510 6.16 -12.25 8.95
N GLY B 511 5.69 -11.78 7.80
CA GLY B 511 4.26 -11.54 7.65
C GLY B 511 3.73 -10.49 8.62
N ILE B 512 4.54 -9.48 8.93
CA ILE B 512 4.19 -8.43 9.88
C ILE B 512 4.18 -7.11 9.14
N ASP B 513 3.13 -6.33 9.37
CA ASP B 513 3.01 -5.03 8.72
C ASP B 513 4.14 -4.10 9.16
N ARG B 514 4.42 -3.10 8.34
CA ARG B 514 5.50 -2.16 8.65
C ARG B 514 5.32 -1.54 10.03
N SER B 515 4.07 -1.30 10.44
CA SER B 515 3.77 -0.75 11.76
C SER B 515 3.42 -1.89 12.70
N ASP B 516 4.37 -2.24 13.57
CA ASP B 516 4.16 -3.32 14.54
C ASP B 516 3.30 -2.77 15.68
N ARG B 517 1.98 -2.81 15.45
CA ARG B 517 1.04 -2.25 16.42
C ARG B 517 1.12 -2.96 17.76
N TYR B 518 1.22 -4.29 17.74
CA TYR B 518 1.21 -5.09 18.95
C TYR B 518 2.61 -5.48 19.41
N ALA B 519 3.65 -4.90 18.82
CA ALA B 519 5.03 -5.20 19.20
C ALA B 519 5.31 -6.69 19.13
N ASN B 520 4.77 -7.34 18.08
CA ASN B 520 4.98 -8.78 17.92
C ASN B 520 6.45 -9.12 17.72
N ARG B 521 7.21 -8.21 17.12
CA ARG B 521 8.62 -8.49 16.83
C ARG B 521 9.41 -8.69 18.12
N ASN B 522 9.14 -7.89 19.15
CA ASN B 522 9.85 -7.96 20.43
C ASN B 522 11.35 -7.77 20.21
N ILE B 523 11.67 -6.87 19.29
CA ILE B 523 13.08 -6.63 18.95
C ILE B 523 13.84 -5.97 20.10
N VAL B 524 13.17 -5.21 20.96
CA VAL B 524 13.88 -4.57 22.06
C VAL B 524 14.54 -5.61 22.96
N PHE B 525 13.81 -6.66 23.30
CA PHE B 525 14.39 -7.71 24.16
C PHE B 525 15.57 -8.38 23.48
N PHE B 526 15.44 -8.71 22.18
CA PHE B 526 16.50 -9.42 21.50
C PHE B 526 17.65 -8.49 21.13
N ASP B 527 17.35 -7.27 20.71
CA ASP B 527 18.37 -6.33 20.26
C ASP B 527 18.97 -5.50 21.40
N VAL B 528 18.40 -5.57 22.60
CA VAL B 528 18.93 -4.79 23.72
C VAL B 528 19.22 -5.70 24.90
N ASN B 529 18.19 -6.36 25.42
CA ASN B 529 18.36 -7.16 26.63
C ASN B 529 19.24 -8.38 26.37
N MET B 530 18.94 -9.13 25.30
CA MET B 530 19.70 -10.35 25.03
C MET B 530 21.17 -10.03 24.75
N LYS B 531 21.43 -8.99 23.96
CA LYS B 531 22.81 -8.58 23.73
C LYS B 531 23.47 -8.11 25.01
N GLY B 532 22.76 -7.29 25.79
CA GLY B 532 23.32 -6.83 27.05
C GLY B 532 23.57 -7.96 28.02
N LEU B 533 22.61 -8.88 28.15
CA LEU B 533 22.78 -10.02 29.03
C LEU B 533 23.84 -10.99 28.53
N ASP B 534 24.18 -10.93 27.24
CA ASP B 534 25.19 -11.81 26.67
C ASP B 534 26.59 -11.54 27.22
N GLY B 535 26.82 -10.35 27.79
CA GLY B 535 28.16 -10.01 28.23
C GLY B 535 28.59 -10.71 29.51
N ILE B 536 27.64 -11.11 30.35
CA ILE B 536 27.97 -11.69 31.64
C ILE B 536 28.27 -13.18 31.47
N GLN B 537 27.26 -13.94 31.10
CA GLN B 537 27.43 -15.34 30.70
C GLN B 537 26.84 -15.61 29.32
N GLY B 538 25.61 -15.18 29.08
CA GLY B 538 24.96 -15.41 27.81
C GLY B 538 23.47 -15.16 27.87
N PRO B 539 22.78 -15.31 26.74
CA PRO B 539 21.34 -15.07 26.71
C PRO B 539 20.56 -16.09 27.52
N MET B 540 19.24 -15.97 27.53
CA MET B 540 18.35 -16.91 28.18
C MET B 540 17.64 -17.76 27.13
N TYR B 541 17.32 -19.00 27.52
CA TYR B 541 16.65 -19.91 26.60
C TYR B 541 15.26 -19.38 26.28
N VAL B 542 14.98 -19.22 24.98
CA VAL B 542 13.70 -18.70 24.52
C VAL B 542 12.74 -19.82 24.13
N GLY B 543 13.27 -20.92 23.61
CA GLY B 543 12.45 -22.06 23.25
C GLY B 543 12.76 -22.63 21.90
N THR B 544 13.40 -21.83 21.03
CA THR B 544 13.70 -22.23 19.67
C THR B 544 15.04 -21.66 19.25
N GLY B 545 15.64 -22.29 18.23
CA GLY B 545 16.88 -21.81 17.66
C GLY B 545 18.05 -21.85 18.62
N CYS B 546 18.20 -22.96 19.35
CA CYS B 546 19.31 -23.13 20.26
C CYS B 546 20.00 -24.45 19.97
N VAL B 547 21.32 -24.42 19.80
CA VAL B 547 22.12 -25.60 19.54
C VAL B 547 22.67 -26.08 20.87
N PHE B 548 21.91 -26.95 21.54
CA PHE B 548 22.26 -27.46 22.86
C PHE B 548 23.37 -28.51 22.75
N ASN B 549 24.36 -28.40 23.63
CA ASN B 549 25.34 -29.46 23.77
C ASN B 549 24.67 -30.67 24.43
N ARG B 550 24.90 -31.85 23.85
CA ARG B 550 24.23 -33.05 24.38
C ARG B 550 24.65 -33.30 25.83
N GLN B 551 25.93 -33.13 26.13
CA GLN B 551 26.39 -33.32 27.50
C GLN B 551 25.74 -32.33 28.46
N ALA B 552 25.52 -31.09 28.02
CA ALA B 552 24.89 -30.10 28.88
C ALA B 552 23.48 -30.52 29.27
N LEU B 553 22.71 -31.05 28.32
CA LEU B 553 21.35 -31.48 28.61
C LEU B 553 21.33 -32.59 29.66
N TYR B 554 22.28 -33.52 29.57
CA TYR B 554 22.35 -34.60 30.54
C TYR B 554 22.63 -34.10 31.94
N GLY B 555 23.13 -32.87 32.08
CA GLY B 555 23.39 -32.29 33.38
C GLY B 555 24.68 -32.79 34.01
N TYR B 556 25.80 -32.59 33.31
CA TYR B 556 27.11 -32.98 33.81
C TYR B 556 27.88 -31.81 34.40
N GLY B 557 27.93 -30.68 33.70
CA GLY B 557 28.70 -29.53 34.12
C GLY B 557 29.76 -29.18 33.11
N PRO B 558 30.16 -27.91 33.07
CA PRO B 558 31.15 -27.50 32.07
C PRO B 558 32.48 -28.20 32.31
N PRO B 559 33.22 -28.49 31.24
CA PRO B 559 34.53 -29.12 31.42
C PRO B 559 35.53 -28.18 32.07
N SER B 560 36.69 -28.74 32.40
CA SER B 560 37.78 -28.01 33.05
C SER B 560 37.42 -27.53 34.44
N MET B 561 36.50 -28.21 35.12
CA MET B 561 36.13 -27.89 36.49
C MET B 561 36.18 -29.15 37.35
N PRO B 562 36.36 -29.00 38.65
CA PRO B 562 36.54 -30.18 39.52
C PRO B 562 35.31 -31.07 39.61
N ARG B 563 34.16 -30.48 39.91
CA ARG B 563 32.93 -31.23 40.12
C ARG B 563 31.79 -30.59 39.35
N LEU B 564 30.71 -31.36 39.22
CA LEU B 564 29.51 -30.89 38.52
C LEU B 564 28.92 -29.66 39.21
N SER B 623 28.83 -44.92 38.83
CA SER B 623 28.51 -46.34 38.83
C SER B 623 27.26 -46.62 38.01
N GLN B 624 27.05 -47.90 37.67
CA GLN B 624 25.89 -48.26 36.86
C GLN B 624 24.60 -47.88 37.56
N LEU B 625 24.51 -48.10 38.87
CA LEU B 625 23.33 -47.69 39.61
C LEU B 625 23.15 -46.18 39.56
N SER B 626 24.23 -45.43 39.77
CA SER B 626 24.15 -43.98 39.66
C SER B 626 23.75 -43.56 38.25
N PHE B 627 24.36 -44.17 37.23
CA PHE B 627 23.92 -43.93 35.86
C PHE B 627 22.50 -44.41 35.67
N GLU B 628 22.16 -45.59 36.21
CA GLU B 628 20.81 -46.11 36.06
C GLU B 628 19.78 -45.18 36.71
N LYS B 629 20.01 -44.83 37.98
CA LYS B 629 19.11 -43.91 38.67
C LYS B 629 19.12 -42.48 38.12
N THR B 630 20.20 -42.09 37.44
CA THR B 630 20.31 -40.74 36.89
C THR B 630 19.75 -40.64 35.48
N PHE B 631 19.80 -41.72 34.70
CA PHE B 631 19.34 -41.70 33.31
C PHE B 631 18.12 -42.60 33.10
N GLY B 632 18.21 -43.87 33.47
CA GLY B 632 17.11 -44.78 33.25
C GLY B 632 17.55 -46.22 33.48
N LEU B 633 16.73 -47.13 32.97
CA LEU B 633 17.01 -48.56 33.06
C LEU B 633 17.58 -49.15 31.78
N SER B 634 17.46 -48.46 30.66
CA SER B 634 17.98 -48.99 29.41
C SER B 634 19.50 -49.01 29.43
N PRO B 635 20.14 -50.17 29.27
CA PRO B 635 21.61 -50.19 29.27
C PRO B 635 22.22 -49.48 28.06
N VAL B 636 21.51 -49.53 26.94
CA VAL B 636 22.02 -48.90 25.71
C VAL B 636 22.13 -47.40 25.90
N PHE B 637 21.07 -46.76 26.39
CA PHE B 637 21.13 -45.32 26.62
C PHE B 637 22.15 -44.99 27.70
N ILE B 638 22.23 -45.81 28.75
CA ILE B 638 23.23 -45.58 29.80
C ILE B 638 24.63 -45.65 29.20
N GLU B 639 24.88 -46.64 28.35
CA GLU B 639 26.19 -46.75 27.71
C GLU B 639 26.37 -45.71 26.61
N SER B 640 25.26 -45.24 26.02
CA SER B 640 25.35 -44.30 24.92
C SER B 640 26.03 -43.00 25.35
N THR B 641 25.68 -42.48 26.52
CA THR B 641 26.23 -41.20 26.97
C THR B 641 27.73 -41.28 27.20
N LEU B 642 28.28 -42.47 27.45
CA LEU B 642 29.71 -42.60 27.68
C LEU B 642 30.54 -42.25 26.45
N MET B 643 29.94 -42.27 25.26
CA MET B 643 30.67 -41.94 24.05
C MET B 643 31.22 -40.52 24.13
N GLU B 644 32.50 -40.37 23.79
CA GLU B 644 33.14 -39.05 23.88
C GLU B 644 32.55 -38.10 22.85
N ASN B 645 32.28 -38.58 21.64
CA ASN B 645 31.77 -37.74 20.56
C ASN B 645 30.33 -38.09 20.19
N GLY B 646 30.05 -39.35 19.88
CA GLY B 646 28.71 -39.78 19.53
C GLY B 646 28.70 -40.74 18.35
N GLY B 647 27.84 -41.73 18.43
CA GLY B 647 27.69 -42.73 17.38
C GLY B 647 27.30 -44.09 17.95
N VAL B 648 26.93 -44.97 17.05
CA VAL B 648 26.57 -46.33 17.46
C VAL B 648 27.82 -47.02 18.02
N PRO B 649 27.79 -47.51 19.26
CA PRO B 649 29.03 -48.02 19.87
C PRO B 649 29.57 -49.27 19.20
N GLU B 650 28.72 -50.29 19.05
CA GLU B 650 29.13 -51.57 18.49
C GLU B 650 28.44 -51.89 17.18
N SER B 651 27.90 -50.88 16.49
CA SER B 651 27.23 -51.03 15.18
C SER B 651 26.31 -52.25 15.09
N ALA B 652 25.39 -52.38 16.05
CA ALA B 652 24.43 -53.46 16.05
C ALA B 652 23.43 -53.34 14.89
N ASN B 653 22.60 -54.38 14.73
CA ASN B 653 21.62 -54.38 13.66
C ASN B 653 20.57 -53.29 13.89
N SER B 654 20.00 -52.80 12.79
CA SER B 654 19.05 -51.71 12.88
C SER B 654 17.83 -52.10 13.70
N SER B 655 17.42 -53.36 13.63
CA SER B 655 16.22 -53.79 14.36
C SER B 655 16.40 -53.61 15.86
N THR B 656 17.56 -54.01 16.40
CA THR B 656 17.78 -53.92 17.84
C THR B 656 17.69 -52.47 18.31
N LEU B 657 18.29 -51.54 17.56
CA LEU B 657 18.21 -50.13 17.92
C LEU B 657 16.76 -49.66 17.91
N ILE B 658 15.98 -50.07 16.91
CA ILE B 658 14.57 -49.72 16.87
C ILE B 658 13.84 -50.30 18.08
N LYS B 659 14.13 -51.57 18.40
CA LYS B 659 13.54 -52.16 19.60
C LYS B 659 13.99 -51.43 20.85
N GLU B 660 15.22 -50.93 20.86
CA GLU B 660 15.69 -50.14 22.00
C GLU B 660 15.08 -48.74 22.02
N ALA B 661 15.01 -48.10 20.86
CA ALA B 661 14.43 -46.76 20.79
C ALA B 661 12.94 -46.78 21.14
N ILE B 662 12.22 -47.78 20.64
CA ILE B 662 10.81 -47.90 20.97
C ILE B 662 10.64 -48.20 22.45
N HIS B 663 11.56 -48.97 23.03
CA HIS B 663 11.50 -49.31 24.44
C HIS B 663 11.91 -48.15 25.35
N VAL B 664 12.74 -47.23 24.86
CA VAL B 664 13.27 -46.16 25.71
C VAL B 664 12.34 -44.95 25.68
N ILE B 665 11.14 -45.13 25.15
CA ILE B 665 10.13 -44.08 25.17
C ILE B 665 8.90 -44.60 25.89
N GLY B 666 9.09 -45.52 26.83
CA GLY B 666 7.99 -46.05 27.59
C GLY B 666 7.30 -44.97 28.40
N CYS B 667 5.98 -45.17 28.59
CA CYS B 667 5.20 -44.19 29.34
C CYS B 667 5.73 -44.03 30.75
N GLY B 668 6.11 -45.13 31.40
CA GLY B 668 6.65 -45.07 32.74
C GLY B 668 8.15 -45.28 32.77
N PHE B 669 8.87 -44.72 31.80
CA PHE B 669 10.32 -44.83 31.79
C PHE B 669 10.95 -43.89 32.81
N GLU B 670 10.38 -42.70 32.99
CA GLU B 670 10.92 -41.70 33.91
C GLU B 670 10.21 -41.80 35.26
N GLU B 671 10.41 -42.95 35.92
CA GLU B 671 9.83 -43.19 37.24
C GLU B 671 10.86 -42.97 38.35
N LYS B 672 11.97 -43.69 38.29
CA LYS B 672 13.07 -43.55 39.25
C LYS B 672 14.13 -42.58 38.78
N THR B 673 13.99 -42.02 37.58
CA THR B 673 15.03 -41.20 37.00
C THR B 673 14.92 -39.75 37.49
N GLU B 674 15.93 -38.95 37.16
CA GLU B 674 15.96 -37.53 37.47
C GLU B 674 15.54 -36.67 36.29
N TRP B 675 15.00 -37.27 35.23
CA TRP B 675 14.55 -36.49 34.08
C TRP B 675 13.53 -35.45 34.52
N GLY B 676 13.72 -34.23 34.04
CA GLY B 676 12.86 -33.12 34.44
C GLY B 676 13.32 -32.43 35.70
N LYS B 677 13.58 -33.20 36.76
CA LYS B 677 14.02 -32.61 38.02
C LYS B 677 15.37 -31.90 37.84
N GLU B 678 16.35 -32.60 37.27
CA GLU B 678 17.71 -32.08 37.17
C GLU B 678 18.35 -32.28 35.81
N ILE B 679 17.71 -33.00 34.88
CA ILE B 679 18.32 -33.39 33.62
C ILE B 679 17.37 -33.04 32.49
N GLY B 680 17.92 -32.47 31.41
CA GLY B 680 17.13 -32.16 30.25
C GLY B 680 16.13 -31.04 30.52
N TRP B 681 15.12 -30.98 29.65
CA TRP B 681 14.06 -29.99 29.83
C TRP B 681 13.38 -30.18 31.17
N ILE B 682 13.11 -29.08 31.85
CA ILE B 682 12.65 -29.10 33.23
C ILE B 682 11.12 -29.00 33.25
N TYR B 683 10.49 -29.94 33.95
CA TYR B 683 9.05 -29.93 34.11
C TYR B 683 8.63 -28.83 35.09
N GLY B 684 7.32 -28.58 35.13
CA GLY B 684 6.77 -27.60 36.05
C GLY B 684 6.09 -26.43 35.38
N SER B 685 6.74 -25.28 35.37
CA SER B 685 6.14 -24.07 34.81
C SER B 685 5.88 -24.23 33.32
N VAL B 686 4.88 -23.50 32.84
CA VAL B 686 4.56 -23.54 31.41
C VAL B 686 5.74 -23.06 30.58
N THR B 687 6.37 -21.97 31.02
CA THR B 687 7.54 -21.42 30.34
C THR B 687 8.80 -22.17 30.81
N GLU B 688 8.81 -23.48 30.49
CA GLU B 688 9.94 -24.32 30.88
C GLU B 688 11.24 -23.88 30.24
N ASP B 689 11.17 -23.09 29.15
CA ASP B 689 12.39 -22.61 28.52
C ASP B 689 13.24 -21.80 29.48
N ILE B 690 12.63 -20.83 30.18
CA ILE B 690 13.37 -20.01 31.13
C ILE B 690 13.89 -20.88 32.28
N LEU B 691 13.04 -21.74 32.81
CA LEU B 691 13.46 -22.62 33.90
C LEU B 691 14.55 -23.59 33.44
N SER B 692 14.38 -24.17 32.24
CA SER B 692 15.37 -25.11 31.74
C SER B 692 16.72 -24.44 31.52
N GLY B 693 16.73 -23.25 30.94
CA GLY B 693 17.97 -22.54 30.72
C GLY B 693 18.62 -22.11 32.03
N PHE B 694 17.81 -21.73 33.01
CA PHE B 694 18.36 -21.23 34.27
C PHE B 694 19.20 -22.31 34.97
N LYS B 695 18.70 -23.54 35.01
CA LYS B 695 19.43 -24.60 35.70
C LYS B 695 20.76 -24.89 35.03
N MET B 696 20.78 -24.92 33.69
CA MET B 696 22.02 -25.21 32.98
C MET B 696 23.08 -24.14 33.27
N HIS B 697 22.68 -22.87 33.27
CA HIS B 697 23.62 -21.81 33.62
C HIS B 697 24.02 -21.86 35.08
N CYS B 698 23.21 -22.48 35.94
CA CYS B 698 23.52 -22.57 37.36
C CYS B 698 24.70 -23.48 37.66
N ARG B 699 25.08 -24.36 36.74
CA ARG B 699 26.20 -25.26 36.94
C ARG B 699 27.48 -24.74 36.30
N GLY B 700 27.52 -23.46 35.93
CA GLY B 700 28.71 -22.86 35.36
C GLY B 700 28.74 -22.87 33.84
N TRP B 701 27.76 -23.45 33.18
CA TRP B 701 27.73 -23.43 31.72
C TRP B 701 27.56 -21.99 31.21
N ARG B 702 28.06 -21.76 30.01
CA ARG B 702 27.97 -20.46 29.35
C ARG B 702 27.15 -20.62 28.08
N SER B 703 26.47 -19.54 27.70
CA SER B 703 25.69 -19.51 26.47
C SER B 703 26.15 -18.35 25.61
N ILE B 704 25.99 -18.51 24.30
CA ILE B 704 26.46 -17.53 23.34
C ILE B 704 25.27 -16.99 22.55
N TYR B 705 25.41 -15.76 22.08
CA TYR B 705 24.39 -15.09 21.28
C TYR B 705 24.91 -14.90 19.87
N CYS B 706 24.15 -15.40 18.89
CA CYS B 706 24.49 -15.28 17.49
C CYS B 706 23.50 -14.36 16.79
N MET B 707 24.02 -13.39 16.06
CA MET B 707 23.20 -12.47 15.27
C MET B 707 23.76 -12.43 13.85
N PRO B 708 23.52 -13.47 13.06
CA PRO B 708 23.96 -13.44 11.66
C PRO B 708 23.26 -12.34 10.90
N VAL B 709 23.90 -11.91 9.81
CA VAL B 709 23.32 -10.84 8.99
C VAL B 709 21.91 -11.22 8.56
N ARG B 710 21.75 -12.45 8.08
CA ARG B 710 20.42 -12.99 7.87
C ARG B 710 19.84 -13.46 9.20
N PRO B 711 18.51 -13.47 9.34
CA PRO B 711 17.93 -13.95 10.61
C PRO B 711 18.35 -15.36 10.98
N ALA B 712 18.49 -16.26 9.99
CA ALA B 712 18.91 -17.63 10.22
C ALA B 712 17.80 -18.47 10.85
N PHE B 713 16.74 -17.82 11.32
CA PHE B 713 15.59 -18.51 11.89
C PHE B 713 14.41 -17.56 11.83
N LYS B 714 13.34 -17.98 11.16
CA LYS B 714 12.16 -17.16 11.03
C LYS B 714 10.92 -18.01 11.27
N GLY B 715 9.92 -17.41 11.89
CA GLY B 715 8.65 -18.08 12.12
C GLY B 715 7.49 -17.14 11.91
N SER B 716 6.37 -17.42 12.57
CA SER B 716 5.18 -16.59 12.48
C SER B 716 4.82 -16.07 13.87
N ALA B 717 4.25 -14.87 13.89
CA ALA B 717 3.83 -14.20 15.12
C ALA B 717 2.32 -14.18 15.18
N PRO B 718 1.74 -14.06 16.38
CA PRO B 718 0.28 -13.93 16.47
C PRO B 718 -0.22 -12.75 15.66
N ILE B 719 -1.32 -12.97 14.96
CA ILE B 719 -1.94 -11.92 14.15
C ILE B 719 -3.10 -11.24 14.87
N ASN B 720 -3.79 -11.94 15.78
CA ASN B 720 -4.89 -11.38 16.53
C ASN B 720 -4.47 -11.15 17.97
N LEU B 721 -5.03 -10.11 18.59
CA LEU B 721 -4.63 -9.75 19.95
C LEU B 721 -4.95 -10.87 20.93
N SER B 722 -6.09 -11.54 20.75
CA SER B 722 -6.45 -12.62 21.67
C SER B 722 -5.32 -13.63 21.79
N ASP B 723 -4.70 -14.01 20.68
CA ASP B 723 -3.54 -14.89 20.74
C ASP B 723 -2.35 -14.21 21.39
N ARG B 724 -2.10 -12.95 21.03
CA ARG B 724 -0.97 -12.22 21.60
C ARG B 724 -1.16 -12.04 23.11
N LEU B 725 -2.36 -11.63 23.53
CA LEU B 725 -2.60 -11.40 24.95
C LEU B 725 -2.55 -12.71 25.73
N HIS B 726 -3.10 -13.78 25.16
CA HIS B 726 -2.97 -15.09 25.80
C HIS B 726 -1.52 -15.50 25.91
N GLN B 727 -0.73 -15.25 24.86
CA GLN B 727 0.69 -15.60 24.90
C GLN B 727 1.40 -14.84 26.02
N VAL B 728 1.10 -13.56 26.20
CA VAL B 728 1.69 -12.80 27.29
C VAL B 728 1.26 -13.38 28.63
N LEU B 729 -0.02 -13.75 28.75
CA LEU B 729 -0.51 -14.33 29.99
C LEU B 729 0.23 -15.63 30.31
N ARG B 730 0.48 -16.46 29.29
CA ARG B 730 1.17 -17.73 29.53
C ARG B 730 2.57 -17.48 30.08
N TRP B 731 3.29 -16.51 29.53
CA TRP B 731 4.63 -16.21 30.03
C TRP B 731 4.58 -15.74 31.47
N ALA B 732 3.63 -14.84 31.79
CA ALA B 732 3.53 -14.34 33.16
C ALA B 732 3.17 -15.46 34.12
N LEU B 733 2.23 -16.33 33.73
CA LEU B 733 1.86 -17.44 34.60
C LEU B 733 3.04 -18.36 34.85
N GLY B 734 3.81 -18.67 33.80
CA GLY B 734 4.98 -19.52 33.98
C GLY B 734 6.03 -18.89 34.86
N SER B 735 6.32 -17.60 34.65
CA SER B 735 7.29 -16.91 35.48
C SER B 735 6.84 -16.86 36.93
N VAL B 736 5.55 -16.58 37.15
CA VAL B 736 5.01 -16.59 38.50
C VAL B 736 5.13 -17.98 39.11
N GLU B 737 4.83 -19.01 38.33
CA GLU B 737 4.97 -20.38 38.82
C GLU B 737 6.43 -20.68 39.16
N ILE B 738 7.37 -20.19 38.35
CA ILE B 738 8.78 -20.34 38.68
C ILE B 738 9.10 -19.62 39.98
N PHE B 739 8.50 -18.44 40.18
CA PHE B 739 8.82 -17.63 41.35
C PHE B 739 8.49 -18.37 42.64
N PHE B 740 7.34 -19.02 42.69
CA PHE B 740 6.89 -19.73 43.89
C PHE B 740 7.34 -21.18 43.92
N SER B 741 8.06 -21.65 42.90
CA SER B 741 8.56 -23.01 42.87
C SER B 741 9.93 -23.07 43.54
N ARG B 742 10.43 -24.29 43.74
CA ARG B 742 11.74 -24.46 44.37
C ARG B 742 12.84 -23.86 43.52
N HIS B 743 12.64 -23.81 42.20
CA HIS B 743 13.63 -23.25 41.29
C HIS B 743 13.49 -21.73 41.21
N CYS B 744 13.78 -21.04 42.32
CA CYS B 744 13.68 -19.60 42.37
C CYS B 744 15.07 -19.00 42.55
N PRO B 745 15.48 -18.04 41.71
CA PRO B 745 16.83 -17.48 41.86
C PRO B 745 17.09 -16.84 43.21
N PHE B 746 16.05 -16.48 43.95
CA PHE B 746 16.25 -15.84 45.25
C PHE B 746 16.98 -16.76 46.22
N TRP B 747 16.69 -18.06 46.19
CA TRP B 747 17.27 -19.01 47.12
C TRP B 747 17.73 -20.28 46.42
N TYR B 748 18.04 -20.21 45.12
CA TYR B 748 18.48 -21.36 44.36
C TYR B 748 19.78 -21.04 43.65
N GLY B 749 20.69 -22.00 43.64
CA GLY B 749 21.95 -21.89 42.93
C GLY B 749 23.08 -21.27 43.71
N TYR B 750 22.82 -20.77 44.92
CA TYR B 750 23.89 -20.19 45.72
C TYR B 750 24.93 -21.24 46.09
N GLY B 751 24.48 -22.44 46.47
CA GLY B 751 25.40 -23.52 46.77
C GLY B 751 26.21 -23.92 45.55
N GLY B 752 27.53 -23.84 45.65
CA GLY B 752 28.42 -24.13 44.55
C GLY B 752 28.76 -22.95 43.68
N GLY B 753 27.99 -21.86 43.76
CA GLY B 753 28.29 -20.69 42.94
C GLY B 753 28.19 -21.02 41.47
N ARG B 754 29.20 -20.57 40.72
CA ARG B 754 29.32 -20.76 39.28
C ARG B 754 28.31 -19.91 38.49
N LEU B 755 27.52 -19.09 39.17
CA LEU B 755 26.58 -18.18 38.52
C LEU B 755 27.02 -16.76 38.80
N LYS B 756 27.26 -16.00 37.74
CA LYS B 756 27.72 -14.62 37.91
C LYS B 756 26.73 -13.82 38.74
N TRP B 757 27.26 -13.06 39.70
CA TRP B 757 26.40 -12.24 40.55
C TRP B 757 25.60 -11.23 39.75
N LEU B 758 26.18 -10.69 38.68
CA LEU B 758 25.50 -9.70 37.84
C LEU B 758 24.45 -10.32 36.94
N GLN B 759 24.54 -11.62 36.66
CA GLN B 759 23.52 -12.30 35.86
C GLN B 759 22.32 -12.72 36.68
N ARG B 760 22.52 -13.05 37.96
CA ARG B 760 21.40 -13.42 38.80
C ARG B 760 20.36 -12.30 38.86
N LEU B 761 20.81 -11.05 38.73
CA LEU B 761 19.85 -9.95 38.62
C LEU B 761 18.98 -10.11 37.38
N ALA B 762 19.56 -10.51 36.26
CA ALA B 762 18.77 -10.75 35.05
C ALA B 762 17.75 -11.85 35.29
N TYR B 763 18.16 -12.95 35.91
CA TYR B 763 17.20 -13.99 36.27
C TYR B 763 16.18 -13.47 37.27
N ILE B 764 16.64 -12.71 38.27
CA ILE B 764 15.71 -12.11 39.23
C ILE B 764 14.75 -11.18 38.49
N ASN B 765 15.27 -10.35 37.58
CA ASN B 765 14.40 -9.47 36.82
C ASN B 765 13.43 -10.26 35.96
N THR B 766 13.91 -11.32 35.31
CA THR B 766 13.05 -12.11 34.43
C THR B 766 12.01 -12.90 35.20
N ILE B 767 12.19 -13.08 36.50
CA ILE B 767 11.25 -13.86 37.30
C ILE B 767 10.28 -12.95 38.08
N VAL B 768 10.75 -11.80 38.56
CA VAL B 768 9.94 -10.92 39.40
C VAL B 768 9.27 -9.81 38.59
N TYR B 769 9.48 -9.78 37.28
CA TYR B 769 8.86 -8.74 36.47
C TYR B 769 7.34 -8.73 36.57
N PRO B 770 6.64 -9.87 36.61
CA PRO B 770 5.18 -9.80 36.74
C PRO B 770 4.72 -9.09 38.00
N PHE B 771 5.46 -9.25 39.11
CA PHE B 771 5.08 -8.60 40.36
C PHE B 771 5.13 -7.09 40.26
N THR B 772 5.92 -6.54 39.35
CA THR B 772 5.92 -5.09 39.14
C THR B 772 4.57 -4.60 38.66
N SER B 773 3.72 -5.49 38.15
CA SER B 773 2.40 -5.08 37.67
C SER B 773 1.54 -4.53 38.80
N LEU B 774 1.56 -5.18 39.96
CA LEU B 774 0.70 -4.74 41.06
C LEU B 774 0.96 -3.28 41.44
N PRO B 775 2.20 -2.83 41.62
CA PRO B 775 2.43 -1.39 41.75
C PRO B 775 1.97 -0.61 40.53
N LEU B 776 2.13 -1.15 39.33
CA LEU B 776 1.81 -0.40 38.12
C LEU B 776 0.33 -0.03 38.10
N ILE B 777 -0.56 -0.99 38.38
CA ILE B 777 -1.98 -0.67 38.43
C ILE B 777 -2.25 0.31 39.57
N ALA B 778 -1.57 0.13 40.71
CA ALA B 778 -1.72 1.07 41.80
C ALA B 778 -1.28 2.47 41.37
N TYR B 779 -0.15 2.57 40.67
CA TYR B 779 0.28 3.87 40.16
C TYR B 779 -0.69 4.41 39.13
N CYS B 780 -1.21 3.55 38.27
CA CYS B 780 -2.15 3.99 37.24
C CYS B 780 -3.49 4.41 37.84
N THR B 781 -3.76 4.03 39.08
CA THR B 781 -4.98 4.44 39.76
C THR B 781 -4.82 5.76 40.52
N ILE B 782 -3.59 6.12 40.89
CA ILE B 782 -3.38 7.37 41.63
C ILE B 782 -3.91 8.57 40.84
N PRO B 783 -3.70 8.69 39.53
CA PRO B 783 -4.22 9.86 38.81
C PRO B 783 -5.69 10.16 39.08
N ALA B 784 -6.55 9.15 38.91
CA ALA B 784 -7.98 9.39 39.04
C ALA B 784 -8.36 9.74 40.47
N VAL B 785 -7.92 8.94 41.45
CA VAL B 785 -8.30 9.19 42.83
C VAL B 785 -7.76 10.53 43.30
N CYS B 786 -6.48 10.82 43.00
CA CYS B 786 -5.91 12.11 43.38
C CYS B 786 -6.58 13.25 42.62
N LEU B 787 -6.82 13.08 41.32
CA LEU B 787 -7.39 14.16 40.53
C LEU B 787 -8.85 14.43 40.91
N LEU B 788 -9.58 13.41 41.35
CA LEU B 788 -11.00 13.60 41.65
C LEU B 788 -11.19 14.39 42.93
N THR B 789 -10.69 13.86 44.06
CA THR B 789 -10.95 14.45 45.37
C THR B 789 -9.71 15.07 46.00
N GLY B 790 -8.63 14.30 46.16
CA GLY B 790 -7.45 14.80 46.83
C GLY B 790 -6.83 16.01 46.16
N LYS B 791 -6.51 15.87 44.86
CA LYS B 791 -5.91 16.93 44.07
C LYS B 791 -4.59 17.41 44.66
N PHE B 792 -3.89 16.53 45.37
CA PHE B 792 -2.60 16.88 45.95
C PHE B 792 -1.83 15.59 46.21
N ILE B 793 -0.76 15.37 45.45
CA ILE B 793 0.07 14.18 45.58
C ILE B 793 1.41 14.50 46.22
N ILE B 794 1.98 15.65 45.91
CA ILE B 794 3.23 16.10 46.54
C ILE B 794 3.09 17.57 46.90
N PRO B 795 3.76 18.05 47.95
CA PRO B 795 3.69 19.49 48.25
C PRO B 795 4.35 20.32 47.16
N THR B 796 3.90 21.57 47.06
CA THR B 796 4.39 22.45 46.01
C THR B 796 5.91 22.57 46.08
N LEU B 797 6.55 22.58 44.91
CA LEU B 797 8.00 22.67 44.85
C LEU B 797 8.59 23.83 45.64
N SER B 798 9.63 23.54 46.42
CA SER B 798 10.31 24.53 47.25
C SER B 798 11.56 25.07 46.57
N ASN B 799 11.51 25.22 45.25
CA ASN B 799 12.63 25.69 44.42
C ASN B 799 13.71 24.62 44.28
N LEU B 800 13.54 23.44 44.88
CA LEU B 800 14.47 22.34 44.76
C LEU B 800 13.91 21.15 43.99
N ALA B 801 12.60 20.93 44.05
CA ALA B 801 12.00 19.81 43.34
C ALA B 801 12.11 19.98 41.83
N SER B 802 12.06 21.22 41.34
CA SER B 802 12.18 21.45 39.91
C SER B 802 13.45 20.81 39.35
N MET B 803 14.58 20.99 40.05
CA MET B 803 15.81 20.33 39.64
C MET B 803 15.67 18.81 39.69
N LEU B 804 15.06 18.30 40.76
CA LEU B 804 14.89 16.84 40.88
C LEU B 804 13.93 16.32 39.82
N PHE B 805 12.75 16.93 39.71
CA PHE B 805 11.77 16.47 38.72
C PHE B 805 12.31 16.65 37.30
N LEU B 806 12.93 17.79 37.02
CA LEU B 806 13.49 18.01 35.69
C LEU B 806 14.60 17.00 35.40
N GLY B 807 15.48 16.77 36.38
CA GLY B 807 16.54 15.79 36.19
C GLY B 807 16.02 14.39 35.97
N LEU B 808 14.88 14.05 36.59
CA LEU B 808 14.32 12.72 36.41
C LEU B 808 13.88 12.49 34.97
N PHE B 809 13.09 13.42 34.42
CA PHE B 809 12.55 13.25 33.08
C PHE B 809 13.66 13.20 32.04
N ILE B 810 14.56 14.18 32.06
CA ILE B 810 15.64 14.20 31.08
C ILE B 810 16.48 12.93 31.17
N SER B 811 16.57 12.34 32.35
CA SER B 811 17.34 11.11 32.51
C SER B 811 16.76 9.99 31.65
N ILE B 812 15.44 9.85 31.63
CA ILE B 812 14.80 8.80 30.83
C ILE B 812 15.05 9.00 29.35
N ILE B 813 15.23 10.25 28.91
CA ILE B 813 15.39 10.51 27.48
C ILE B 813 16.82 10.23 27.04
N VAL B 814 17.80 10.78 27.76
CA VAL B 814 19.20 10.61 27.36
C VAL B 814 19.58 9.13 27.38
N THR B 815 19.17 8.41 28.42
CA THR B 815 19.45 6.97 28.46
C THR B 815 18.76 6.25 27.32
N ALA B 816 17.52 6.63 27.00
CA ALA B 816 16.82 6.01 25.87
C ALA B 816 17.54 6.28 24.56
N VAL B 817 18.00 7.52 24.35
CA VAL B 817 18.72 7.84 23.13
C VAL B 817 20.00 7.05 23.02
N LEU B 818 20.78 7.00 24.12
CA LEU B 818 22.00 6.21 24.11
C LEU B 818 21.72 4.72 23.93
N GLU B 819 20.70 4.22 24.63
CA GLU B 819 20.29 2.83 24.41
C GLU B 819 19.99 2.58 22.95
N LEU B 820 19.32 3.53 22.29
CA LEU B 820 19.07 3.42 20.86
C LEU B 820 20.37 3.47 20.07
N ARG B 821 21.30 4.33 20.47
CA ARG B 821 22.48 4.60 19.63
C ARG B 821 23.33 3.35 19.47
N TRP B 822 23.56 2.61 20.55
CA TRP B 822 24.44 1.45 20.49
C TRP B 822 23.71 0.15 20.19
N SER B 823 22.49 0.00 20.70
CA SER B 823 21.76 -1.25 20.50
C SER B 823 21.35 -1.43 19.04
N GLY B 824 21.14 -0.33 18.32
CA GLY B 824 20.68 -0.38 16.94
C GLY B 824 19.18 -0.40 16.77
N VAL B 825 18.42 -0.51 17.85
CA VAL B 825 16.97 -0.47 17.79
C VAL B 825 16.54 0.96 17.46
N SER B 826 15.29 1.14 17.09
CA SER B 826 14.76 2.47 16.77
C SER B 826 13.94 3.01 17.94
N ILE B 827 13.74 4.34 17.93
CA ILE B 827 13.04 4.99 19.03
C ILE B 827 11.59 4.52 19.08
N GLU B 828 10.97 4.30 17.92
CA GLU B 828 9.58 3.86 17.91
C GLU B 828 9.44 2.52 18.62
N ASP B 829 10.36 1.59 18.37
CA ASP B 829 10.31 0.30 19.05
C ASP B 829 10.54 0.46 20.55
N LEU B 830 11.49 1.31 20.94
CA LEU B 830 11.71 1.57 22.35
C LEU B 830 10.45 2.15 22.99
N TRP B 831 9.82 3.11 22.32
CA TRP B 831 8.54 3.62 22.80
C TRP B 831 7.49 2.52 22.78
N ARG B 832 7.39 1.79 21.67
CA ARG B 832 6.36 0.76 21.53
C ARG B 832 6.47 -0.27 22.65
N ASN B 833 7.67 -0.80 22.87
CA ASN B 833 7.86 -1.78 23.93
C ASN B 833 7.59 -1.17 25.30
N GLU B 834 8.04 0.06 25.52
CA GLU B 834 7.83 0.71 26.81
C GLU B 834 6.34 0.84 27.11
N GLN B 835 5.59 1.42 26.18
CA GLN B 835 4.15 1.57 26.41
C GLN B 835 3.45 0.21 26.37
N PHE B 836 3.89 -0.68 25.48
CA PHE B 836 3.27 -2.01 25.41
C PHE B 836 3.39 -2.73 26.76
N TRP B 837 4.50 -2.51 27.45
CA TRP B 837 4.65 -3.08 28.79
C TRP B 837 3.57 -2.56 29.74
N VAL B 838 3.14 -1.32 29.55
CA VAL B 838 2.14 -0.73 30.43
C VAL B 838 0.83 -1.51 30.33
N ILE B 839 0.33 -1.71 29.11
CA ILE B 839 -0.91 -2.48 28.94
C ILE B 839 -0.72 -3.90 29.42
N GLY B 840 0.41 -4.53 29.06
CA GLY B 840 0.68 -5.86 29.54
C GLY B 840 0.73 -5.93 31.05
N GLY B 841 1.35 -4.94 31.69
CA GLY B 841 1.38 -4.91 33.14
C GLY B 841 -0.01 -4.75 33.75
N VAL B 842 -0.81 -3.86 33.18
CA VAL B 842 -2.14 -3.59 33.74
C VAL B 842 -3.01 -4.83 33.62
N SER B 843 -3.01 -5.47 32.45
CA SER B 843 -4.00 -6.51 32.14
C SER B 843 -3.47 -7.92 32.40
N ALA B 844 -2.44 -8.33 31.67
CA ALA B 844 -2.03 -9.73 31.68
C ALA B 844 -1.35 -10.11 33.00
N HIS B 845 -0.36 -9.31 33.42
CA HIS B 845 0.42 -9.70 34.59
C HIS B 845 -0.41 -9.62 35.87
N LEU B 846 -1.30 -8.64 35.97
CA LEU B 846 -2.15 -8.54 37.16
C LEU B 846 -2.96 -9.81 37.35
N PHE B 847 -3.62 -10.28 36.29
CA PHE B 847 -4.33 -11.55 36.38
C PHE B 847 -3.35 -12.70 36.63
N ALA B 848 -2.20 -12.68 35.94
CA ALA B 848 -1.22 -13.74 36.14
C ALA B 848 -0.69 -13.76 37.57
N VAL B 849 -0.33 -12.59 38.11
CA VAL B 849 0.15 -12.53 39.49
C VAL B 849 -0.96 -12.95 40.44
N PHE B 850 -2.16 -12.40 40.25
CA PHE B 850 -3.27 -12.77 41.13
C PHE B 850 -3.66 -14.23 40.95
N GLN B 851 -3.78 -14.69 39.71
CA GLN B 851 -4.09 -16.09 39.47
C GLN B 851 -2.99 -16.99 40.01
N GLY B 852 -1.73 -16.62 39.79
CA GLY B 852 -0.64 -17.39 40.37
C GLY B 852 -0.67 -17.36 41.88
N PHE B 853 -0.95 -16.19 42.47
CA PHE B 853 -1.05 -16.12 43.92
C PHE B 853 -2.20 -16.97 44.43
N LEU B 854 -3.36 -16.92 43.76
CA LEU B 854 -4.46 -17.79 44.16
C LEU B 854 -4.09 -19.25 43.98
N LYS B 855 -3.45 -19.59 42.87
CA LYS B 855 -3.00 -20.97 42.67
C LYS B 855 -1.95 -21.36 43.71
N MET B 856 -1.06 -20.43 44.06
CA MET B 856 -0.08 -20.72 45.10
C MET B 856 -0.76 -21.05 46.42
N LEU B 857 -1.77 -20.25 46.80
CA LEU B 857 -2.53 -20.54 48.00
C LEU B 857 -3.23 -21.89 47.89
N ALA B 858 -3.83 -22.16 46.73
CA ALA B 858 -4.42 -23.47 46.49
C ALA B 858 -3.35 -24.56 46.48
N GLY B 859 -2.21 -24.27 45.86
CA GLY B 859 -1.12 -25.22 45.79
C GLY B 859 -0.49 -25.28 44.42
N VAL B 882 -8.41 -17.38 30.88
CA VAL B 882 -9.01 -16.05 30.78
C VAL B 882 -9.32 -15.75 29.32
N LYS B 883 -10.54 -15.29 29.06
CA LYS B 883 -10.99 -14.99 27.71
C LYS B 883 -10.48 -13.63 27.26
N TRP B 884 -10.58 -13.39 25.95
CA TRP B 884 -10.18 -12.11 25.39
C TRP B 884 -11.05 -10.97 25.92
N THR B 885 -12.31 -11.27 26.26
CA THR B 885 -13.20 -10.22 26.76
C THR B 885 -12.82 -9.82 28.18
N THR B 886 -12.55 -10.78 29.05
CA THR B 886 -12.25 -10.48 30.44
C THR B 886 -10.80 -10.06 30.63
N LEU B 887 -9.89 -10.46 29.71
CA LEU B 887 -8.51 -10.02 29.81
C LEU B 887 -8.38 -8.50 29.68
N LEU B 888 -9.36 -7.84 29.08
CA LEU B 888 -9.32 -6.40 28.87
C LEU B 888 -10.12 -5.63 29.92
N ILE B 889 -10.59 -6.31 30.96
CA ILE B 889 -11.37 -5.66 32.01
C ILE B 889 -10.48 -4.67 32.78
N PRO B 890 -9.37 -5.11 33.37
CA PRO B 890 -8.51 -4.18 34.12
C PRO B 890 -8.14 -2.97 33.28
N PRO B 891 -7.54 -3.16 32.10
CA PRO B 891 -7.18 -1.96 31.30
C PRO B 891 -8.38 -1.11 30.94
N THR B 892 -9.53 -1.73 30.69
CA THR B 892 -10.74 -0.95 30.42
C THR B 892 -11.14 -0.11 31.62
N THR B 893 -11.06 -0.68 32.82
CA THR B 893 -11.42 0.07 34.01
C THR B 893 -10.53 1.29 34.20
N LEU B 894 -9.21 1.10 34.02
CA LEU B 894 -8.29 2.23 34.13
C LEU B 894 -8.55 3.26 33.04
N LEU B 895 -8.94 2.82 31.85
CA LEU B 895 -9.28 3.76 30.79
C LEU B 895 -10.46 4.63 31.17
N ILE B 896 -11.50 4.03 31.76
CA ILE B 896 -12.70 4.78 32.11
C ILE B 896 -12.42 5.71 33.29
N ILE B 897 -11.85 5.18 34.38
CA ILE B 897 -11.65 5.98 35.57
C ILE B 897 -10.75 7.17 35.26
N ASN B 898 -9.72 6.95 34.44
CA ASN B 898 -8.82 8.05 34.09
C ASN B 898 -9.53 9.09 33.22
N ILE B 899 -10.23 8.65 32.18
CA ILE B 899 -10.86 9.60 31.27
C ILE B 899 -12.02 10.31 31.96
N VAL B 900 -12.86 9.56 32.68
CA VAL B 900 -13.97 10.19 33.39
C VAL B 900 -13.43 11.04 34.54
N GLY B 901 -12.35 10.60 35.18
CA GLY B 901 -11.73 11.38 36.23
C GLY B 901 -11.07 12.63 35.70
N VAL B 902 -10.18 12.48 34.71
CA VAL B 902 -9.44 13.64 34.20
C VAL B 902 -10.39 14.67 33.62
N VAL B 903 -11.40 14.23 32.86
CA VAL B 903 -12.36 15.18 32.29
C VAL B 903 -13.13 15.87 33.40
N ALA B 904 -13.52 15.12 34.44
CA ALA B 904 -14.18 15.73 35.58
C ALA B 904 -13.27 16.70 36.31
N GLY B 905 -11.95 16.46 36.29
CA GLY B 905 -11.03 17.37 36.93
C GLY B 905 -11.11 18.78 36.37
N PHE B 906 -11.19 18.89 35.04
CA PHE B 906 -11.39 20.21 34.44
C PHE B 906 -12.69 20.84 34.92
N SER B 907 -13.78 20.07 34.88
CA SER B 907 -15.09 20.63 35.19
C SER B 907 -15.14 21.15 36.62
N ASP B 908 -14.77 20.31 37.59
CA ASP B 908 -14.81 20.76 38.98
C ASP B 908 -13.84 21.91 39.22
N ALA B 909 -12.63 21.83 38.66
CA ALA B 909 -11.67 22.90 38.82
C ALA B 909 -12.12 24.18 38.11
N LEU B 910 -12.65 24.05 36.89
CA LEU B 910 -13.12 25.23 36.18
C LEU B 910 -14.28 25.90 36.91
N ASN B 911 -15.23 25.11 37.42
CA ASN B 911 -16.30 25.68 38.23
C ASN B 911 -15.73 26.31 39.49
N LYS B 912 -14.65 25.75 40.02
CA LYS B 912 -13.93 26.34 41.13
C LYS B 912 -13.36 27.70 40.73
N GLY B 913 -12.65 28.34 41.65
CA GLY B 913 -12.04 29.62 41.40
C GLY B 913 -11.21 29.68 40.12
N TYR B 914 -10.81 28.51 39.60
CA TYR B 914 -10.04 28.39 38.36
C TYR B 914 -8.84 29.34 38.33
N GLU B 915 -8.32 29.69 39.50
CA GLU B 915 -7.11 30.51 39.60
C GLU B 915 -5.94 29.75 40.21
N ALA B 916 -6.20 28.87 41.18
CA ALA B 916 -5.15 28.06 41.80
C ALA B 916 -5.00 26.73 41.06
N TRP B 917 -4.79 26.81 39.76
CA TRP B 917 -4.54 25.64 38.94
C TRP B 917 -3.08 25.45 38.55
N GLY B 918 -2.80 24.29 37.97
CA GLY B 918 -1.44 23.84 37.75
C GLY B 918 -1.26 22.48 38.39
N PRO B 919 -1.79 22.32 39.61
CA PRO B 919 -2.13 20.96 40.06
C PRO B 919 -3.18 20.32 39.19
N LEU B 920 -4.13 21.12 38.69
CA LEU B 920 -5.04 20.65 37.65
C LEU B 920 -4.25 20.16 36.44
N PHE B 921 -3.33 20.98 35.96
CA PHE B 921 -2.45 20.54 34.87
C PHE B 921 -1.55 19.41 35.32
N GLY B 922 -1.02 19.49 36.55
CA GLY B 922 -0.14 18.45 37.03
C GLY B 922 -0.82 17.10 37.10
N LYS B 923 -2.02 17.05 37.67
CA LYS B 923 -2.76 15.79 37.71
C LYS B 923 -3.27 15.41 36.33
N VAL B 924 -3.64 16.40 35.52
CA VAL B 924 -4.08 16.10 34.15
C VAL B 924 -2.93 15.52 33.35
N PHE B 925 -1.77 16.19 33.37
CA PHE B 925 -0.61 15.64 32.68
C PHE B 925 -0.18 14.32 33.30
N PHE B 926 -0.18 14.24 34.62
CA PHE B 926 0.11 12.96 35.28
C PHE B 926 -0.91 11.90 34.89
N ALA B 927 -2.19 12.27 34.81
CA ALA B 927 -3.20 11.36 34.28
C ALA B 927 -2.99 11.14 32.78
N PHE B 928 -2.65 12.21 32.06
CA PHE B 928 -2.45 12.08 30.62
C PHE B 928 -1.31 11.12 30.31
N TRP B 929 -0.24 11.15 31.10
CA TRP B 929 0.84 10.19 30.93
C TRP B 929 0.32 8.76 31.00
N VAL B 930 -0.50 8.48 32.01
CA VAL B 930 -1.13 7.16 32.11
C VAL B 930 -2.06 6.93 30.92
N ILE B 931 -2.91 7.93 30.63
CA ILE B 931 -3.86 7.79 29.53
C ILE B 931 -3.14 7.57 28.21
N LEU B 932 -2.04 8.31 28.00
CA LEU B 932 -1.32 8.22 26.73
C LEU B 932 -0.73 6.83 26.53
N HIS B 933 -0.27 6.19 27.60
CA HIS B 933 0.47 4.94 27.46
C HIS B 933 -0.45 3.81 27.04
N LEU B 934 -1.50 3.54 27.80
CA LEU B 934 -2.36 2.39 27.56
C LEU B 934 -3.53 2.60 26.61
N TYR B 935 -3.70 3.81 26.06
CA TYR B 935 -4.81 4.08 25.17
C TYR B 935 -4.55 3.58 23.75
N PRO B 936 -3.34 3.77 23.20
CA PRO B 936 -3.13 3.39 21.80
C PRO B 936 -3.45 1.93 21.49
N PHE B 937 -3.17 1.01 22.41
CA PHE B 937 -3.47 -0.40 22.15
C PHE B 937 -4.96 -0.66 22.22
N LEU B 938 -5.60 -0.20 23.30
CA LEU B 938 -7.04 -0.29 23.44
C LEU B 938 -7.78 0.53 22.39
N LYS B 939 -7.07 1.47 21.74
CA LYS B 939 -7.58 2.21 20.60
C LYS B 939 -7.67 1.35 19.35
N GLY B 940 -6.77 0.37 19.21
CA GLY B 940 -6.77 -0.51 18.05
C GLY B 940 -7.74 -1.67 18.15
N LEU B 941 -8.39 -1.87 19.30
CA LEU B 941 -9.37 -2.94 19.44
C LEU B 941 -10.70 -2.60 18.81
N MET B 942 -10.90 -1.36 18.38
CA MET B 942 -12.16 -0.93 17.78
C MET B 942 -12.24 -1.21 16.29
N GLY B 943 -11.16 -1.73 15.69
CA GLY B 943 -11.15 -2.05 14.28
C GLY B 943 -10.00 -1.41 13.53
N ARG B 944 -10.34 -0.56 12.57
CA ARG B 944 -9.36 0.08 11.69
C ARG B 944 -8.71 1.26 12.40
N GLN B 945 -7.62 1.75 11.80
CA GLN B 945 -6.84 2.81 12.41
C GLN B 945 -7.70 4.04 12.67
N ASN B 946 -7.54 4.61 13.87
CA ASN B 946 -8.18 5.86 14.24
C ASN B 946 -9.70 5.80 14.10
N ARG B 947 -10.35 6.92 14.36
CA ARG B 947 -11.80 7.01 14.31
C ARG B 947 -12.16 8.45 13.95
N THR B 948 -13.46 8.75 13.98
CA THR B 948 -13.90 10.09 13.59
C THR B 948 -15.07 10.57 14.44
N PRO B 949 -16.21 9.88 14.44
CA PRO B 949 -17.41 10.47 15.04
C PRO B 949 -17.45 10.41 16.56
N THR B 950 -16.58 9.62 17.20
CA THR B 950 -16.67 9.45 18.65
C THR B 950 -15.89 10.47 19.48
N ILE B 951 -15.22 11.43 18.85
CA ILE B 951 -14.44 12.40 19.59
C ILE B 951 -15.30 13.59 20.01
N VAL B 952 -16.21 14.03 19.14
CA VAL B 952 -17.00 15.21 19.41
C VAL B 952 -17.95 14.98 20.59
N VAL B 953 -18.45 13.75 20.73
CA VAL B 953 -19.51 13.48 21.70
C VAL B 953 -19.00 13.72 23.12
N LEU B 954 -17.72 13.42 23.37
CA LEU B 954 -17.22 13.42 24.74
C LEU B 954 -17.34 14.80 25.38
N TRP B 955 -17.00 15.85 24.63
CA TRP B 955 -17.02 17.19 25.20
C TRP B 955 -18.45 17.63 25.51
N SER B 956 -19.31 17.67 24.49
CA SER B 956 -20.65 18.22 24.69
C SER B 956 -21.40 17.45 25.77
N VAL B 957 -21.37 16.12 25.71
CA VAL B 957 -22.08 15.31 26.70
C VAL B 957 -21.43 15.39 28.08
N LEU B 958 -20.18 15.83 28.17
CA LEU B 958 -19.49 16.02 29.44
C LEU B 958 -19.12 17.47 29.71
N LEU B 959 -18.30 18.08 28.85
CA LEU B 959 -17.94 19.48 29.06
C LEU B 959 -19.16 20.38 29.01
N THR B 960 -19.87 20.40 27.88
CA THR B 960 -21.07 21.23 27.81
C THR B 960 -22.12 20.78 28.82
N SER B 961 -22.27 19.46 29.00
CA SER B 961 -23.20 18.97 30.01
C SER B 961 -22.77 19.42 31.41
N VAL B 962 -21.54 19.07 31.81
CA VAL B 962 -21.07 19.47 33.14
C VAL B 962 -21.08 20.99 33.25
N PHE B 963 -20.74 21.69 32.17
CA PHE B 963 -20.87 23.14 32.15
C PHE B 963 -22.32 23.54 32.39
N SER B 964 -23.26 22.82 31.75
CA SER B 964 -24.68 23.10 31.95
C SER B 964 -25.23 22.37 33.17
N LEU B 965 -24.99 21.07 33.26
CA LEU B 965 -25.32 20.33 34.48
C LEU B 965 -24.88 21.10 35.73
N VAL B 966 -23.59 21.44 35.83
CA VAL B 966 -23.12 22.21 36.98
C VAL B 966 -23.72 23.61 36.99
N TRP B 967 -24.11 24.16 35.84
CA TRP B 967 -24.93 25.36 35.82
C TRP B 967 -26.28 25.11 36.48
N VAL B 968 -26.70 23.85 36.56
CA VAL B 968 -27.83 23.44 37.39
C VAL B 968 -27.34 22.70 38.64
N LYS B 969 -26.78 21.51 38.47
CA LYS B 969 -26.10 20.79 39.55
C LYS B 969 -25.20 21.74 40.34
N GLU C 170 -39.37 -31.20 7.70
CA GLU C 170 -38.19 -30.39 7.92
C GLU C 170 -38.23 -29.11 7.09
N PRO C 171 -37.89 -27.97 7.69
CA PRO C 171 -37.90 -26.72 6.94
C PRO C 171 -36.63 -26.53 6.13
N LEU C 172 -36.81 -26.14 4.87
CA LEU C 172 -35.69 -25.87 3.98
C LEU C 172 -34.87 -24.67 4.44
N SER C 173 -35.51 -23.58 4.83
CA SER C 173 -34.82 -22.40 5.31
C SER C 173 -35.47 -21.95 6.61
N ILE C 174 -34.66 -21.39 7.50
CA ILE C 174 -35.15 -20.91 8.79
C ILE C 174 -35.11 -19.38 8.77
N VAL C 175 -36.04 -18.79 9.50
CA VAL C 175 -36.08 -17.34 9.68
C VAL C 175 -36.16 -17.05 11.17
N TYR C 176 -35.17 -16.33 11.68
CA TYR C 176 -35.14 -15.96 13.09
C TYR C 176 -34.95 -14.46 13.19
N PRO C 177 -35.62 -13.80 14.13
CA PRO C 177 -35.40 -12.36 14.31
C PRO C 177 -34.11 -12.09 15.07
N ILE C 178 -33.87 -10.83 15.39
CA ILE C 178 -32.72 -10.51 16.26
C ILE C 178 -32.88 -11.28 17.56
N PRO C 179 -31.80 -11.80 18.16
CA PRO C 179 -31.97 -12.69 19.32
C PRO C 179 -32.62 -12.01 20.54
N ARG C 180 -33.04 -10.76 20.41
CA ARG C 180 -33.71 -9.96 21.42
C ARG C 180 -32.73 -9.43 22.46
N ASN C 181 -31.45 -9.81 22.40
CA ASN C 181 -30.44 -9.17 23.23
C ASN C 181 -29.95 -7.87 22.61
N LYS C 182 -30.28 -7.62 21.34
CA LYS C 182 -29.88 -6.40 20.64
C LYS C 182 -31.08 -5.72 19.97
N LEU C 183 -32.30 -6.17 20.26
CA LEU C 183 -33.50 -5.66 19.61
C LEU C 183 -34.35 -4.81 20.54
N THR C 184 -34.63 -5.28 21.75
CA THR C 184 -35.44 -4.49 22.67
C THR C 184 -34.79 -3.15 22.99
N PRO C 185 -33.49 -3.08 23.31
CA PRO C 185 -32.87 -1.76 23.49
C PRO C 185 -32.97 -0.89 22.25
N TYR C 186 -32.82 -1.48 21.06
CA TYR C 186 -32.89 -0.70 19.83
C TYR C 186 -34.27 -0.09 19.65
N ARG C 187 -35.32 -0.88 19.90
CA ARG C 187 -36.69 -0.35 19.81
C ARG C 187 -36.92 0.72 20.87
N ALA C 188 -36.49 0.47 22.10
CA ALA C 188 -36.74 1.40 23.20
C ALA C 188 -36.04 2.73 22.95
N VAL C 189 -34.85 2.70 22.36
CA VAL C 189 -34.10 3.92 22.12
C VAL C 189 -34.89 4.84 21.18
N ILE C 190 -35.38 4.29 20.06
CA ILE C 190 -36.15 5.10 19.12
C ILE C 190 -37.48 5.52 19.72
N ILE C 191 -38.09 4.66 20.53
CA ILE C 191 -39.35 5.03 21.18
C ILE C 191 -39.15 6.24 22.07
N MET C 192 -38.07 6.24 22.87
CA MET C 192 -37.78 7.39 23.71
C MET C 192 -37.37 8.60 22.88
N ARG C 193 -36.66 8.38 21.78
CA ARG C 193 -36.25 9.47 20.92
C ARG C 193 -37.45 10.21 20.35
N LEU C 194 -38.52 9.48 20.01
CA LEU C 194 -39.72 10.12 19.49
C LEU C 194 -40.30 11.10 20.52
N ILE C 195 -40.39 10.67 21.78
CA ILE C 195 -40.94 11.53 22.82
C ILE C 195 -40.01 12.72 23.08
N ILE C 196 -38.70 12.47 23.07
CA ILE C 196 -37.75 13.57 23.27
C ILE C 196 -37.91 14.60 22.15
N LEU C 197 -38.04 14.15 20.91
CA LEU C 197 -38.26 15.06 19.80
C LEU C 197 -39.56 15.83 19.96
N GLY C 198 -40.63 15.16 20.39
CA GLY C 198 -41.89 15.86 20.59
C GLY C 198 -41.78 16.95 21.64
N LEU C 199 -41.13 16.64 22.77
CA LEU C 199 -40.94 17.64 23.82
C LEU C 199 -40.08 18.79 23.32
N PHE C 200 -39.02 18.49 22.57
CA PHE C 200 -38.16 19.54 22.03
C PHE C 200 -38.93 20.45 21.09
N PHE C 201 -39.77 19.87 20.22
CA PHE C 201 -40.58 20.68 19.32
C PHE C 201 -41.58 21.53 20.08
N HIS C 202 -42.20 20.98 21.12
CA HIS C 202 -43.11 21.78 21.93
C HIS C 202 -42.36 22.97 22.55
N TYR C 203 -41.17 22.71 23.10
CA TYR C 203 -40.40 23.79 23.72
C TYR C 203 -40.05 24.86 22.69
N ARG C 204 -39.64 24.45 21.49
CA ARG C 204 -39.30 25.42 20.46
C ARG C 204 -40.53 26.21 20.03
N ILE C 205 -41.68 25.56 19.92
CA ILE C 205 -42.91 26.23 19.54
C ILE C 205 -43.31 27.26 20.60
N THR C 206 -43.05 26.95 21.87
CA THR C 206 -43.48 27.85 22.94
C THR C 206 -42.83 29.22 22.80
N ASN C 207 -41.55 29.27 22.47
CA ASN C 207 -40.85 30.55 22.31
C ASN C 207 -41.26 31.20 20.99
N PRO C 208 -41.89 32.38 21.01
CA PRO C 208 -42.34 32.98 19.74
C PRO C 208 -41.35 33.94 19.12
N VAL C 209 -40.33 34.35 19.86
CA VAL C 209 -39.45 35.44 19.45
C VAL C 209 -37.99 35.05 19.67
N ASP C 210 -37.14 35.37 18.68
CA ASP C 210 -35.70 35.25 18.84
C ASP C 210 -34.99 36.49 18.32
N SER C 211 -35.65 37.65 18.34
CA SER C 211 -35.24 38.90 17.71
C SER C 211 -35.52 38.87 16.21
N ALA C 212 -36.01 37.76 15.68
CA ALA C 212 -36.37 37.67 14.26
C ALA C 212 -37.41 36.57 14.11
N PHE C 213 -38.66 36.96 13.85
CA PHE C 213 -39.73 35.98 13.71
C PHE C 213 -39.53 35.09 12.49
N GLY C 214 -38.97 35.64 11.41
CA GLY C 214 -38.77 34.85 10.21
C GLY C 214 -37.85 33.68 10.43
N LEU C 215 -36.74 33.90 11.14
CA LEU C 215 -35.82 32.81 11.42
C LEU C 215 -36.48 31.75 12.30
N TRP C 216 -37.23 32.18 13.32
CA TRP C 216 -37.95 31.21 14.14
C TRP C 216 -38.89 30.37 13.30
N LEU C 217 -39.70 31.00 12.44
CA LEU C 217 -40.63 30.26 11.61
C LEU C 217 -39.89 29.26 10.70
N THR C 218 -38.85 29.75 10.01
CA THR C 218 -38.15 28.89 9.06
C THR C 218 -37.49 27.71 9.77
N SER C 219 -36.80 27.97 10.89
CA SER C 219 -36.12 26.89 11.60
C SER C 219 -37.12 25.89 12.16
N VAL C 220 -38.25 26.37 12.70
CA VAL C 220 -39.24 25.46 13.25
C VAL C 220 -39.82 24.58 12.15
N ILE C 221 -40.16 25.18 11.00
CA ILE C 221 -40.73 24.39 9.91
C ILE C 221 -39.71 23.37 9.41
N CYS C 222 -38.46 23.79 9.27
CA CYS C 222 -37.43 22.89 8.77
C CYS C 222 -37.20 21.73 9.73
N GLU C 223 -37.16 22.02 11.04
CA GLU C 223 -37.02 20.95 12.02
C GLU C 223 -38.21 20.01 11.99
N ILE C 224 -39.42 20.55 11.81
CA ILE C 224 -40.60 19.70 11.73
C ILE C 224 -40.49 18.77 10.53
N TRP C 225 -40.04 19.30 9.38
CA TRP C 225 -39.86 18.46 8.20
C TRP C 225 -38.82 17.38 8.45
N PHE C 226 -37.72 17.74 9.11
CA PHE C 226 -36.68 16.76 9.42
C PHE C 226 -37.24 15.66 10.33
N ALA C 227 -38.03 16.04 11.33
CA ALA C 227 -38.59 15.05 12.24
C ALA C 227 -39.57 14.13 11.52
N PHE C 228 -40.37 14.69 10.61
CA PHE C 228 -41.28 13.85 9.83
C PHE C 228 -40.49 12.86 8.97
N SER C 229 -39.40 13.33 8.36
CA SER C 229 -38.55 12.43 7.57
C SER C 229 -37.97 11.32 8.44
N TRP C 230 -37.50 11.67 9.64
CA TRP C 230 -36.95 10.64 10.53
C TRP C 230 -38.01 9.66 10.98
N VAL C 231 -39.23 10.15 11.24
CA VAL C 231 -40.31 9.25 11.64
C VAL C 231 -40.61 8.28 10.51
N LEU C 232 -40.66 8.77 9.27
CA LEU C 232 -40.88 7.88 8.14
C LEU C 232 -39.75 6.87 7.98
N ASP C 233 -38.50 7.30 8.21
CA ASP C 233 -37.36 6.43 7.96
C ASP C 233 -37.20 5.36 9.04
N GLN C 234 -37.35 5.73 10.32
CA GLN C 234 -36.95 4.83 11.40
C GLN C 234 -37.92 3.66 11.54
N PHE C 235 -39.22 3.92 11.50
CA PHE C 235 -40.20 2.86 11.72
C PHE C 235 -40.00 1.68 10.78
N PRO C 236 -39.74 1.88 9.48
CA PRO C 236 -39.48 0.73 8.60
C PRO C 236 -38.44 -0.22 9.16
N LYS C 237 -37.47 0.30 9.90
CA LYS C 237 -36.41 -0.51 10.50
C LYS C 237 -36.88 -1.23 11.75
N TRP C 238 -38.19 -1.23 12.02
CA TRP C 238 -38.75 -1.95 13.16
C TRP C 238 -38.86 -3.43 12.83
N LYS C 239 -38.56 -4.27 13.82
CA LYS C 239 -38.63 -5.71 13.66
C LYS C 239 -37.72 -6.19 12.53
N PRO C 240 -36.40 -6.03 12.66
CA PRO C 240 -35.49 -6.66 11.70
C PRO C 240 -35.59 -8.17 11.76
N VAL C 241 -35.34 -8.81 10.61
CA VAL C 241 -35.47 -10.25 10.50
C VAL C 241 -34.23 -10.79 9.80
N ASN C 242 -33.69 -11.88 10.33
CA ASN C 242 -32.56 -12.58 9.73
C ASN C 242 -33.02 -13.93 9.21
N ARG C 243 -32.42 -14.36 8.11
CA ARG C 243 -32.81 -15.59 7.44
C ARG C 243 -31.56 -16.42 7.15
N GLU C 244 -31.68 -17.73 7.37
CA GLU C 244 -30.59 -18.65 7.09
C GLU C 244 -31.11 -19.76 6.18
N THR C 245 -30.27 -20.13 5.22
CA THR C 245 -30.63 -21.14 4.22
C THR C 245 -29.56 -22.21 4.19
N PHE C 246 -29.99 -23.46 4.07
CA PHE C 246 -29.10 -24.59 3.96
C PHE C 246 -29.29 -25.26 2.60
N ILE C 247 -28.18 -25.45 1.89
CA ILE C 247 -28.20 -26.07 0.58
C ILE C 247 -28.20 -27.60 0.66
N GLU C 248 -27.64 -28.18 1.72
CA GLU C 248 -27.60 -29.63 1.82
C GLU C 248 -29.00 -30.22 1.89
N ARG C 249 -29.86 -29.61 2.71
CA ARG C 249 -31.23 -30.10 2.82
C ARG C 249 -31.98 -29.92 1.49
N LEU C 250 -31.72 -28.82 0.79
CA LEU C 250 -32.35 -28.61 -0.51
C LEU C 250 -31.98 -29.73 -1.47
N SER C 251 -30.69 -30.04 -1.56
CA SER C 251 -30.25 -31.10 -2.45
C SER C 251 -30.84 -32.45 -2.03
N ALA C 252 -30.84 -32.72 -0.73
CA ALA C 252 -31.37 -34.00 -0.25
C ALA C 252 -32.84 -34.14 -0.61
N ARG C 253 -33.63 -33.08 -0.43
CA ARG C 253 -35.07 -33.16 -0.66
C ARG C 253 -35.41 -33.18 -2.15
N TYR C 254 -34.73 -32.36 -2.96
CA TYR C 254 -35.14 -32.15 -4.35
C TYR C 254 -34.26 -32.91 -5.35
N GLU C 255 -32.93 -32.76 -5.26
CA GLU C 255 -32.06 -33.42 -6.23
C GLU C 255 -32.34 -34.92 -6.27
N ARG C 256 -32.30 -35.58 -5.11
CA ARG C 256 -32.69 -36.97 -4.99
C ARG C 256 -31.76 -37.87 -5.77
N GLU C 257 -31.17 -38.86 -5.11
CA GLU C 257 -30.27 -39.80 -5.80
C GLU C 257 -31.02 -40.57 -6.88
N GLY C 258 -32.32 -40.76 -6.72
CA GLY C 258 -33.08 -41.51 -7.70
C GLY C 258 -33.14 -40.85 -9.06
N GLU C 259 -33.23 -39.52 -9.09
CA GLU C 259 -33.31 -38.76 -10.34
C GLU C 259 -34.63 -39.04 -11.02
N PRO C 260 -35.11 -38.15 -11.91
CA PRO C 260 -34.51 -36.89 -12.36
C PRO C 260 -34.68 -35.76 -11.35
N SER C 261 -33.89 -34.69 -11.48
CA SER C 261 -34.01 -33.55 -10.59
C SER C 261 -35.35 -32.84 -10.78
N GLN C 262 -35.92 -32.39 -9.66
CA GLN C 262 -37.18 -31.66 -9.68
C GLN C 262 -36.97 -30.16 -9.51
N LEU C 263 -35.73 -29.69 -9.62
CA LEU C 263 -35.43 -28.29 -9.43
C LEU C 263 -36.08 -27.45 -10.53
N ALA C 264 -36.47 -26.24 -10.16
CA ALA C 264 -37.17 -25.32 -11.05
C ALA C 264 -36.18 -24.62 -11.99
N ALA C 265 -36.62 -24.43 -13.23
CA ALA C 265 -35.83 -23.75 -14.23
C ALA C 265 -35.66 -22.28 -13.90
N VAL C 266 -34.50 -21.73 -14.26
CA VAL C 266 -34.16 -20.34 -14.03
C VAL C 266 -33.70 -19.72 -15.34
N ASP C 267 -34.27 -18.57 -15.66
CA ASP C 267 -33.90 -17.80 -16.85
C ASP C 267 -33.10 -16.59 -16.43
N PHE C 268 -31.87 -16.48 -16.92
CA PHE C 268 -30.99 -15.36 -16.64
C PHE C 268 -31.14 -14.31 -17.75
N PHE C 269 -31.40 -13.07 -17.34
CA PHE C 269 -31.54 -11.97 -18.26
C PHE C 269 -30.34 -11.04 -18.14
N VAL C 270 -29.65 -10.84 -19.26
CA VAL C 270 -28.53 -9.92 -19.35
C VAL C 270 -28.88 -8.85 -20.37
N SER C 271 -28.66 -7.59 -20.02
CA SER C 271 -29.01 -6.46 -20.86
C SER C 271 -27.76 -5.66 -21.19
N THR C 272 -27.64 -5.27 -22.46
CA THR C 272 -26.55 -4.44 -22.93
C THR C 272 -27.12 -3.35 -23.82
N VAL C 273 -26.38 -2.25 -23.96
CA VAL C 273 -26.86 -1.09 -24.71
C VAL C 273 -25.91 -0.80 -25.87
N ASP C 274 -24.63 -0.61 -25.56
CA ASP C 274 -23.64 -0.26 -26.57
C ASP C 274 -22.35 -1.00 -26.24
N PRO C 275 -21.59 -1.44 -27.26
CA PRO C 275 -20.33 -2.13 -26.98
C PRO C 275 -19.18 -1.15 -26.72
N LEU C 276 -19.19 -0.01 -27.39
CA LEU C 276 -18.12 0.96 -27.22
C LEU C 276 -18.21 1.66 -25.86
N LYS C 277 -19.42 1.99 -25.42
CA LYS C 277 -19.59 2.67 -24.15
C LYS C 277 -19.08 1.82 -22.98
N GLU C 278 -19.35 0.52 -23.00
CA GLU C 278 -18.93 -0.40 -21.96
C GLU C 278 -18.23 -1.58 -22.63
N PRO C 279 -17.01 -1.93 -22.20
CA PRO C 279 -16.27 -2.97 -22.91
C PRO C 279 -17.04 -4.28 -22.91
N PRO C 280 -17.01 -5.02 -24.02
CA PRO C 280 -17.75 -6.29 -24.07
C PRO C 280 -17.05 -7.45 -23.37
N LEU C 281 -15.80 -7.28 -22.95
CA LEU C 281 -15.13 -8.34 -22.20
C LEU C 281 -15.85 -8.59 -20.88
N ILE C 282 -16.31 -7.53 -20.22
CA ILE C 282 -17.07 -7.69 -18.98
C ILE C 282 -18.37 -8.43 -19.26
N THR C 283 -19.03 -8.12 -20.38
CA THR C 283 -20.25 -8.83 -20.74
C THR C 283 -19.98 -10.30 -20.97
N ALA C 284 -18.88 -10.62 -21.66
CA ALA C 284 -18.53 -12.02 -21.88
C ALA C 284 -18.24 -12.74 -20.57
N ASN C 285 -17.55 -12.08 -19.66
CA ASN C 285 -17.29 -12.68 -18.35
C ASN C 285 -18.59 -12.93 -17.59
N THR C 286 -19.52 -11.98 -17.66
CA THR C 286 -20.81 -12.16 -17.01
C THR C 286 -21.56 -13.34 -17.62
N VAL C 287 -21.53 -13.46 -18.95
CA VAL C 287 -22.21 -14.57 -19.61
C VAL C 287 -21.59 -15.89 -19.18
N LEU C 288 -20.27 -15.95 -19.12
CA LEU C 288 -19.61 -17.19 -18.67
C LEU C 288 -19.99 -17.53 -17.25
N SER C 289 -20.01 -16.52 -16.37
CA SER C 289 -20.40 -16.77 -14.98
C SER C 289 -21.84 -17.29 -14.90
N ILE C 290 -22.75 -16.70 -15.68
CA ILE C 290 -24.13 -17.16 -15.69
C ILE C 290 -24.22 -18.60 -16.18
N LEU C 291 -23.49 -18.91 -17.25
CA LEU C 291 -23.47 -20.28 -17.77
C LEU C 291 -22.78 -21.26 -16.82
N ALA C 292 -22.02 -20.77 -15.84
CA ALA C 292 -21.29 -21.61 -14.91
C ALA C 292 -21.98 -21.70 -13.55
N VAL C 293 -23.31 -21.71 -13.52
CA VAL C 293 -24.01 -21.85 -12.25
C VAL C 293 -24.06 -23.32 -11.84
N ASP C 294 -23.94 -23.56 -10.54
CA ASP C 294 -24.01 -24.91 -9.98
C ASP C 294 -25.49 -25.28 -9.93
N TYR C 295 -25.99 -25.79 -11.05
CA TYR C 295 -27.41 -26.09 -11.21
C TYR C 295 -27.54 -27.07 -12.37
N PRO C 296 -28.56 -27.92 -12.37
CA PRO C 296 -28.72 -28.86 -13.48
C PRO C 296 -28.77 -28.13 -14.81
N VAL C 297 -27.99 -28.64 -15.78
CA VAL C 297 -27.86 -27.99 -17.07
C VAL C 297 -29.15 -28.00 -17.88
N ASP C 298 -30.11 -28.84 -17.52
CA ASP C 298 -31.40 -28.89 -18.22
C ASP C 298 -32.40 -27.89 -17.65
N LYS C 299 -32.00 -27.10 -16.67
CA LYS C 299 -32.91 -26.16 -16.01
C LYS C 299 -32.54 -24.71 -16.29
N VAL C 300 -31.30 -24.31 -16.04
CA VAL C 300 -30.90 -22.92 -16.19
C VAL C 300 -30.79 -22.55 -17.66
N SER C 301 -31.18 -21.32 -17.98
CA SER C 301 -31.05 -20.78 -19.32
C SER C 301 -30.58 -19.34 -19.21
N CYS C 302 -29.86 -18.88 -20.24
CA CYS C 302 -29.30 -17.54 -20.26
C CYS C 302 -29.82 -16.78 -21.48
N TYR C 303 -30.14 -15.52 -21.28
CA TYR C 303 -30.61 -14.64 -22.33
C TYR C 303 -29.76 -13.37 -22.35
N VAL C 304 -29.46 -12.89 -23.55
CA VAL C 304 -28.70 -11.66 -23.74
C VAL C 304 -29.46 -10.79 -24.73
N SER C 305 -29.78 -9.56 -24.32
CA SER C 305 -30.50 -8.62 -25.15
C SER C 305 -29.71 -7.33 -25.26
N ASP C 306 -29.36 -6.94 -26.48
CA ASP C 306 -28.67 -5.69 -26.75
C ASP C 306 -29.63 -4.73 -27.41
N ASP C 307 -29.92 -3.61 -26.72
CA ASP C 307 -30.85 -2.62 -27.26
C ASP C 307 -30.33 -2.07 -28.59
N GLY C 308 -29.05 -1.70 -28.63
CA GLY C 308 -28.44 -1.24 -29.86
C GLY C 308 -27.74 -2.36 -30.59
N ALA C 309 -28.37 -2.89 -31.64
CA ALA C 309 -27.80 -4.01 -32.37
C ALA C 309 -26.39 -3.68 -32.84
N ALA C 310 -25.41 -4.38 -32.29
CA ALA C 310 -24.02 -4.18 -32.66
C ALA C 310 -23.39 -5.52 -32.97
N MET C 311 -22.74 -5.60 -34.13
CA MET C 311 -22.09 -6.85 -34.52
C MET C 311 -20.99 -7.23 -33.55
N LEU C 312 -20.38 -6.23 -32.90
CA LEU C 312 -19.34 -6.54 -31.92
C LEU C 312 -19.88 -7.39 -30.79
N THR C 313 -21.07 -7.05 -30.28
CA THR C 313 -21.67 -7.83 -29.21
C THR C 313 -21.98 -9.25 -29.67
N PHE C 314 -22.51 -9.40 -30.89
CA PHE C 314 -22.86 -10.73 -31.40
C PHE C 314 -21.60 -11.59 -31.55
N GLU C 315 -20.55 -11.02 -32.13
CA GLU C 315 -19.31 -11.78 -32.32
C GLU C 315 -18.67 -12.09 -30.97
N SER C 316 -18.76 -11.17 -30.01
CA SER C 316 -18.25 -11.45 -28.67
C SER C 316 -19.01 -12.59 -28.02
N LEU C 317 -20.33 -12.63 -28.21
CA LEU C 317 -21.11 -13.74 -27.69
C LEU C 317 -20.73 -15.06 -28.37
N VAL C 318 -20.46 -15.02 -29.67
CA VAL C 318 -20.04 -16.23 -30.37
C VAL C 318 -18.72 -16.74 -29.79
N GLU C 319 -17.76 -15.83 -29.62
CA GLU C 319 -16.47 -16.21 -29.04
C GLU C 319 -16.64 -16.72 -27.62
N THR C 320 -17.53 -16.09 -26.85
CA THR C 320 -17.78 -16.54 -25.48
C THR C 320 -18.37 -17.94 -25.46
N ALA C 321 -19.30 -18.23 -26.37
CA ALA C 321 -19.83 -19.59 -26.47
C ALA C 321 -18.74 -20.57 -26.85
N GLU C 322 -17.85 -20.18 -27.76
CA GLU C 322 -16.74 -21.05 -28.14
C GLU C 322 -15.85 -21.36 -26.94
N PHE C 323 -15.53 -20.33 -26.13
CA PHE C 323 -14.65 -20.52 -24.98
C PHE C 323 -15.35 -21.21 -23.81
N ALA C 324 -16.69 -21.17 -23.78
CA ALA C 324 -17.41 -21.81 -22.69
C ALA C 324 -17.18 -23.32 -22.69
N ARG C 325 -17.02 -23.92 -23.88
CA ARG C 325 -16.75 -25.35 -23.95
C ARG C 325 -15.58 -25.74 -23.06
N LYS C 326 -14.54 -24.89 -23.03
CA LYS C 326 -13.40 -25.15 -22.17
C LYS C 326 -13.64 -24.64 -20.74
N TRP C 327 -14.31 -23.51 -20.60
CA TRP C 327 -14.41 -22.87 -19.29
C TRP C 327 -15.32 -23.64 -18.35
N VAL C 328 -16.49 -24.06 -18.82
CA VAL C 328 -17.51 -24.67 -17.96
C VAL C 328 -17.00 -25.95 -17.31
N PRO C 329 -16.50 -26.93 -18.08
CA PRO C 329 -16.08 -28.19 -17.44
C PRO C 329 -14.99 -28.00 -16.41
N PHE C 330 -14.05 -27.10 -16.66
CA PHE C 330 -12.96 -26.87 -15.72
C PHE C 330 -13.50 -26.43 -14.37
N CYS C 331 -14.34 -25.38 -14.37
CA CYS C 331 -14.90 -24.88 -13.11
C CYS C 331 -15.79 -25.92 -12.45
N LYS C 332 -16.62 -26.60 -13.24
CA LYS C 332 -17.54 -27.57 -12.65
C LYS C 332 -16.78 -28.72 -11.98
N LYS C 333 -15.75 -29.25 -12.64
CA LYS C 333 -14.98 -30.34 -12.05
C LYS C 333 -14.19 -29.86 -10.85
N PHE C 334 -13.57 -28.69 -10.94
CA PHE C 334 -12.73 -28.18 -9.87
C PHE C 334 -13.48 -27.32 -8.86
N SER C 335 -14.75 -27.03 -9.12
CA SER C 335 -15.62 -26.32 -8.16
C SER C 335 -14.95 -25.04 -7.67
N ILE C 336 -14.43 -24.28 -8.61
CA ILE C 336 -13.74 -23.02 -8.33
C ILE C 336 -14.77 -21.91 -8.22
N GLU C 337 -14.41 -20.86 -7.48
CA GLU C 337 -15.27 -19.70 -7.32
C GLU C 337 -14.39 -18.48 -7.11
N PRO C 338 -14.69 -17.34 -7.76
CA PRO C 338 -15.79 -17.10 -8.70
C PRO C 338 -15.55 -17.77 -10.04
N ARG C 339 -16.61 -18.06 -10.79
CA ARG C 339 -16.50 -18.75 -12.06
C ARG C 339 -16.46 -17.78 -13.25
N ALA C 340 -16.12 -16.51 -13.01
CA ALA C 340 -15.89 -15.55 -14.07
C ALA C 340 -14.40 -15.44 -14.30
N PRO C 341 -13.88 -15.83 -15.48
CA PRO C 341 -12.42 -15.90 -15.63
C PRO C 341 -11.72 -14.57 -15.39
N GLU C 342 -12.32 -13.45 -15.83
CA GLU C 342 -11.68 -12.16 -15.65
C GLU C 342 -11.51 -11.83 -14.18
N PHE C 343 -12.53 -12.07 -13.37
CA PHE C 343 -12.50 -11.78 -11.95
C PHE C 343 -11.97 -12.94 -11.11
N TYR C 344 -11.63 -14.06 -11.75
CA TYR C 344 -11.06 -15.22 -11.05
C TYR C 344 -9.56 -15.30 -11.21
N PHE C 345 -9.05 -15.23 -12.44
CA PHE C 345 -7.60 -15.27 -12.65
C PHE C 345 -6.92 -14.06 -12.03
N SER C 346 -7.54 -12.88 -12.15
CA SER C 346 -6.97 -11.64 -11.62
C SER C 346 -7.30 -11.53 -10.13
N GLN C 347 -6.77 -12.48 -9.36
CA GLN C 347 -6.93 -12.50 -7.92
C GLN C 347 -5.59 -12.77 -7.26
N LYS C 348 -5.33 -12.08 -6.16
CA LYS C 348 -4.13 -12.30 -5.36
C LYS C 348 -4.28 -13.47 -4.39
N ILE C 349 -5.50 -14.00 -4.24
CA ILE C 349 -5.71 -15.12 -3.34
C ILE C 349 -4.99 -16.36 -3.90
N ASP C 350 -4.40 -17.14 -2.99
CA ASP C 350 -3.71 -18.36 -3.39
C ASP C 350 -4.72 -19.35 -3.97
N TYR C 351 -4.65 -19.56 -5.28
CA TYR C 351 -5.58 -20.46 -5.95
C TYR C 351 -5.49 -21.89 -5.44
N LEU C 352 -4.39 -22.25 -4.79
CA LEU C 352 -4.24 -23.57 -4.17
C LEU C 352 -4.53 -23.43 -2.68
N LYS C 353 -5.82 -23.39 -2.35
CA LYS C 353 -6.28 -23.21 -0.98
C LYS C 353 -6.97 -24.44 -0.42
N ASP C 354 -7.99 -24.95 -1.11
CA ASP C 354 -8.72 -26.14 -0.67
C ASP C 354 -8.83 -27.19 -1.76
N LYS C 355 -8.27 -26.94 -2.94
CA LYS C 355 -8.39 -27.88 -4.04
C LYS C 355 -7.67 -29.19 -3.71
N VAL C 356 -8.33 -30.30 -4.02
CA VAL C 356 -7.78 -31.63 -3.75
C VAL C 356 -7.60 -32.46 -5.01
N GLN C 357 -8.11 -32.00 -6.15
CA GLN C 357 -7.94 -32.75 -7.39
C GLN C 357 -6.45 -32.83 -7.75
N PRO C 358 -5.97 -34.03 -8.12
CA PRO C 358 -4.53 -34.19 -8.37
C PRO C 358 -4.01 -33.30 -9.49
N SER C 359 -4.84 -33.06 -10.50
CA SER C 359 -4.43 -32.34 -11.70
C SER C 359 -5.05 -30.95 -11.78
N PHE C 360 -5.19 -30.28 -10.63
CA PHE C 360 -5.76 -28.94 -10.65
C PHE C 360 -4.81 -27.94 -11.31
N VAL C 361 -3.52 -28.03 -10.97
CA VAL C 361 -2.57 -27.05 -11.51
C VAL C 361 -2.35 -27.28 -13.00
N LYS C 362 -2.24 -28.55 -13.41
CA LYS C 362 -2.00 -28.85 -14.81
C LYS C 362 -3.13 -28.34 -15.69
N GLU C 363 -4.37 -28.53 -15.25
CA GLU C 363 -5.51 -27.98 -15.98
C GLU C 363 -5.59 -26.46 -15.86
N ARG C 364 -5.22 -25.92 -14.69
CA ARG C 364 -5.35 -24.48 -14.49
C ARG C 364 -4.40 -23.70 -15.38
N ARG C 365 -3.18 -24.18 -15.56
CA ARG C 365 -2.23 -23.48 -16.43
C ARG C 365 -2.74 -23.43 -17.86
N ALA C 366 -3.23 -24.55 -18.37
CA ALA C 366 -3.80 -24.58 -19.72
C ALA C 366 -5.02 -23.68 -19.80
N MET C 367 -5.86 -23.68 -18.76
CA MET C 367 -7.05 -22.83 -18.79
C MET C 367 -6.68 -21.36 -18.80
N LYS C 368 -5.65 -20.97 -18.04
CA LYS C 368 -5.20 -19.58 -18.05
C LYS C 368 -4.64 -19.20 -19.41
N ARG C 369 -3.86 -20.09 -20.03
CA ARG C 369 -3.36 -19.83 -21.37
C ARG C 369 -4.53 -19.63 -22.35
N ASP C 370 -5.52 -20.52 -22.28
CA ASP C 370 -6.66 -20.42 -23.18
C ASP C 370 -7.45 -19.14 -22.94
N TYR C 371 -7.61 -18.75 -21.67
CA TYR C 371 -8.34 -17.52 -21.38
C TYR C 371 -7.58 -16.31 -21.87
N GLU C 372 -6.25 -16.31 -21.75
CA GLU C 372 -5.47 -15.20 -22.30
C GLU C 372 -5.62 -15.12 -23.81
N GLU C 373 -5.58 -16.27 -24.49
CA GLU C 373 -5.79 -16.26 -25.94
C GLU C 373 -7.18 -15.76 -26.29
N TYR C 374 -8.19 -16.17 -25.52
CA TYR C 374 -9.55 -15.70 -25.77
C TYR C 374 -9.68 -14.20 -25.54
N LYS C 375 -9.02 -13.69 -24.51
CA LYS C 375 -9.03 -12.25 -24.25
C LYS C 375 -8.35 -11.49 -25.39
N VAL C 376 -7.26 -12.04 -25.91
CA VAL C 376 -6.61 -11.43 -27.07
C VAL C 376 -7.56 -11.42 -28.26
N ARG C 377 -8.26 -12.52 -28.51
CA ARG C 377 -9.21 -12.58 -29.62
C ARG C 377 -10.32 -11.55 -29.43
N VAL C 378 -10.84 -11.42 -28.21
CA VAL C 378 -11.92 -10.48 -27.95
C VAL C 378 -11.44 -9.05 -28.15
N ASN C 379 -10.21 -8.75 -27.70
CA ASN C 379 -9.66 -7.42 -27.89
C ASN C 379 -9.48 -7.11 -29.37
N ALA C 380 -9.00 -8.10 -30.14
CA ALA C 380 -8.88 -7.90 -31.58
C ALA C 380 -10.25 -7.65 -32.21
N LEU C 381 -11.26 -8.41 -31.79
CA LEU C 381 -12.61 -8.24 -32.32
C LEU C 381 -13.15 -6.85 -31.99
N VAL C 382 -12.90 -6.38 -30.77
CA VAL C 382 -13.37 -5.05 -30.37
C VAL C 382 -12.66 -3.97 -31.19
N ALA C 383 -11.34 -4.07 -31.32
CA ALA C 383 -10.59 -3.05 -32.04
C ALA C 383 -10.93 -3.05 -33.53
N LYS C 384 -11.25 -4.21 -34.10
CA LYS C 384 -11.59 -4.28 -35.52
C LYS C 384 -12.88 -3.51 -35.82
N ALA C 385 -13.82 -3.51 -34.87
CA ALA C 385 -15.13 -2.90 -35.07
C ALA C 385 -15.12 -1.39 -34.83
N GLN C 386 -13.98 -0.81 -34.47
CA GLN C 386 -13.94 0.63 -34.23
C GLN C 386 -14.31 1.41 -35.49
N LYS C 387 -13.79 1.01 -36.63
CA LYS C 387 -14.07 1.68 -37.90
C LYS C 387 -15.14 0.91 -38.66
N THR C 388 -16.27 1.56 -38.92
CA THR C 388 -17.35 0.88 -39.63
C THR C 388 -17.19 1.03 -41.14
N PRO C 389 -17.37 -0.04 -41.91
CA PRO C 389 -17.29 0.08 -43.37
C PRO C 389 -18.39 0.96 -43.91
N ASP C 390 -18.09 1.62 -45.03
CA ASP C 390 -19.06 2.54 -45.62
C ASP C 390 -20.35 1.85 -46.00
N GLU C 391 -20.26 0.67 -46.61
CA GLU C 391 -21.46 -0.05 -47.02
C GLU C 391 -22.21 -0.59 -45.80
N GLY C 392 -21.50 -1.21 -44.86
CA GLY C 392 -22.12 -1.77 -43.69
C GLY C 392 -21.50 -3.09 -43.26
N TRP C 393 -21.83 -3.54 -42.06
CA TRP C 393 -21.27 -4.79 -41.55
C TRP C 393 -21.83 -5.97 -42.33
N THR C 394 -20.97 -6.97 -42.56
CA THR C 394 -21.35 -8.18 -43.27
C THR C 394 -20.94 -9.40 -42.45
N MET C 395 -21.82 -10.40 -42.41
CA MET C 395 -21.54 -11.59 -41.64
C MET C 395 -20.55 -12.50 -42.35
N GLN C 396 -20.01 -13.46 -41.60
CA GLN C 396 -19.00 -14.35 -42.15
C GLN C 396 -19.58 -15.19 -43.29
N ASP C 397 -20.83 -15.64 -43.15
CA ASP C 397 -21.44 -16.45 -44.19
C ASP C 397 -21.50 -15.71 -45.52
N GLY C 398 -21.58 -14.38 -45.49
CA GLY C 398 -21.62 -13.59 -46.69
C GLY C 398 -22.92 -12.83 -46.88
N THR C 399 -23.55 -12.46 -45.77
CA THR C 399 -24.79 -11.70 -45.80
C THR C 399 -24.67 -10.48 -44.88
N PRO C 400 -25.35 -9.40 -45.21
CA PRO C 400 -25.26 -8.19 -44.37
C PRO C 400 -25.85 -8.43 -42.99
N TRP C 401 -25.28 -7.75 -42.00
CA TRP C 401 -25.82 -7.81 -40.66
C TRP C 401 -27.23 -7.21 -40.66
N PRO C 402 -28.24 -7.90 -40.11
CA PRO C 402 -29.61 -7.40 -40.26
C PRO C 402 -29.79 -5.98 -39.77
N GLY C 403 -29.15 -5.61 -38.66
CA GLY C 403 -29.25 -4.26 -38.16
C GLY C 403 -28.06 -3.39 -38.52
N ASN C 404 -28.19 -2.60 -39.59
CA ASN C 404 -27.16 -1.65 -39.98
C ASN C 404 -27.41 -0.24 -39.45
N ASN C 405 -28.59 0.02 -38.90
CA ASN C 405 -28.93 1.30 -38.31
C ASN C 405 -29.28 1.09 -36.84
N THR C 406 -28.66 1.87 -35.96
CA THR C 406 -28.93 1.74 -34.54
C THR C 406 -30.40 1.98 -34.23
N ARG C 407 -31.05 2.87 -34.98
CA ARG C 407 -32.45 3.20 -34.75
C ARG C 407 -33.41 2.36 -35.58
N ASP C 408 -32.90 1.47 -36.43
CA ASP C 408 -33.76 0.67 -37.30
C ASP C 408 -33.09 -0.69 -37.52
N HIS C 409 -33.66 -1.73 -36.94
CA HIS C 409 -33.16 -3.09 -37.14
C HIS C 409 -34.27 -4.09 -36.84
N PRO C 410 -34.62 -4.97 -37.78
CA PRO C 410 -35.65 -5.97 -37.49
C PRO C 410 -35.26 -6.87 -36.34
N GLY C 411 -36.27 -7.32 -35.59
CA GLY C 411 -36.02 -8.19 -34.46
C GLY C 411 -35.28 -9.45 -34.86
N MET C 412 -34.31 -9.82 -34.03
CA MET C 412 -33.45 -10.98 -34.31
C MET C 412 -33.43 -11.88 -33.07
N ILE C 413 -33.45 -13.18 -33.31
CA ILE C 413 -33.33 -14.17 -32.24
C ILE C 413 -32.44 -15.30 -32.73
N GLN C 414 -31.51 -15.72 -31.89
CA GLN C 414 -30.63 -16.83 -32.21
C GLN C 414 -30.30 -17.60 -30.95
N VAL C 415 -29.93 -18.87 -31.13
CA VAL C 415 -29.63 -19.78 -30.03
C VAL C 415 -28.21 -20.30 -30.22
N PHE C 416 -27.40 -20.15 -29.18
CA PHE C 416 -26.03 -20.64 -29.16
C PHE C 416 -25.83 -21.53 -27.95
N LEU C 417 -25.00 -22.56 -28.13
CA LEU C 417 -24.60 -23.46 -27.04
C LEU C 417 -25.82 -24.06 -26.36
N GLY C 418 -26.84 -24.40 -27.16
CA GLY C 418 -28.06 -24.99 -26.65
C GLY C 418 -27.96 -26.49 -26.49
N ASN C 419 -29.12 -27.09 -26.20
CA ASN C 419 -29.18 -28.55 -26.07
C ASN C 419 -28.79 -29.22 -27.38
N THR C 420 -29.30 -28.72 -28.49
CA THR C 420 -28.98 -29.25 -29.82
C THR C 420 -27.99 -28.29 -30.48
N GLY C 421 -26.71 -28.51 -30.22
CA GLY C 421 -25.67 -27.66 -30.78
C GLY C 421 -24.30 -27.97 -30.21
N ALA C 422 -23.53 -26.94 -29.90
CA ALA C 422 -22.21 -27.14 -29.34
C ALA C 422 -22.30 -27.89 -28.01
N ARG C 423 -21.40 -28.85 -27.83
CA ARG C 423 -21.33 -29.63 -26.61
C ARG C 423 -19.97 -29.45 -25.96
N ASP C 424 -19.88 -29.90 -24.71
CA ASP C 424 -18.65 -29.76 -23.94
C ASP C 424 -17.57 -30.70 -24.50
N ILE C 425 -16.32 -30.40 -24.12
CA ILE C 425 -15.20 -31.22 -24.57
C ILE C 425 -15.36 -32.65 -24.10
N GLU C 426 -15.76 -32.83 -22.84
CA GLU C 426 -15.98 -34.19 -22.32
C GLU C 426 -17.10 -34.89 -23.08
N GLY C 427 -18.16 -34.15 -23.41
CA GLY C 427 -19.29 -34.71 -24.12
C GLY C 427 -20.63 -34.34 -23.51
N ASN C 428 -20.59 -33.54 -22.44
CA ASN C 428 -21.80 -33.12 -21.75
C ASN C 428 -22.41 -31.92 -22.46
N GLU C 429 -23.59 -31.52 -22.00
CA GLU C 429 -24.29 -30.35 -22.50
C GLU C 429 -24.08 -29.17 -21.57
N LEU C 430 -24.39 -27.99 -22.08
CA LEU C 430 -24.20 -26.74 -21.36
C LEU C 430 -25.48 -25.93 -21.40
N PRO C 431 -25.65 -24.98 -20.49
CA PRO C 431 -26.87 -24.17 -20.51
C PRO C 431 -27.04 -23.45 -21.84
N ARG C 432 -28.27 -23.41 -22.31
CA ARG C 432 -28.56 -22.78 -23.59
C ARG C 432 -28.49 -21.27 -23.47
N LEU C 433 -27.95 -20.63 -24.51
CA LEU C 433 -27.83 -19.18 -24.57
C LEU C 433 -28.71 -18.68 -25.70
N VAL C 434 -29.47 -17.63 -25.43
CA VAL C 434 -30.37 -17.04 -26.41
C VAL C 434 -30.04 -15.57 -26.56
N TYR C 435 -29.64 -15.18 -27.77
CA TYR C 435 -29.34 -13.78 -28.09
C TYR C 435 -30.53 -13.19 -28.83
N VAL C 436 -31.16 -12.18 -28.23
CA VAL C 436 -32.35 -11.55 -28.79
C VAL C 436 -32.15 -10.05 -28.87
N SER C 437 -32.35 -9.49 -30.05
CA SER C 437 -32.33 -8.05 -30.27
C SER C 437 -33.71 -7.60 -30.70
N ARG C 438 -34.27 -6.63 -29.97
CA ARG C 438 -35.62 -6.16 -30.23
C ARG C 438 -35.70 -5.51 -31.60
N GLU C 439 -36.92 -5.19 -32.02
CA GLU C 439 -37.18 -4.50 -33.29
C GLU C 439 -37.47 -3.03 -33.02
N LYS C 440 -36.67 -2.16 -33.64
CA LYS C 440 -36.84 -0.72 -33.51
C LYS C 440 -37.11 -0.12 -34.89
N ARG C 441 -38.06 0.80 -34.94
CA ARG C 441 -38.40 1.52 -36.16
C ARG C 441 -38.62 2.98 -35.84
N PRO C 442 -38.38 3.87 -36.80
CA PRO C 442 -38.57 5.30 -36.53
C PRO C 442 -40.04 5.64 -36.31
N GLY C 443 -40.26 6.70 -35.53
CA GLY C 443 -41.59 7.14 -35.20
C GLY C 443 -42.21 6.47 -33.99
N TYR C 444 -41.44 5.69 -33.23
CA TYR C 444 -41.94 5.02 -32.05
C TYR C 444 -41.00 5.27 -30.88
N GLN C 445 -41.56 5.31 -29.68
CA GLN C 445 -40.81 5.54 -28.46
C GLN C 445 -40.46 4.21 -27.81
N HIS C 446 -39.17 3.95 -27.63
CA HIS C 446 -38.68 2.71 -27.04
C HIS C 446 -38.00 3.03 -25.72
N HIS C 447 -38.45 2.37 -24.65
CA HIS C 447 -37.88 2.60 -23.34
C HIS C 447 -36.52 1.92 -23.22
N LYS C 448 -35.66 2.53 -22.40
CA LYS C 448 -34.27 2.09 -22.32
C LYS C 448 -34.15 0.67 -21.79
N LYS C 449 -34.64 0.44 -20.57
CA LYS C 449 -34.48 -0.84 -19.89
C LYS C 449 -35.79 -1.60 -19.69
N ALA C 450 -36.87 -0.91 -19.34
CA ALA C 450 -38.12 -1.61 -19.07
C ALA C 450 -38.63 -2.33 -20.32
N GLY C 451 -38.56 -1.67 -21.47
CA GLY C 451 -39.00 -2.33 -22.70
C GLY C 451 -38.15 -3.54 -23.03
N ALA C 452 -36.83 -3.42 -22.85
CA ALA C 452 -35.95 -4.56 -23.09
C ALA C 452 -36.29 -5.71 -22.15
N GLU C 453 -36.56 -5.41 -20.89
CA GLU C 453 -36.91 -6.46 -19.94
C GLU C 453 -38.23 -7.12 -20.32
N ASN C 454 -39.21 -6.34 -20.75
CA ASN C 454 -40.48 -6.93 -21.18
C ASN C 454 -40.30 -7.81 -22.41
N ALA C 455 -39.49 -7.35 -23.37
CA ALA C 455 -39.21 -8.16 -24.54
C ALA C 455 -38.51 -9.46 -24.14
N LEU C 456 -37.55 -9.37 -23.22
CA LEU C 456 -36.88 -10.58 -22.73
C LEU C 456 -37.87 -11.53 -22.08
N VAL C 457 -38.79 -11.00 -21.27
CA VAL C 457 -39.78 -11.84 -20.61
C VAL C 457 -40.63 -12.57 -21.64
N ARG C 458 -41.12 -11.84 -22.64
CA ARG C 458 -41.96 -12.46 -23.66
C ARG C 458 -41.18 -13.51 -24.46
N VAL C 459 -39.94 -13.19 -24.82
CA VAL C 459 -39.13 -14.13 -25.60
C VAL C 459 -38.86 -15.39 -24.78
N SER C 460 -38.54 -15.23 -23.50
CA SER C 460 -38.30 -16.39 -22.64
C SER C 460 -39.56 -17.23 -22.50
N ALA C 461 -40.71 -16.59 -22.35
CA ALA C 461 -41.96 -17.33 -22.25
C ALA C 461 -42.22 -18.13 -23.53
N VAL C 462 -42.00 -17.52 -24.68
CA VAL C 462 -42.29 -18.20 -25.95
C VAL C 462 -41.31 -19.34 -26.19
N LEU C 463 -40.02 -19.09 -25.98
CA LEU C 463 -38.99 -20.08 -26.33
C LEU C 463 -38.89 -21.17 -25.27
N THR C 464 -38.49 -20.80 -24.04
CA THR C 464 -38.29 -21.76 -22.96
C THR C 464 -38.91 -21.17 -21.71
N ASN C 465 -40.19 -21.47 -21.48
CA ASN C 465 -40.88 -20.96 -20.30
C ASN C 465 -40.27 -21.55 -19.03
N ALA C 466 -40.01 -20.70 -18.06
CA ALA C 466 -39.46 -21.10 -16.77
C ALA C 466 -40.30 -20.46 -15.68
N PRO C 467 -40.42 -21.11 -14.52
CA PRO C 467 -41.20 -20.53 -13.42
C PRO C 467 -40.51 -19.39 -12.71
N TYR C 468 -39.23 -19.13 -12.98
CA TYR C 468 -38.50 -18.07 -12.31
C TYR C 468 -37.61 -17.36 -13.32
N ILE C 469 -37.40 -16.07 -13.07
CA ILE C 469 -36.64 -15.19 -13.97
C ILE C 469 -35.61 -14.44 -13.14
N LEU C 470 -34.34 -14.61 -13.46
CA LEU C 470 -33.26 -13.93 -12.77
C LEU C 470 -32.74 -12.81 -13.66
N ASN C 471 -32.75 -11.59 -13.15
CA ASN C 471 -32.34 -10.39 -13.89
C ASN C 471 -31.00 -9.92 -13.40
N LEU C 472 -30.07 -9.70 -14.32
CA LEU C 472 -28.73 -9.27 -13.99
C LEU C 472 -28.29 -8.21 -14.99
N ASP C 473 -27.43 -7.30 -14.51
CA ASP C 473 -26.80 -6.30 -15.36
C ASP C 473 -25.48 -6.84 -15.91
N CYS C 474 -25.01 -6.22 -16.99
CA CYS C 474 -23.77 -6.65 -17.61
C CYS C 474 -22.60 -6.53 -16.65
N ASP C 475 -22.52 -5.42 -15.92
CA ASP C 475 -21.41 -5.23 -14.98
C ASP C 475 -21.41 -6.29 -13.89
N HIS C 476 -22.59 -6.60 -13.34
CA HIS C 476 -22.69 -7.57 -12.27
C HIS C 476 -22.47 -8.98 -12.77
N TYR C 477 -21.79 -9.80 -11.97
CA TYR C 477 -21.52 -11.19 -12.28
C TYR C 477 -21.78 -12.02 -11.04
N VAL C 478 -22.03 -13.31 -11.26
CA VAL C 478 -22.30 -14.24 -10.17
C VAL C 478 -20.98 -14.62 -9.51
N ASN C 479 -20.91 -14.41 -8.19
CA ASN C 479 -19.72 -14.76 -7.41
C ASN C 479 -19.83 -16.08 -6.70
N ASN C 480 -21.04 -16.57 -6.42
CA ASN C 480 -21.26 -17.84 -5.77
C ASN C 480 -21.97 -18.79 -6.71
N SER C 481 -21.38 -19.96 -6.92
CA SER C 481 -21.97 -20.97 -7.80
C SER C 481 -23.28 -21.52 -7.24
N LYS C 482 -23.49 -21.43 -5.93
CA LYS C 482 -24.70 -21.94 -5.29
C LYS C 482 -25.80 -20.88 -5.20
N ALA C 483 -25.59 -19.72 -5.81
CA ALA C 483 -26.56 -18.64 -5.70
C ALA C 483 -27.93 -19.07 -6.20
N VAL C 484 -27.98 -19.82 -7.30
CA VAL C 484 -29.26 -20.27 -7.83
C VAL C 484 -29.95 -21.17 -6.83
N ARG C 485 -29.20 -22.11 -6.24
CA ARG C 485 -29.80 -23.02 -5.26
C ARG C 485 -30.28 -22.26 -4.02
N GLU C 486 -29.49 -21.29 -3.55
CA GLU C 486 -29.90 -20.51 -2.39
C GLU C 486 -31.17 -19.72 -2.69
N ALA C 487 -31.25 -19.12 -3.87
CA ALA C 487 -32.46 -18.39 -4.26
C ALA C 487 -33.66 -19.31 -4.35
N MET C 488 -33.47 -20.52 -4.90
CA MET C 488 -34.59 -21.41 -5.13
C MET C 488 -35.06 -22.09 -3.85
N CYS C 489 -34.18 -22.26 -2.87
CA CYS C 489 -34.57 -22.92 -1.63
C CYS C 489 -35.66 -22.16 -0.88
N ILE C 490 -35.82 -20.86 -1.14
CA ILE C 490 -36.86 -20.07 -0.51
C ILE C 490 -38.07 -20.05 -1.43
N LEU C 491 -37.84 -19.93 -2.74
CA LEU C 491 -38.92 -19.89 -3.70
C LEU C 491 -39.60 -21.23 -3.88
N MET C 492 -38.86 -22.33 -3.80
CA MET C 492 -39.41 -23.67 -4.00
C MET C 492 -39.90 -24.29 -2.70
N ASP C 493 -39.72 -23.62 -1.57
CA ASP C 493 -40.19 -24.15 -0.30
C ASP C 493 -41.71 -24.19 -0.30
N PRO C 494 -42.35 -25.34 -0.05
CA PRO C 494 -43.81 -25.41 -0.20
C PRO C 494 -44.57 -24.39 0.64
N GLN C 495 -44.13 -24.12 1.87
CA GLN C 495 -44.91 -23.28 2.78
C GLN C 495 -44.54 -21.81 2.68
N VAL C 496 -43.29 -21.46 3.00
CA VAL C 496 -42.90 -20.05 3.00
C VAL C 496 -42.86 -19.51 1.58
N GLY C 497 -42.61 -20.36 0.60
CA GLY C 497 -42.50 -19.95 -0.79
C GLY C 497 -43.80 -19.83 -1.54
N ARG C 498 -44.94 -20.06 -0.88
CA ARG C 498 -46.22 -19.96 -1.57
C ARG C 498 -46.44 -18.55 -2.12
N ASP C 499 -46.14 -17.53 -1.32
CA ASP C 499 -46.31 -16.13 -1.71
C ASP C 499 -44.93 -15.46 -1.67
N VAL C 500 -44.22 -15.51 -2.79
CA VAL C 500 -42.93 -14.83 -2.91
C VAL C 500 -42.78 -14.34 -4.35
N CYS C 501 -42.99 -13.03 -4.56
CA CYS C 501 -42.83 -12.47 -5.89
C CYS C 501 -41.38 -12.56 -6.37
N TYR C 502 -40.42 -12.25 -5.49
CA TYR C 502 -39.02 -12.35 -5.87
C TYR C 502 -38.17 -12.44 -4.61
N VAL C 503 -36.93 -12.88 -4.81
CA VAL C 503 -35.95 -12.98 -3.74
C VAL C 503 -34.83 -12.01 -4.06
N GLN C 504 -34.58 -11.07 -3.14
CA GLN C 504 -33.61 -10.02 -3.36
C GLN C 504 -32.24 -10.41 -2.81
N PHE C 505 -31.20 -10.09 -3.57
CA PHE C 505 -29.82 -10.28 -3.15
C PHE C 505 -29.11 -8.94 -3.08
N PRO C 506 -28.39 -8.66 -1.99
CA PRO C 506 -27.65 -7.39 -1.94
C PRO C 506 -26.60 -7.31 -3.03
N GLN C 507 -26.45 -6.12 -3.58
CA GLN C 507 -25.45 -5.86 -4.61
C GLN C 507 -24.16 -5.38 -3.94
N ARG C 508 -23.09 -6.13 -4.13
CA ARG C 508 -21.80 -5.84 -3.54
C ARG C 508 -20.81 -5.48 -4.64
N PHE C 509 -20.05 -4.42 -4.41
CA PHE C 509 -19.14 -3.88 -5.40
C PHE C 509 -17.69 -4.18 -5.03
N ASP C 510 -16.91 -4.57 -6.03
CA ASP C 510 -15.49 -4.83 -5.89
C ASP C 510 -14.70 -3.70 -6.55
N GLY C 511 -13.37 -3.87 -6.57
CA GLY C 511 -12.53 -2.84 -7.13
C GLY C 511 -12.64 -1.50 -6.43
N ILE C 512 -12.80 -1.53 -5.10
CA ILE C 512 -13.02 -0.33 -4.30
C ILE C 512 -11.90 -0.24 -3.27
N ASP C 513 -11.34 0.95 -3.10
CA ASP C 513 -10.30 1.17 -2.12
C ASP C 513 -10.84 0.93 -0.71
N ARG C 514 -9.94 0.60 0.21
CA ARG C 514 -10.34 0.33 1.58
C ARG C 514 -11.15 1.49 2.16
N SER C 515 -10.81 2.71 1.77
CA SER C 515 -11.55 3.90 2.19
C SER C 515 -12.59 4.20 1.12
N ASP C 516 -13.86 3.85 1.40
CA ASP C 516 -14.96 4.12 0.49
C ASP C 516 -15.28 5.60 0.54
N ARG C 517 -14.44 6.38 -0.16
CA ARG C 517 -14.54 7.84 -0.08
C ARG C 517 -15.89 8.34 -0.57
N TYR C 518 -16.40 7.76 -1.65
CA TYR C 518 -17.67 8.19 -2.24
C TYR C 518 -18.85 7.32 -1.80
N ALA C 519 -18.66 6.46 -0.80
CA ALA C 519 -19.73 5.58 -0.32
C ALA C 519 -20.32 4.77 -1.46
N ASN C 520 -19.46 4.31 -2.37
CA ASN C 520 -19.93 3.57 -3.53
C ASN C 520 -20.62 2.27 -3.13
N ARG C 521 -20.16 1.63 -2.05
CA ARG C 521 -20.79 0.39 -1.61
C ARG C 521 -22.24 0.62 -1.21
N ASN C 522 -22.50 1.69 -0.46
CA ASN C 522 -23.82 1.94 0.10
C ASN C 522 -24.31 0.72 0.89
N ILE C 523 -23.48 0.32 1.86
CA ILE C 523 -23.78 -0.87 2.63
C ILE C 523 -24.89 -0.65 3.65
N VAL C 524 -25.12 0.60 4.07
CA VAL C 524 -26.13 0.85 5.09
C VAL C 524 -27.52 0.47 4.57
N PHE C 525 -27.82 0.83 3.32
CA PHE C 525 -29.14 0.56 2.78
C PHE C 525 -29.41 -0.95 2.72
N PHE C 526 -28.42 -1.73 2.27
CA PHE C 526 -28.63 -3.15 2.09
C PHE C 526 -28.54 -3.90 3.42
N ASP C 527 -27.75 -3.39 4.36
CA ASP C 527 -27.54 -4.06 5.64
C ASP C 527 -28.40 -3.48 6.76
N VAL C 528 -29.09 -2.36 6.53
CA VAL C 528 -29.95 -1.77 7.55
C VAL C 528 -31.35 -1.59 7.00
N ASN C 529 -31.49 -0.75 5.96
CA ASN C 529 -32.82 -0.45 5.44
C ASN C 529 -33.46 -1.69 4.81
N MET C 530 -32.71 -2.42 3.99
CA MET C 530 -33.28 -3.61 3.35
C MET C 530 -33.59 -4.69 4.37
N LYS C 531 -32.68 -4.93 5.32
CA LYS C 531 -32.93 -5.95 6.33
C LYS C 531 -34.12 -5.58 7.21
N GLY C 532 -34.18 -4.33 7.65
CA GLY C 532 -35.31 -3.90 8.47
C GLY C 532 -36.63 -3.98 7.72
N LEU C 533 -36.62 -3.54 6.46
CA LEU C 533 -37.82 -3.61 5.64
C LEU C 533 -38.22 -5.04 5.32
N ASP C 534 -37.27 -5.98 5.38
CA ASP C 534 -37.59 -7.38 5.13
C ASP C 534 -38.56 -7.94 6.16
N GLY C 535 -38.64 -7.33 7.34
CA GLY C 535 -39.51 -7.85 8.38
C GLY C 535 -40.99 -7.71 8.05
N ILE C 536 -41.37 -6.66 7.33
CA ILE C 536 -42.77 -6.36 7.10
C ILE C 536 -43.30 -7.22 5.95
N GLN C 537 -42.82 -6.96 4.74
CA GLN C 537 -43.08 -7.80 3.58
C GLN C 537 -41.80 -8.26 2.91
N GLY C 538 -40.87 -7.35 2.63
CA GLY C 538 -39.64 -7.68 1.95
C GLY C 538 -38.94 -6.45 1.43
N PRO C 539 -37.75 -6.65 0.85
CA PRO C 539 -36.97 -5.50 0.34
C PRO C 539 -37.60 -4.90 -0.91
N MET C 540 -36.95 -3.89 -1.46
CA MET C 540 -37.38 -3.23 -2.69
C MET C 540 -36.50 -3.69 -3.85
N TYR C 541 -37.05 -3.58 -5.06
CA TYR C 541 -36.32 -3.96 -6.26
C TYR C 541 -35.26 -2.92 -6.56
N VAL C 542 -34.00 -3.37 -6.65
CA VAL C 542 -32.87 -2.48 -6.87
C VAL C 542 -32.45 -2.48 -8.35
N GLY C 543 -32.73 -3.56 -9.07
CA GLY C 543 -32.46 -3.62 -10.48
C GLY C 543 -31.74 -4.88 -10.91
N THR C 544 -30.99 -5.50 -9.99
CA THR C 544 -30.19 -6.66 -10.28
C THR C 544 -30.27 -7.67 -9.14
N GLY C 545 -29.93 -8.91 -9.46
CA GLY C 545 -29.87 -9.95 -8.45
C GLY C 545 -31.21 -10.25 -7.79
N CYS C 546 -32.25 -10.44 -8.60
CA CYS C 546 -33.56 -10.79 -8.09
C CYS C 546 -34.10 -11.96 -8.90
N VAL C 547 -34.78 -12.88 -8.23
CA VAL C 547 -35.40 -14.04 -8.88
C VAL C 547 -36.91 -13.87 -8.78
N PHE C 548 -37.50 -13.29 -9.83
CA PHE C 548 -38.92 -13.03 -9.89
C PHE C 548 -39.69 -14.29 -10.25
N ASN C 549 -40.85 -14.48 -9.62
CA ASN C 549 -41.78 -15.50 -10.07
C ASN C 549 -42.41 -15.07 -11.38
N ARG C 550 -42.45 -15.98 -12.35
CA ARG C 550 -42.96 -15.62 -13.67
C ARG C 550 -44.42 -15.20 -13.58
N GLN C 551 -45.21 -15.88 -12.74
CA GLN C 551 -46.60 -15.48 -12.56
C GLN C 551 -46.70 -14.09 -11.95
N ALA C 552 -45.80 -13.73 -11.03
CA ALA C 552 -45.83 -12.41 -10.43
C ALA C 552 -45.64 -11.31 -11.47
N LEU C 553 -44.70 -11.52 -12.39
CA LEU C 553 -44.47 -10.52 -13.43
C LEU C 553 -45.71 -10.32 -14.29
N TYR C 554 -46.40 -11.41 -14.62
CA TYR C 554 -47.62 -11.30 -15.42
C TYR C 554 -48.70 -10.49 -14.71
N GLY C 555 -48.61 -10.35 -13.39
CA GLY C 555 -49.57 -9.56 -12.64
C GLY C 555 -50.85 -10.30 -12.36
N TYR C 556 -50.75 -11.48 -11.76
CA TYR C 556 -51.91 -12.28 -11.39
C TYR C 556 -52.34 -12.07 -9.95
N GLY C 557 -51.39 -12.05 -9.02
CA GLY C 557 -51.68 -11.94 -7.62
C GLY C 557 -51.25 -13.18 -6.87
N PRO C 558 -50.92 -13.05 -5.58
CA PRO C 558 -50.42 -14.19 -4.84
C PRO C 558 -51.45 -15.29 -4.75
N PRO C 559 -51.04 -16.55 -4.73
CA PRO C 559 -52.01 -17.64 -4.61
C PRO C 559 -52.67 -17.65 -3.24
N SER C 560 -53.76 -18.41 -3.16
CA SER C 560 -54.54 -18.57 -1.93
C SER C 560 -55.30 -17.30 -1.56
N MET C 561 -55.68 -16.51 -2.56
CA MET C 561 -56.50 -15.32 -2.36
C MET C 561 -57.65 -15.32 -3.34
N PRO C 562 -58.75 -14.63 -3.01
CA PRO C 562 -59.94 -14.69 -3.86
C PRO C 562 -59.75 -14.07 -5.23
N ARG C 563 -59.28 -12.82 -5.27
CA ARG C 563 -59.16 -12.08 -6.52
C ARG C 563 -57.82 -11.34 -6.56
N LEU C 564 -57.39 -11.00 -7.77
CA LEU C 564 -56.15 -10.27 -7.97
C LEU C 564 -56.21 -8.90 -7.30
N SER C 623 -61.83 -15.23 -20.23
CA SER C 623 -62.19 -15.51 -21.61
C SER C 623 -61.02 -15.22 -22.55
N GLN C 624 -61.16 -15.64 -23.81
CA GLN C 624 -60.08 -15.45 -24.77
C GLN C 624 -59.80 -13.97 -24.99
N LEU C 625 -60.87 -13.15 -25.09
CA LEU C 625 -60.67 -11.72 -25.32
C LEU C 625 -59.92 -11.07 -24.17
N SER C 626 -60.26 -11.44 -22.92
CA SER C 626 -59.59 -10.85 -21.78
C SER C 626 -58.10 -11.19 -21.78
N PHE C 627 -57.76 -12.45 -22.05
CA PHE C 627 -56.35 -12.81 -22.14
C PHE C 627 -55.66 -12.08 -23.28
N GLU C 628 -56.34 -11.97 -24.42
CA GLU C 628 -55.74 -11.30 -25.57
C GLU C 628 -55.42 -9.85 -25.25
N LYS C 629 -56.37 -9.13 -24.64
CA LYS C 629 -56.15 -7.73 -24.29
C LYS C 629 -55.32 -7.48 -23.04
N THR C 630 -55.08 -8.52 -22.23
CA THR C 630 -54.22 -8.38 -21.07
C THR C 630 -52.78 -8.75 -21.36
N PHE C 631 -52.53 -9.66 -22.30
CA PHE C 631 -51.19 -10.12 -22.62
C PHE C 631 -50.76 -9.68 -24.02
N GLY C 632 -51.53 -10.01 -25.05
CA GLY C 632 -51.15 -9.67 -26.41
C GLY C 632 -52.03 -10.40 -27.41
N LEU C 633 -51.59 -10.34 -28.67
CA LEU C 633 -52.29 -10.98 -29.76
C LEU C 633 -51.72 -12.36 -30.12
N SER C 634 -50.48 -12.63 -29.76
CA SER C 634 -49.88 -13.92 -30.09
C SER C 634 -50.61 -15.03 -29.33
N PRO C 635 -51.13 -16.05 -30.02
CA PRO C 635 -51.82 -17.13 -29.31
C PRO C 635 -50.88 -18.02 -28.52
N VAL C 636 -49.67 -18.22 -29.07
CA VAL C 636 -48.70 -19.09 -28.42
C VAL C 636 -48.35 -18.55 -27.03
N PHE C 637 -48.06 -17.26 -26.94
CA PHE C 637 -47.74 -16.66 -25.66
C PHE C 637 -48.93 -16.72 -24.71
N ILE C 638 -50.13 -16.49 -25.22
CA ILE C 638 -51.32 -16.52 -24.38
C ILE C 638 -51.50 -17.90 -23.76
N GLU C 639 -51.35 -18.95 -24.57
CA GLU C 639 -51.51 -20.31 -24.07
C GLU C 639 -50.32 -20.77 -23.23
N SER C 640 -49.15 -20.15 -23.39
CA SER C 640 -47.99 -20.55 -22.61
C SER C 640 -48.21 -20.30 -21.12
N THR C 641 -48.78 -19.15 -20.77
CA THR C 641 -48.97 -18.81 -19.37
C THR C 641 -49.93 -19.76 -18.66
N LEU C 642 -50.81 -20.43 -19.41
CA LEU C 642 -51.74 -21.37 -18.79
C LEU C 642 -51.04 -22.56 -18.16
N MET C 643 -49.83 -22.88 -18.59
CA MET C 643 -49.13 -24.03 -18.03
C MET C 643 -48.87 -23.84 -16.55
N GLU C 644 -49.16 -24.88 -15.77
CA GLU C 644 -49.04 -24.77 -14.32
C GLU C 644 -47.60 -24.57 -13.89
N ASN C 645 -46.66 -25.25 -14.54
CA ASN C 645 -45.26 -25.21 -14.15
C ASN C 645 -44.40 -24.45 -15.14
N GLY C 646 -44.42 -24.84 -16.41
CA GLY C 646 -43.65 -24.18 -17.44
C GLY C 646 -42.98 -25.17 -18.38
N GLY C 647 -42.92 -24.82 -19.65
CA GLY C 647 -42.31 -25.63 -20.68
C GLY C 647 -43.07 -25.54 -21.98
N VAL C 648 -42.62 -26.34 -22.95
CA VAL C 648 -43.32 -26.40 -24.24
C VAL C 648 -44.57 -27.25 -24.08
N PRO C 649 -45.76 -26.73 -24.37
CA PRO C 649 -46.99 -27.49 -24.09
C PRO C 649 -47.16 -28.72 -24.96
N GLU C 650 -46.97 -28.55 -26.27
CA GLU C 650 -47.17 -29.63 -27.22
C GLU C 650 -45.91 -29.97 -28.01
N SER C 651 -44.73 -29.66 -27.47
CA SER C 651 -43.44 -29.95 -28.09
C SER C 651 -43.34 -29.77 -29.60
N ALA C 652 -43.75 -28.59 -30.09
CA ALA C 652 -43.67 -28.30 -31.51
C ALA C 652 -42.23 -28.19 -32.01
N ASN C 653 -42.08 -28.02 -33.32
CA ASN C 653 -40.76 -27.92 -33.92
C ASN C 653 -40.09 -26.60 -33.53
N SER C 654 -38.75 -26.63 -33.55
CA SER C 654 -37.99 -25.46 -33.13
C SER C 654 -38.20 -24.29 -34.08
N SER C 655 -38.41 -24.55 -35.37
CA SER C 655 -38.59 -23.46 -36.32
C SER C 655 -39.83 -22.63 -35.98
N THR C 656 -40.93 -23.29 -35.64
CA THR C 656 -42.14 -22.56 -35.30
C THR C 656 -41.94 -21.72 -34.05
N LEU C 657 -41.26 -22.27 -33.04
CA LEU C 657 -41.00 -21.51 -31.82
C LEU C 657 -40.12 -20.30 -32.11
N ILE C 658 -39.10 -20.48 -32.95
CA ILE C 658 -38.22 -19.35 -33.29
C ILE C 658 -39.00 -18.27 -34.03
N LYS C 659 -39.85 -18.68 -34.98
CA LYS C 659 -40.64 -17.71 -35.71
C LYS C 659 -41.60 -16.98 -34.78
N GLU C 660 -42.22 -17.69 -33.85
CA GLU C 660 -43.13 -17.06 -32.90
C GLU C 660 -42.40 -16.07 -32.01
N ALA C 661 -41.19 -16.44 -31.55
CA ALA C 661 -40.41 -15.54 -30.72
C ALA C 661 -40.00 -14.30 -31.50
N ILE C 662 -39.66 -14.47 -32.78
CA ILE C 662 -39.30 -13.32 -33.61
C ILE C 662 -40.50 -12.41 -33.81
N HIS C 663 -41.69 -13.00 -33.96
CA HIS C 663 -42.90 -12.20 -34.17
C HIS C 663 -43.39 -11.53 -32.89
N VAL C 664 -43.09 -12.09 -31.72
CA VAL C 664 -43.61 -11.57 -30.46
C VAL C 664 -42.73 -10.44 -29.95
N ILE C 665 -41.70 -10.06 -30.73
CA ILE C 665 -40.84 -8.94 -30.36
C ILE C 665 -41.06 -7.82 -31.35
N GLY C 666 -42.26 -7.74 -31.93
CA GLY C 666 -42.57 -6.68 -32.86
C GLY C 666 -42.50 -5.32 -32.20
N CYS C 667 -42.15 -4.32 -33.02
CA CYS C 667 -42.05 -2.96 -32.51
C CYS C 667 -43.36 -2.49 -31.90
N GLY C 668 -44.48 -2.83 -32.55
CA GLY C 668 -45.79 -2.42 -32.06
C GLY C 668 -46.57 -3.58 -31.47
N PHE C 669 -45.91 -4.47 -30.73
CA PHE C 669 -46.61 -5.57 -30.09
C PHE C 669 -47.39 -5.09 -28.88
N GLU C 670 -46.82 -4.14 -28.12
CA GLU C 670 -47.46 -3.63 -26.91
C GLU C 670 -48.22 -2.35 -27.23
N GLU C 671 -49.31 -2.51 -27.99
CA GLU C 671 -50.17 -1.40 -28.36
C GLU C 671 -51.42 -1.34 -27.49
N LYS C 672 -52.21 -2.42 -27.48
CA LYS C 672 -53.39 -2.51 -26.64
C LYS C 672 -53.16 -3.37 -25.39
N THR C 673 -51.93 -3.84 -25.18
CA THR C 673 -51.63 -4.69 -24.05
C THR C 673 -51.44 -3.84 -22.78
N GLU C 674 -51.42 -4.53 -21.64
CA GLU C 674 -51.17 -3.90 -20.35
C GLU C 674 -49.69 -3.93 -19.97
N TRP C 675 -48.82 -4.35 -20.88
CA TRP C 675 -47.39 -4.34 -20.59
C TRP C 675 -46.94 -2.93 -20.22
N GLY C 676 -46.19 -2.83 -19.14
CA GLY C 676 -45.77 -1.54 -18.62
C GLY C 676 -46.78 -0.91 -17.67
N LYS C 677 -48.03 -0.79 -18.12
CA LYS C 677 -49.04 -0.17 -17.27
C LYS C 677 -49.31 -1.00 -16.01
N GLU C 678 -49.52 -2.31 -16.19
CA GLU C 678 -49.88 -3.16 -15.06
C GLU C 678 -49.18 -4.51 -15.05
N ILE C 679 -48.34 -4.81 -16.04
CA ILE C 679 -47.73 -6.13 -16.18
C ILE C 679 -46.24 -5.97 -16.45
N GLY C 680 -45.43 -6.77 -15.77
CA GLY C 680 -44.00 -6.77 -16.02
C GLY C 680 -43.34 -5.47 -15.56
N TRP C 681 -42.16 -5.21 -16.14
CA TRP C 681 -41.45 -4.00 -15.83
C TRP C 681 -42.29 -2.79 -16.24
N ILE C 682 -42.24 -1.75 -15.40
CA ILE C 682 -43.16 -0.61 -15.53
C ILE C 682 -42.44 0.54 -16.22
N TYR C 683 -43.09 1.11 -17.23
CA TYR C 683 -42.55 2.26 -17.94
C TYR C 683 -42.76 3.53 -17.10
N GLY C 684 -42.07 4.59 -17.49
CA GLY C 684 -42.20 5.88 -16.83
C GLY C 684 -40.90 6.42 -16.29
N SER C 685 -40.78 6.48 -14.97
CA SER C 685 -39.59 7.05 -14.35
C SER C 685 -38.35 6.25 -14.74
N VAL C 686 -37.19 6.91 -14.63
CA VAL C 686 -35.93 6.24 -14.94
C VAL C 686 -35.69 5.07 -13.99
N THR C 687 -35.94 5.27 -12.70
CA THR C 687 -35.79 4.21 -11.71
C THR C 687 -37.05 3.36 -11.71
N GLU C 688 -37.29 2.70 -12.85
CA GLU C 688 -38.48 1.87 -13.01
C GLU C 688 -38.48 0.66 -12.07
N ASP C 689 -37.31 0.27 -11.54
CA ASP C 689 -37.25 -0.89 -10.67
C ASP C 689 -38.09 -0.68 -9.42
N ILE C 690 -37.99 0.50 -8.80
CA ILE C 690 -38.75 0.77 -7.58
C ILE C 690 -40.25 0.72 -7.87
N LEU C 691 -40.67 1.33 -8.99
CA LEU C 691 -42.09 1.33 -9.32
C LEU C 691 -42.59 -0.09 -9.59
N SER C 692 -41.80 -0.89 -10.31
CA SER C 692 -42.22 -2.27 -10.58
C SER C 692 -42.33 -3.07 -9.28
N GLY C 693 -41.36 -2.92 -8.38
CA GLY C 693 -41.44 -3.62 -7.11
C GLY C 693 -42.63 -3.19 -6.28
N PHE C 694 -42.90 -1.89 -6.24
CA PHE C 694 -44.05 -1.39 -5.50
C PHE C 694 -45.35 -1.93 -6.07
N LYS C 695 -45.48 -1.94 -7.40
CA LYS C 695 -46.69 -2.46 -8.01
C LYS C 695 -46.86 -3.95 -7.72
N MET C 696 -45.76 -4.71 -7.79
CA MET C 696 -45.86 -6.14 -7.49
C MET C 696 -46.26 -6.37 -6.04
N HIS C 697 -45.69 -5.60 -5.12
CA HIS C 697 -46.05 -5.75 -3.71
C HIS C 697 -47.48 -5.29 -3.42
N CYS C 698 -48.01 -4.35 -4.21
CA CYS C 698 -49.32 -3.79 -3.93
C CYS C 698 -50.43 -4.83 -4.02
N ARG C 699 -50.22 -5.94 -4.71
CA ARG C 699 -51.24 -6.97 -4.87
C ARG C 699 -51.12 -8.07 -3.83
N GLY C 700 -50.45 -7.81 -2.71
CA GLY C 700 -50.31 -8.78 -1.64
C GLY C 700 -49.11 -9.68 -1.75
N TRP C 701 -48.31 -9.57 -2.81
CA TRP C 701 -47.11 -10.39 -2.92
C TRP C 701 -46.11 -10.03 -1.83
N ARG C 702 -45.31 -11.03 -1.46
CA ARG C 702 -44.23 -10.84 -0.50
C ARG C 702 -42.90 -11.04 -1.22
N SER C 703 -41.87 -10.35 -0.73
CA SER C 703 -40.52 -10.52 -1.23
C SER C 703 -39.62 -10.93 -0.07
N ILE C 704 -38.56 -11.67 -0.42
CA ILE C 704 -37.64 -12.21 0.58
C ILE C 704 -36.27 -11.62 0.33
N TYR C 705 -35.48 -11.56 1.41
CA TYR C 705 -34.13 -11.02 1.37
C TYR C 705 -33.14 -12.14 1.67
N CYS C 706 -32.17 -12.33 0.77
CA CYS C 706 -31.12 -13.31 0.93
C CYS C 706 -29.79 -12.61 1.16
N MET C 707 -29.07 -13.07 2.18
CA MET C 707 -27.73 -12.55 2.48
C MET C 707 -26.80 -13.73 2.66
N PRO C 708 -26.43 -14.40 1.57
CA PRO C 708 -25.49 -15.52 1.69
C PRO C 708 -24.14 -15.05 2.19
N VAL C 709 -23.40 -15.98 2.79
CA VAL C 709 -22.07 -15.66 3.31
C VAL C 709 -21.22 -15.05 2.21
N ARG C 710 -21.24 -15.65 1.03
CA ARG C 710 -20.63 -15.02 -0.13
C ARG C 710 -21.59 -14.00 -0.73
N PRO C 711 -21.07 -12.96 -1.37
CA PRO C 711 -21.96 -11.95 -1.97
C PRO C 711 -22.96 -12.55 -2.95
N ALA C 712 -22.54 -13.54 -3.74
CA ALA C 712 -23.41 -14.21 -4.71
C ALA C 712 -23.68 -13.33 -5.92
N PHE C 713 -23.30 -12.05 -5.84
CA PHE C 713 -23.46 -11.13 -6.96
C PHE C 713 -22.51 -9.96 -6.75
N LYS C 714 -21.63 -9.73 -7.72
CA LYS C 714 -20.68 -8.64 -7.62
C LYS C 714 -20.59 -7.94 -8.98
N GLY C 715 -20.43 -6.63 -8.94
CA GLY C 715 -20.33 -5.85 -10.15
C GLY C 715 -19.33 -4.72 -10.02
N SER C 716 -19.49 -3.69 -10.85
CA SER C 716 -18.61 -2.54 -10.86
C SER C 716 -19.34 -1.31 -10.35
N ALA C 717 -18.64 -0.49 -9.59
CA ALA C 717 -19.17 0.73 -9.01
C ALA C 717 -18.51 1.93 -9.68
N PRO C 718 -19.16 3.09 -9.65
CA PRO C 718 -18.55 4.28 -10.24
C PRO C 718 -17.20 4.59 -9.60
N ILE C 719 -16.27 5.05 -10.44
CA ILE C 719 -14.93 5.40 -9.98
C ILE C 719 -14.66 6.90 -10.01
N ASN C 720 -15.45 7.67 -10.75
CA ASN C 720 -15.33 9.12 -10.79
C ASN C 720 -16.55 9.75 -10.15
N LEU C 721 -16.34 10.91 -9.51
CA LEU C 721 -17.44 11.59 -8.85
C LEU C 721 -18.54 11.97 -9.84
N SER C 722 -18.17 12.23 -11.10
CA SER C 722 -19.18 12.59 -12.08
C SER C 722 -20.21 11.47 -12.25
N ASP C 723 -19.74 10.23 -12.38
CA ASP C 723 -20.65 9.11 -12.57
C ASP C 723 -21.53 8.90 -11.35
N ARG C 724 -20.94 8.97 -10.14
CA ARG C 724 -21.72 8.76 -8.93
C ARG C 724 -22.79 9.84 -8.77
N LEU C 725 -22.41 11.10 -9.02
CA LEU C 725 -23.38 12.19 -8.91
C LEU C 725 -24.46 12.06 -9.96
N HIS C 726 -24.11 11.65 -11.18
CA HIS C 726 -25.11 11.45 -12.21
C HIS C 726 -26.07 10.33 -11.82
N GLN C 727 -25.56 9.24 -11.24
CA GLN C 727 -26.42 8.17 -10.79
C GLN C 727 -27.36 8.62 -9.69
N VAL C 728 -26.85 9.39 -8.73
CA VAL C 728 -27.69 9.90 -7.65
C VAL C 728 -28.78 10.81 -8.21
N LEU C 729 -28.40 11.68 -9.14
CA LEU C 729 -29.39 12.57 -9.76
C LEU C 729 -30.42 11.77 -10.54
N ARG C 730 -30.00 10.71 -11.21
CA ARG C 730 -30.94 9.86 -11.94
C ARG C 730 -31.95 9.22 -10.98
N TRP C 731 -31.45 8.70 -9.85
CA TRP C 731 -32.35 8.11 -8.86
C TRP C 731 -33.33 9.15 -8.33
N ALA C 732 -32.83 10.34 -8.00
CA ALA C 732 -33.70 11.38 -7.46
C ALA C 732 -34.74 11.81 -8.47
N LEU C 733 -34.34 11.97 -9.74
CA LEU C 733 -35.29 12.36 -10.78
C LEU C 733 -36.35 11.29 -10.97
N GLY C 734 -35.95 10.01 -10.96
CA GLY C 734 -36.93 8.96 -11.06
C GLY C 734 -37.90 8.95 -9.89
N SER C 735 -37.39 9.16 -8.68
CA SER C 735 -38.26 9.21 -7.51
C SER C 735 -39.23 10.36 -7.60
N VAL C 736 -38.76 11.53 -8.05
CA VAL C 736 -39.64 12.69 -8.18
C VAL C 736 -40.71 12.43 -9.24
N GLU C 737 -40.31 11.83 -10.37
CA GLU C 737 -41.28 11.51 -11.40
C GLU C 737 -42.34 10.55 -10.89
N ILE C 738 -41.91 9.56 -10.09
CA ILE C 738 -42.88 8.66 -9.46
C ILE C 738 -43.81 9.43 -8.53
N PHE C 739 -43.25 10.39 -7.79
CA PHE C 739 -44.05 11.13 -6.82
C PHE C 739 -45.21 11.86 -7.47
N PHE C 740 -44.95 12.52 -8.60
CA PHE C 740 -45.97 13.28 -9.30
C PHE C 740 -46.75 12.46 -10.32
N SER C 741 -46.39 11.18 -10.49
CA SER C 741 -47.11 10.31 -11.41
C SER C 741 -48.30 9.67 -10.70
N ARG C 742 -49.13 8.95 -11.46
CA ARG C 742 -50.30 8.30 -10.88
C ARG C 742 -49.88 7.23 -9.88
N HIS C 743 -48.71 6.62 -10.08
CA HIS C 743 -48.22 5.58 -9.20
C HIS C 743 -47.53 6.20 -7.98
N CYS C 744 -48.30 6.88 -7.13
CA CYS C 744 -47.77 7.52 -5.94
C CYS C 744 -48.30 6.81 -4.70
N PRO C 745 -47.44 6.39 -3.76
CA PRO C 745 -47.95 5.68 -2.58
C PRO C 745 -48.93 6.50 -1.75
N PHE C 746 -48.94 7.82 -1.90
CA PHE C 746 -49.83 8.65 -1.10
C PHE C 746 -51.30 8.33 -1.39
N TRP C 747 -51.63 8.07 -2.66
CA TRP C 747 -53.01 7.84 -3.06
C TRP C 747 -53.12 6.64 -3.99
N TYR C 748 -52.21 5.67 -3.88
CA TYR C 748 -52.23 4.49 -4.72
C TYR C 748 -52.15 3.24 -3.87
N GLY C 749 -52.91 2.21 -4.26
CA GLY C 749 -52.88 0.93 -3.60
C GLY C 749 -53.83 0.79 -2.42
N TYR C 750 -54.51 1.86 -2.02
CA TYR C 750 -55.44 1.76 -0.90
C TYR C 750 -56.59 0.82 -1.22
N GLY C 751 -57.13 0.90 -2.44
CA GLY C 751 -58.20 0.02 -2.85
C GLY C 751 -57.72 -1.42 -2.86
N GLY C 752 -58.41 -2.29 -2.13
CA GLY C 752 -58.03 -3.68 -2.04
C GLY C 752 -57.06 -4.01 -0.93
N GLY C 753 -56.39 -3.01 -0.37
CA GLY C 753 -55.45 -3.26 0.70
C GLY C 753 -54.34 -4.19 0.24
N ARG C 754 -54.07 -5.22 1.06
CA ARG C 754 -53.03 -6.22 0.82
C ARG C 754 -51.62 -5.65 0.95
N LEU C 755 -51.49 -4.39 1.37
CA LEU C 755 -50.19 -3.76 1.58
C LEU C 755 -50.06 -3.41 3.06
N LYS C 756 -49.01 -3.91 3.71
CA LYS C 756 -48.83 -3.65 5.12
C LYS C 756 -48.73 -2.16 5.38
N TRP C 757 -49.45 -1.69 6.40
CA TRP C 757 -49.44 -0.27 6.73
C TRP C 757 -48.06 0.22 7.12
N LEU C 758 -47.25 -0.63 7.75
CA LEU C 758 -45.90 -0.26 8.17
C LEU C 758 -44.91 -0.24 7.02
N GLN C 759 -45.20 -0.93 5.90
CA GLN C 759 -44.34 -0.89 4.73
C GLN C 759 -44.62 0.30 3.84
N ARG C 760 -45.88 0.75 3.76
CA ARG C 760 -46.19 1.93 2.95
C ARG C 760 -45.38 3.13 3.43
N LEU C 761 -45.00 3.16 4.70
CA LEU C 761 -44.10 4.19 5.19
C LEU C 761 -42.74 4.10 4.50
N ALA C 762 -42.25 2.88 4.29
CA ALA C 762 -40.96 2.71 3.61
C ALA C 762 -41.02 3.24 2.19
N TYR C 763 -42.08 2.93 1.45
CA TYR C 763 -42.22 3.44 0.09
C TYR C 763 -42.40 4.96 0.09
N ILE C 764 -43.18 5.48 1.03
CA ILE C 764 -43.34 6.93 1.14
C ILE C 764 -41.99 7.59 1.35
N ASN C 765 -41.15 7.02 2.22
CA ASN C 765 -39.81 7.55 2.43
C ASN C 765 -38.98 7.47 1.15
N THR C 766 -38.99 6.32 0.49
CA THR C 766 -38.19 6.15 -0.72
C THR C 766 -38.65 7.09 -1.82
N ILE C 767 -39.89 7.55 -1.76
CA ILE C 767 -40.40 8.46 -2.79
C ILE C 767 -40.15 9.91 -2.43
N VAL C 768 -40.30 10.28 -1.16
CA VAL C 768 -40.26 11.68 -0.74
C VAL C 768 -38.91 12.06 -0.16
N TYR C 769 -37.93 11.16 -0.15
CA TYR C 769 -36.61 11.53 0.35
C TYR C 769 -36.00 12.70 -0.43
N PRO C 770 -36.16 12.82 -1.75
CA PRO C 770 -35.59 14.00 -2.43
C PRO C 770 -36.14 15.31 -1.88
N PHE C 771 -37.42 15.33 -1.50
CA PHE C 771 -38.01 16.57 -1.00
C PHE C 771 -37.38 17.04 0.30
N THR C 772 -36.73 16.14 1.05
CA THR C 772 -36.02 16.57 2.24
C THR C 772 -34.77 17.37 1.91
N SER C 773 -34.37 17.41 0.64
CA SER C 773 -33.22 18.21 0.26
C SER C 773 -33.48 19.71 0.47
N LEU C 774 -34.68 20.17 0.13
CA LEU C 774 -34.99 21.59 0.29
C LEU C 774 -34.87 22.03 1.74
N PRO C 775 -35.49 21.37 2.72
CA PRO C 775 -35.21 21.72 4.11
C PRO C 775 -33.75 21.52 4.49
N LEU C 776 -33.06 20.56 3.87
CA LEU C 776 -31.64 20.35 4.19
C LEU C 776 -30.82 21.60 3.87
N ILE C 777 -30.95 22.12 2.64
CA ILE C 777 -30.17 23.29 2.28
C ILE C 777 -30.72 24.52 2.99
N ALA C 778 -32.03 24.56 3.26
CA ALA C 778 -32.59 25.66 4.02
C ALA C 778 -31.96 25.73 5.42
N TYR C 779 -31.81 24.58 6.07
CA TYR C 779 -31.18 24.54 7.38
C TYR C 779 -29.70 24.87 7.29
N CYS C 780 -29.03 24.38 6.25
CA CYS C 780 -27.61 24.68 6.08
C CYS C 780 -27.36 26.17 5.80
N THR C 781 -28.35 26.86 5.23
CA THR C 781 -28.21 28.30 5.01
C THR C 781 -28.40 29.10 6.28
N ILE C 782 -29.20 28.59 7.23
CA ILE C 782 -29.50 29.35 8.44
C ILE C 782 -28.23 29.74 9.20
N PRO C 783 -27.24 28.87 9.38
CA PRO C 783 -26.03 29.27 10.13
C PRO C 783 -25.42 30.57 9.63
N ALA C 784 -25.16 30.69 8.33
CA ALA C 784 -24.45 31.86 7.83
C ALA C 784 -25.29 33.13 7.98
N VAL C 785 -26.57 33.06 7.61
CA VAL C 785 -27.43 34.23 7.71
C VAL C 785 -27.53 34.69 9.16
N CYS C 786 -27.73 33.74 10.08
CA CYS C 786 -27.80 34.10 11.49
C CYS C 786 -26.48 34.69 11.98
N LEU C 787 -25.36 34.07 11.60
CA LEU C 787 -24.07 34.48 12.15
C LEU C 787 -23.62 35.82 11.60
N LEU C 788 -24.05 36.18 10.39
CA LEU C 788 -23.62 37.45 9.81
C LEU C 788 -24.31 38.63 10.49
N THR C 789 -25.64 38.69 10.40
CA THR C 789 -26.40 39.84 10.87
C THR C 789 -27.28 39.52 12.08
N GLY C 790 -28.14 38.52 11.97
CA GLY C 790 -29.08 38.20 13.04
C GLY C 790 -28.40 37.81 14.33
N LYS C 791 -27.67 36.71 14.31
CA LYS C 791 -26.94 36.19 15.46
C LYS C 791 -27.86 35.73 16.58
N PHE C 792 -29.07 35.29 16.24
CA PHE C 792 -30.01 34.78 17.24
C PHE C 792 -31.06 33.93 16.54
N ILE C 793 -31.08 32.64 16.87
CA ILE C 793 -32.03 31.69 16.32
C ILE C 793 -33.02 31.23 17.39
N ILE C 794 -32.54 30.97 18.59
CA ILE C 794 -33.37 30.49 19.68
C ILE C 794 -33.12 31.35 20.91
N PRO C 795 -34.11 31.55 21.79
CA PRO C 795 -33.85 32.25 23.04
C PRO C 795 -32.84 31.50 23.90
N THR C 796 -32.13 32.26 24.73
CA THR C 796 -31.13 31.66 25.60
C THR C 796 -31.76 30.58 26.47
N LEU C 797 -31.06 29.46 26.60
CA LEU C 797 -31.57 28.34 27.37
C LEU C 797 -32.10 28.71 28.76
N SER C 798 -33.30 28.22 29.07
CA SER C 798 -34.01 28.57 30.29
C SER C 798 -33.95 27.45 31.34
N ASN C 799 -32.80 26.79 31.46
CA ASN C 799 -32.59 25.76 32.47
C ASN C 799 -33.32 24.46 32.12
N LEU C 800 -34.11 24.47 31.05
CA LEU C 800 -34.82 23.29 30.58
C LEU C 800 -34.40 22.87 29.18
N ALA C 801 -33.79 23.76 28.40
CA ALA C 801 -33.36 23.39 27.05
C ALA C 801 -32.11 22.52 27.09
N SER C 802 -31.26 22.69 28.12
CA SER C 802 -30.06 21.88 28.21
C SER C 802 -30.40 20.40 28.24
N MET C 803 -31.38 20.03 29.07
CA MET C 803 -31.74 18.62 29.20
C MET C 803 -32.27 18.07 27.89
N LEU C 804 -33.11 18.84 27.19
CA LEU C 804 -33.66 18.37 25.92
C LEU C 804 -32.57 18.21 24.87
N PHE C 805 -31.65 19.17 24.78
CA PHE C 805 -30.57 19.08 23.81
C PHE C 805 -29.67 17.87 24.10
N LEU C 806 -29.30 17.68 25.37
CA LEU C 806 -28.48 16.53 25.72
C LEU C 806 -29.22 15.22 25.45
N GLY C 807 -30.52 15.19 25.75
CA GLY C 807 -31.30 14.01 25.44
C GLY C 807 -31.33 13.70 23.96
N LEU C 808 -31.52 14.73 23.13
CA LEU C 808 -31.50 14.52 21.68
C LEU C 808 -30.16 13.96 21.22
N PHE C 809 -29.07 14.58 21.66
CA PHE C 809 -27.74 14.14 21.22
C PHE C 809 -27.45 12.71 21.68
N ILE C 810 -27.73 12.41 22.95
CA ILE C 810 -27.47 11.06 23.46
C ILE C 810 -28.38 10.05 22.77
N SER C 811 -29.62 10.44 22.45
CA SER C 811 -30.51 9.53 21.75
C SER C 811 -29.96 9.20 20.36
N ILE C 812 -29.48 10.22 19.64
CA ILE C 812 -28.89 9.96 18.33
C ILE C 812 -27.69 9.02 18.48
N ILE C 813 -26.82 9.31 19.45
CA ILE C 813 -25.60 8.51 19.60
C ILE C 813 -25.96 7.07 19.95
N VAL C 814 -26.90 6.87 20.88
CA VAL C 814 -27.22 5.52 21.33
C VAL C 814 -27.97 4.74 20.25
N THR C 815 -28.87 5.39 19.52
CA THR C 815 -29.53 4.69 18.42
C THR C 815 -28.53 4.29 17.35
N ALA C 816 -27.57 5.17 17.05
CA ALA C 816 -26.51 4.78 16.10
C ALA C 816 -25.72 3.60 16.64
N VAL C 817 -25.39 3.62 17.94
CA VAL C 817 -24.60 2.54 18.52
C VAL C 817 -25.34 1.22 18.43
N LEU C 818 -26.63 1.21 18.77
CA LEU C 818 -27.40 -0.04 18.75
C LEU C 818 -27.62 -0.51 17.31
N GLU C 819 -27.85 0.42 16.39
CA GLU C 819 -27.97 0.05 14.99
C GLU C 819 -26.68 -0.60 14.50
N LEU C 820 -25.54 -0.03 14.86
CA LEU C 820 -24.26 -0.64 14.54
C LEU C 820 -24.14 -2.04 15.16
N ARG C 821 -24.54 -2.15 16.43
CA ARG C 821 -24.37 -3.41 17.15
C ARG C 821 -25.15 -4.53 16.47
N TRP C 822 -26.44 -4.30 16.20
CA TRP C 822 -27.28 -5.38 15.67
C TRP C 822 -27.13 -5.56 14.16
N SER C 823 -26.84 -4.50 13.42
CA SER C 823 -26.73 -4.62 11.97
C SER C 823 -25.40 -5.26 11.55
N GLY C 824 -24.33 -4.95 12.28
CA GLY C 824 -22.99 -5.38 11.90
C GLY C 824 -22.21 -4.36 11.11
N VAL C 825 -22.84 -3.29 10.63
CA VAL C 825 -22.12 -2.22 9.95
C VAL C 825 -21.14 -1.58 10.92
N SER C 826 -20.13 -0.90 10.36
CA SER C 826 -19.14 -0.19 11.16
C SER C 826 -19.56 1.25 11.37
N ILE C 827 -19.05 1.84 12.45
CA ILE C 827 -19.35 3.24 12.75
C ILE C 827 -18.84 4.15 11.64
N GLU C 828 -17.66 3.81 11.08
CA GLU C 828 -17.13 4.58 9.97
C GLU C 828 -18.10 4.62 8.81
N ASP C 829 -18.70 3.47 8.49
CA ASP C 829 -19.64 3.41 7.37
C ASP C 829 -20.90 4.22 7.66
N LEU C 830 -21.39 4.18 8.90
CA LEU C 830 -22.58 4.95 9.24
C LEU C 830 -22.31 6.45 9.12
N TRP C 831 -21.17 6.90 9.65
CA TRP C 831 -20.81 8.31 9.51
C TRP C 831 -20.64 8.67 8.05
N ARG C 832 -20.00 7.82 7.27
CA ARG C 832 -19.83 8.06 5.84
C ARG C 832 -21.18 8.22 5.16
N ASN C 833 -22.14 7.35 5.50
CA ASN C 833 -23.46 7.47 4.91
C ASN C 833 -24.12 8.79 5.30
N GLU C 834 -23.98 9.20 6.56
CA GLU C 834 -24.61 10.45 6.98
C GLU C 834 -24.02 11.63 6.22
N GLN C 835 -22.70 11.74 6.18
CA GLN C 835 -22.08 12.90 5.56
C GLN C 835 -22.05 12.78 4.04
N PHE C 836 -22.44 11.64 3.48
CA PHE C 836 -22.67 11.56 2.04
C PHE C 836 -24.10 11.93 1.70
N TRP C 837 -25.05 11.53 2.54
CA TRP C 837 -26.44 11.93 2.36
C TRP C 837 -26.58 13.44 2.44
N VAL C 838 -25.89 14.07 3.39
CA VAL C 838 -26.00 15.53 3.53
C VAL C 838 -25.54 16.22 2.26
N ILE C 839 -24.36 15.83 1.75
CA ILE C 839 -23.82 16.48 0.55
C ILE C 839 -24.71 16.20 -0.65
N GLY C 840 -25.16 14.95 -0.80
CA GLY C 840 -26.06 14.64 -1.90
C GLY C 840 -27.34 15.47 -1.85
N GLY C 841 -27.90 15.63 -0.64
CA GLY C 841 -29.08 16.45 -0.51
C GLY C 841 -28.82 17.90 -0.86
N VAL C 842 -27.67 18.43 -0.44
CA VAL C 842 -27.35 19.82 -0.75
C VAL C 842 -27.24 20.01 -2.26
N SER C 843 -26.46 19.16 -2.92
CA SER C 843 -26.13 19.34 -4.34
C SER C 843 -27.05 18.53 -5.26
N ALA C 844 -27.02 17.21 -5.13
CA ALA C 844 -27.69 16.36 -6.11
C ALA C 844 -29.21 16.46 -5.99
N HIS C 845 -29.73 16.33 -4.77
CA HIS C 845 -31.18 16.22 -4.61
C HIS C 845 -31.85 17.58 -4.75
N LEU C 846 -31.16 18.66 -4.41
CA LEU C 846 -31.75 19.99 -4.62
C LEU C 846 -32.00 20.23 -6.10
N PHE C 847 -30.97 20.01 -6.93
CA PHE C 847 -31.15 20.13 -8.37
C PHE C 847 -32.19 19.13 -8.87
N ALA C 848 -32.17 17.91 -8.33
CA ALA C 848 -33.15 16.92 -8.76
C ALA C 848 -34.58 17.39 -8.49
N VAL C 849 -34.81 17.94 -7.31
CA VAL C 849 -36.16 18.39 -6.94
C VAL C 849 -36.56 19.59 -7.77
N PHE C 850 -35.66 20.55 -7.95
CA PHE C 850 -36.00 21.72 -8.76
C PHE C 850 -36.31 21.32 -10.19
N GLN C 851 -35.49 20.43 -10.77
CA GLN C 851 -35.72 19.98 -12.13
C GLN C 851 -37.02 19.19 -12.24
N GLY C 852 -37.32 18.36 -11.23
CA GLY C 852 -38.55 17.60 -11.26
C GLY C 852 -39.77 18.49 -11.16
N PHE C 853 -39.70 19.51 -10.30
CA PHE C 853 -40.81 20.45 -10.20
C PHE C 853 -40.98 21.22 -11.50
N LEU C 854 -39.86 21.64 -12.11
CA LEU C 854 -39.94 22.36 -13.38
C LEU C 854 -40.54 21.48 -14.47
N LYS C 855 -40.16 20.21 -14.50
CA LYS C 855 -40.70 19.29 -15.50
C LYS C 855 -42.17 18.99 -15.24
N MET C 856 -42.57 18.86 -13.97
CA MET C 856 -43.98 18.68 -13.65
C MET C 856 -44.79 19.87 -14.09
N LEU C 857 -44.29 21.08 -13.86
CA LEU C 857 -44.95 22.27 -14.37
C LEU C 857 -45.03 22.24 -15.89
N ALA C 858 -43.94 21.80 -16.53
CA ALA C 858 -43.96 21.60 -17.98
C ALA C 858 -44.75 20.35 -18.35
N GLY C 859 -44.81 19.38 -17.44
CA GLY C 859 -45.52 18.14 -17.70
C GLY C 859 -44.59 16.94 -17.76
N VAL C 882 -27.59 17.95 -16.74
CA VAL C 882 -26.68 18.74 -15.93
C VAL C 882 -25.26 18.24 -16.13
N LYS C 883 -24.29 19.04 -15.70
CA LYS C 883 -22.89 18.70 -15.82
C LYS C 883 -22.29 18.44 -14.44
N TRP C 884 -21.10 17.82 -14.44
CA TRP C 884 -20.37 17.62 -13.20
C TRP C 884 -20.07 18.95 -12.53
N THR C 885 -19.67 19.96 -13.30
CA THR C 885 -19.39 21.26 -12.73
C THR C 885 -20.67 21.91 -12.18
N THR C 886 -21.74 21.90 -12.97
CA THR C 886 -22.99 22.52 -12.54
C THR C 886 -23.56 21.85 -11.29
N LEU C 887 -23.46 20.52 -11.20
CA LEU C 887 -23.92 19.82 -10.00
C LEU C 887 -23.16 20.26 -8.76
N LEU C 888 -21.98 20.85 -8.92
CA LEU C 888 -21.12 21.21 -7.80
C LEU C 888 -21.29 22.65 -7.36
N ILE C 889 -22.22 23.39 -7.96
CA ILE C 889 -22.39 24.81 -7.69
C ILE C 889 -23.04 25.03 -6.33
N PRO C 890 -24.24 24.50 -6.07
CA PRO C 890 -24.92 24.77 -4.80
C PRO C 890 -24.04 24.47 -3.60
N PRO C 891 -23.55 23.23 -3.47
CA PRO C 891 -22.79 22.91 -2.24
C PRO C 891 -21.59 23.81 -2.02
N THR C 892 -20.87 24.14 -3.10
CA THR C 892 -19.72 25.03 -2.96
C THR C 892 -20.15 26.36 -2.35
N THR C 893 -21.30 26.89 -2.78
CA THR C 893 -21.82 28.11 -2.15
C THR C 893 -21.94 27.92 -0.65
N LEU C 894 -22.53 26.81 -0.22
CA LEU C 894 -22.63 26.53 1.21
C LEU C 894 -21.26 26.41 1.85
N LEU C 895 -20.26 25.91 1.10
CA LEU C 895 -18.90 25.91 1.60
C LEU C 895 -18.41 27.33 1.84
N ILE C 896 -18.71 28.24 0.90
CA ILE C 896 -18.23 29.62 1.03
C ILE C 896 -19.07 30.38 2.04
N ILE C 897 -20.38 30.52 1.78
CA ILE C 897 -21.24 31.34 2.62
C ILE C 897 -21.10 30.95 4.09
N ASN C 898 -20.74 29.69 4.36
CA ASN C 898 -20.50 29.29 5.74
C ASN C 898 -19.08 29.68 6.17
N ILE C 899 -18.07 29.20 5.45
CA ILE C 899 -16.69 29.39 5.89
C ILE C 899 -16.34 30.87 5.95
N VAL C 900 -16.73 31.64 4.93
CA VAL C 900 -16.50 33.08 4.97
C VAL C 900 -17.32 33.73 6.07
N GLY C 901 -18.52 33.21 6.31
CA GLY C 901 -19.37 33.73 7.37
C GLY C 901 -18.78 33.49 8.73
N VAL C 902 -18.58 32.22 9.09
CA VAL C 902 -18.11 31.88 10.43
C VAL C 902 -16.78 32.58 10.72
N VAL C 903 -15.84 32.50 9.77
CA VAL C 903 -14.56 33.16 9.97
C VAL C 903 -14.75 34.66 10.12
N ALA C 904 -15.68 35.23 9.35
CA ALA C 904 -16.02 36.64 9.54
C ALA C 904 -16.62 36.85 10.92
N GLY C 905 -17.53 35.97 11.33
CA GLY C 905 -18.15 36.08 12.64
C GLY C 905 -17.12 36.29 13.72
N PHE C 906 -16.23 35.30 13.89
CA PHE C 906 -15.10 35.45 14.81
C PHE C 906 -14.53 36.86 14.75
N SER C 907 -14.12 37.29 13.55
CA SER C 907 -13.54 38.62 13.39
C SER C 907 -14.43 39.66 14.05
N ASP C 908 -15.67 39.79 13.60
CA ASP C 908 -16.57 40.73 14.22
C ASP C 908 -16.76 40.41 15.70
N ALA C 909 -16.95 39.12 16.01
CA ALA C 909 -17.09 38.73 17.40
C ALA C 909 -15.89 39.14 18.22
N LEU C 910 -14.70 39.17 17.62
CA LEU C 910 -13.52 39.60 18.35
C LEU C 910 -13.48 41.12 18.47
N ASN C 911 -13.98 41.83 17.47
CA ASN C 911 -14.00 43.29 17.55
C ASN C 911 -15.09 43.76 18.51
N LYS C 912 -16.16 42.98 18.65
CA LYS C 912 -17.21 43.31 19.59
C LYS C 912 -16.70 43.15 21.02
N GLY C 913 -17.55 43.45 22.00
CA GLY C 913 -17.19 43.36 23.40
C GLY C 913 -16.57 42.02 23.79
N TYR C 914 -16.77 40.99 22.95
CA TYR C 914 -16.20 39.67 23.16
C TYR C 914 -16.43 39.17 24.59
N GLU C 915 -17.52 39.64 25.21
CA GLU C 915 -17.89 39.20 26.54
C GLU C 915 -19.22 38.46 26.57
N ALA C 916 -20.19 38.87 25.76
CA ALA C 916 -21.47 38.19 25.66
C ALA C 916 -21.41 37.13 24.56
N TRP C 917 -20.42 36.24 24.67
CA TRP C 917 -20.27 35.13 23.75
C TRP C 917 -20.72 33.79 24.34
N GLY C 918 -20.84 32.80 23.46
CA GLY C 918 -21.50 31.56 23.77
C GLY C 918 -22.63 31.34 22.78
N PRO C 919 -23.43 32.39 22.55
CA PRO C 919 -24.21 32.42 21.31
C PRO C 919 -23.32 32.43 20.09
N LEU C 920 -22.18 33.12 20.17
CA LEU C 920 -21.17 33.02 19.13
C LEU C 920 -20.67 31.58 19.02
N PHE C 921 -20.44 30.93 20.16
CA PHE C 921 -20.05 29.53 20.15
C PHE C 921 -21.15 28.67 19.55
N GLY C 922 -22.42 28.97 19.87
CA GLY C 922 -23.51 28.19 19.31
C GLY C 922 -23.58 28.29 17.80
N LYS C 923 -23.49 29.51 17.28
CA LYS C 923 -23.54 29.68 15.83
C LYS C 923 -22.31 29.06 15.17
N VAL C 924 -21.15 29.18 15.81
CA VAL C 924 -19.95 28.55 15.28
C VAL C 924 -20.12 27.04 15.23
N PHE C 925 -20.69 26.45 16.28
CA PHE C 925 -20.90 25.01 16.30
C PHE C 925 -21.91 24.58 15.24
N PHE C 926 -22.95 25.38 15.03
CA PHE C 926 -23.91 25.05 13.97
C PHE C 926 -23.25 25.11 12.60
N ALA C 927 -22.52 26.18 12.30
CA ALA C 927 -21.82 26.27 11.04
C ALA C 927 -20.78 25.17 10.91
N PHE C 928 -20.19 24.72 12.02
CA PHE C 928 -19.22 23.63 11.97
C PHE C 928 -19.91 22.30 11.69
N TRP C 929 -21.10 22.08 12.28
CA TRP C 929 -21.87 20.90 11.93
C TRP C 929 -22.16 20.88 10.44
N VAL C 930 -22.53 22.02 9.87
CA VAL C 930 -22.78 22.09 8.44
C VAL C 930 -21.49 21.81 7.66
N ILE C 931 -20.39 22.47 8.05
CA ILE C 931 -19.18 22.45 7.23
C ILE C 931 -18.51 21.09 7.28
N LEU C 932 -18.48 20.44 8.45
CA LEU C 932 -17.82 19.14 8.56
C LEU C 932 -18.53 18.09 7.74
N HIS C 933 -19.85 18.27 7.54
CA HIS C 933 -20.64 17.27 6.82
C HIS C 933 -20.33 17.30 5.34
N LEU C 934 -20.22 18.49 4.74
CA LEU C 934 -19.99 18.61 3.31
C LEU C 934 -18.61 19.14 2.90
N TYR C 935 -17.65 19.18 3.82
CA TYR C 935 -16.27 19.52 3.47
C TYR C 935 -15.52 18.31 2.93
N PRO C 936 -15.58 17.15 3.60
CA PRO C 936 -14.75 16.01 3.17
C PRO C 936 -15.00 15.59 1.72
N PHE C 937 -16.23 15.21 1.38
CA PHE C 937 -16.51 14.79 0.01
C PHE C 937 -16.33 15.94 -0.97
N LEU C 938 -16.81 17.12 -0.60
CA LEU C 938 -16.88 18.24 -1.54
C LEU C 938 -15.50 18.75 -1.92
N LYS C 939 -14.56 18.74 -0.98
CA LYS C 939 -13.21 19.24 -1.24
C LYS C 939 -12.24 18.13 -1.60
N GLY C 940 -12.32 16.99 -0.91
CA GLY C 940 -11.39 15.90 -1.19
C GLY C 940 -11.44 15.43 -2.62
N LEU C 941 -12.60 15.57 -3.27
CA LEU C 941 -12.67 15.27 -4.70
C LEU C 941 -11.67 16.11 -5.48
N MET C 942 -11.37 17.31 -5.00
CA MET C 942 -10.34 18.16 -5.58
C MET C 942 -9.04 17.93 -4.81
N GLY C 943 -7.99 17.51 -5.53
CA GLY C 943 -6.71 17.19 -4.94
C GLY C 943 -6.49 15.68 -4.88
N ARG C 944 -5.26 15.31 -4.56
CA ARG C 944 -4.88 13.90 -4.47
C ARG C 944 -5.34 13.28 -3.15
N GLN C 945 -4.66 13.60 -2.05
CA GLN C 945 -5.06 13.16 -0.71
C GLN C 945 -5.47 14.36 0.13
N ASN C 946 -4.67 15.42 0.13
CA ASN C 946 -5.00 16.62 0.91
C ASN C 946 -4.05 17.73 0.51
N ARG C 947 -4.61 18.88 0.12
CA ARG C 947 -3.85 20.08 -0.20
C ARG C 947 -3.56 20.93 1.04
N THR C 948 -3.68 20.33 2.23
CA THR C 948 -3.24 20.94 3.49
C THR C 948 -1.89 21.61 3.33
N PRO C 949 -0.94 21.01 2.58
CA PRO C 949 0.31 21.72 2.26
C PRO C 949 0.11 23.20 1.98
N THR C 950 -0.99 23.55 1.32
CA THR C 950 -1.32 24.94 1.05
C THR C 950 -2.66 25.39 1.62
N ILE C 951 -3.59 24.46 1.86
CA ILE C 951 -4.92 24.87 2.31
C ILE C 951 -4.85 25.52 3.69
N VAL C 952 -4.10 24.91 4.62
CA VAL C 952 -4.05 25.44 5.98
C VAL C 952 -3.45 26.85 5.99
N VAL C 953 -2.33 27.03 5.30
CA VAL C 953 -1.73 28.35 5.21
C VAL C 953 -2.63 29.29 4.43
N LEU C 954 -3.31 28.77 3.40
CA LEU C 954 -4.27 29.58 2.66
C LEU C 954 -5.40 30.04 3.58
N TRP C 955 -5.90 29.13 4.42
CA TRP C 955 -6.97 29.48 5.34
C TRP C 955 -6.46 30.33 6.49
N SER C 956 -5.28 30.00 7.02
CA SER C 956 -4.77 30.70 8.19
C SER C 956 -4.51 32.17 7.89
N VAL C 957 -3.82 32.45 6.79
CA VAL C 957 -3.54 33.84 6.43
C VAL C 957 -4.83 34.59 6.14
N LEU C 958 -5.81 33.90 5.55
CA LEU C 958 -7.11 34.52 5.31
C LEU C 958 -7.72 35.03 6.62
N LEU C 959 -7.45 34.33 7.72
CA LEU C 959 -7.98 34.78 9.01
C LEU C 959 -7.25 36.02 9.50
N THR C 960 -5.92 35.93 9.61
CA THR C 960 -5.14 37.07 10.08
C THR C 960 -5.29 38.27 9.14
N SER C 961 -5.27 38.02 7.83
CA SER C 961 -5.42 39.11 6.87
C SER C 961 -6.77 39.81 7.05
N VAL C 962 -7.85 39.03 7.16
CA VAL C 962 -9.16 39.61 7.42
C VAL C 962 -9.20 40.21 8.81
N PHE C 963 -8.61 39.52 9.79
CA PHE C 963 -8.59 40.05 11.16
C PHE C 963 -7.87 41.38 11.22
N SER C 964 -6.95 41.64 10.29
CA SER C 964 -6.19 42.88 10.32
C SER C 964 -6.88 43.97 9.48
N LEU C 965 -7.27 43.63 8.25
CA LEU C 965 -7.82 44.64 7.35
C LEU C 965 -9.08 45.28 7.94
N VAL C 966 -10.03 44.45 8.40
CA VAL C 966 -11.25 45.01 8.99
C VAL C 966 -10.93 45.71 10.30
N TRP C 967 -9.95 45.20 11.05
CA TRP C 967 -9.56 45.86 12.30
C TRP C 967 -9.10 47.29 12.05
N VAL C 968 -8.48 47.55 10.91
CA VAL C 968 -8.03 48.91 10.58
C VAL C 968 -9.22 49.87 10.62
C2 BGC D . -30.10 14.19 11.40
C3 BGC D . -30.27 13.90 9.91
C4 BGC D . -31.72 13.56 9.60
C5 BGC D . -32.65 14.63 10.15
C6 BGC D . -34.12 14.31 9.96
C1 BGC D . -31.11 15.22 11.88
O1 BGC D . -30.97 15.40 13.25
O2 BGC D . -28.77 14.64 11.66
O3 BGC D . -29.42 12.83 9.51
O4 BGC D . -31.93 13.45 8.20
O5 BGC D . -32.43 14.79 11.56
O6 BGC D . -34.47 14.25 8.59
C2 BGC D . -32.97 11.95 6.65
C3 BGC D . -32.98 10.54 6.08
C4 BGC D . -31.56 10.07 5.79
C5 BGC D . -30.69 10.22 7.02
C6 BGC D . -29.25 9.86 6.76
C1 BGC D . -31.99 12.07 7.81
O2 BGC D . -34.28 12.29 7.08
O3 BGC D . -33.74 10.51 4.88
O4 BGC D . -31.60 8.69 5.39
O5 BGC D . -30.69 11.60 7.44
O6 BGC D . -28.42 10.22 7.85
C2 BGC D . -30.23 7.59 3.74
C3 BGC D . -30.00 7.37 2.25
C4 BGC D . -31.30 7.01 1.54
C5 BGC D . -32.39 8.02 1.90
C6 BGC D . -33.75 7.65 1.34
C1 BGC D . -31.36 8.58 3.97
O2 BGC D . -29.04 8.07 4.34
O3 BGC D . -29.04 6.33 2.06
O4 BGC D . -31.11 7.06 0.14
O5 BGC D . -32.53 8.12 3.32
O6 BGC D . -33.72 7.52 -0.07
C2 BGC D . -32.18 5.33 -1.19
C3 BGC D . -32.01 3.96 -1.82
C4 BGC D . -30.71 3.92 -2.63
C5 BGC D . -29.54 4.35 -1.76
C6 BGC D . -28.24 4.42 -2.52
C1 BGC D . -30.93 5.72 -0.38
O2 BGC D . -33.32 5.33 -0.33
O3 BGC D . -33.11 3.67 -2.67
O4 BGC D . -30.46 2.62 -3.14
O5 BGC D . -29.79 5.66 -1.23
O6 BGC D . -27.91 3.14 -3.03
C2 BGC D . -30.26 1.34 -5.19
C3 BGC D . -30.55 1.33 -6.69
C4 BGC D . -31.97 1.82 -6.97
C5 BGC D . -32.23 3.16 -6.28
C6 BGC D . -33.65 3.65 -6.41
C1 BGC D . -30.62 2.70 -4.57
O2 BGC D . -28.89 1.07 -4.94
O3 BGC D . -30.35 0.03 -7.22
O4 BGC D . -32.18 1.96 -8.37
O5 BGC D . -31.97 3.02 -4.87
O6 BGC D . -34.03 4.45 -5.31
C2 BGC E . 9.66 33.38 -1.10
C3 BGC E . 9.99 32.31 -2.10
C4 BGC E . 10.18 32.90 -3.50
C5 BGC E . 11.11 34.12 -3.48
C6 BGC E . 11.03 34.95 -4.74
C1 BGC E . 10.74 34.44 -1.12
O1 BGC E . 10.45 35.39 -0.15
O2 BGC E . 9.56 32.81 0.20
O3 BGC E . 8.98 31.32 -2.13
O4 BGC E . 10.64 31.84 -4.33
O5 BGC E . 10.78 35.02 -2.41
O6 BGC E . 10.25 36.13 -4.54
C2 BGC E . 12.91 31.95 -5.16
C3 BGC E . 13.58 31.19 -6.29
C4 BGC E . 12.88 29.85 -6.54
C5 BGC E . 11.37 30.07 -6.65
C6 BGC E . 10.61 29.47 -5.49
C1 BGC E . 11.44 32.21 -5.48
O2 BGC E . 13.56 33.19 -4.95
O3 BGC E . 14.95 30.97 -5.98
O4 BGC E . 13.36 29.25 -7.74
O5 BGC E . 11.07 31.48 -6.68
O6 BGC E . 11.40 29.40 -4.31
C2 BGC E . 13.16 26.89 -8.28
C3 BGC E . 14.08 25.73 -8.64
C4 BGC E . 15.20 26.20 -9.56
C5 BGC E . 15.66 27.60 -9.17
C6 BGC E . 15.02 28.71 -9.98
C1 BGC E . 13.92 27.93 -7.47
O2 BGC E . 12.04 26.41 -7.53
O3 BGC E . 13.34 24.69 -9.26
O4 BGC E . 16.31 25.31 -9.48
O5 BGC E . 15.35 27.86 -7.78
O6 BGC E . 15.69 28.91 -11.22
C2 BGC E . 17.59 24.84 -11.47
C3 BGC E . 17.73 23.92 -12.67
C4 BGC E . 17.67 22.45 -12.25
C5 BGC E . 16.43 22.20 -11.41
C6 BGC E . 16.36 20.79 -10.87
C1 BGC E . 16.36 24.47 -10.64
O2 BGC E . 17.49 26.20 -11.89
O3 BGC E . 18.95 24.19 -13.35
O4 BGC E . 17.63 21.63 -13.42
O5 BGC E . 16.43 23.08 -10.28
O6 BGC E . 16.31 19.84 -11.92
C2 BGC E . 18.80 19.85 -14.57
C3 BGC E . 20.15 19.15 -14.72
C4 BGC E . 21.23 20.17 -15.08
C5 BGC E . 21.21 21.35 -14.11
C6 BGC E . 22.14 22.47 -14.51
C1 BGC E . 18.91 20.98 -13.58
O2 BGC E . 17.82 18.91 -14.12
O3 BGC E . 20.07 18.13 -15.71
O4 BGC E . 22.51 19.54 -15.01
O5 BGC E . 19.89 21.92 -14.06
O6 BGC E . 21.68 23.72 -14.03
C2 BGC F . 8.58 5.05 34.67
C3 BGC F . 9.75 4.34 33.98
C4 BGC F . 10.18 3.12 34.77
C5 BGC F . 9.23 2.92 35.95
C6 BGC F . 9.60 1.72 36.80
C1 BGC F . 8.85 5.28 36.16
O1 BGC F . 9.80 6.28 36.32
O2 BGC F . 7.38 4.31 34.50
O3 BGC F . 10.86 5.23 33.84
O4 BGC F . 10.19 1.96 33.95
O5 BGC F . 9.28 4.07 36.79
O6 BGC F . 8.86 0.56 36.40
C2 BGC F . 11.34 0.03 34.81
C3 BGC F . 11.68 -1.13 33.88
C4 BGC F . 10.98 -0.91 32.55
C5 BGC F . 11.53 0.35 31.87
C6 BGC F . 10.45 1.19 31.26
C1 BGC F . 11.51 1.37 34.09
O2 BGC F . 12.18 0.01 35.95
O3 BGC F . 11.24 -2.34 34.47
O4 BGC F . 11.12 -2.02 31.66
O5 BGC F . 12.22 1.17 32.83
O6 BGC F . 10.93 1.88 30.11
C2 BGC F . 9.93 -2.89 29.74
C3 BGC F . 9.24 -4.24 29.57
C4 BGC F . 9.81 -5.25 30.54
C5 BGC F . 9.80 -4.69 31.96
C6 BGC F . 11.16 -4.55 32.57
C1 BGC F . 9.80 -2.38 31.17
O2 BGC F . 9.34 -1.96 28.83
O3 BGC F . 9.44 -4.71 28.25
O4 BGC F . 9.03 -6.43 30.48
O5 BGC F . 9.17 -3.39 32.00
O6 BGC F . 11.17 -5.20 33.83
C2 BGC F . 10.30 -8.47 30.32
C3 BGC F . 10.87 -9.51 29.37
C4 BGC F . 9.87 -9.94 28.32
C5 BGC F . 9.22 -8.73 27.66
C6 BGC F . 8.10 -9.10 26.71
C1 BGC F . 9.63 -7.34 29.54
O2 BGC F . 11.37 -7.96 31.11
O3 BGC F . 11.31 -10.65 30.11
O4 BGC F . 10.56 -10.71 27.33
O5 BGC F . 8.65 -7.88 28.66
O6 BGC F . 8.62 -9.71 25.53
C2 BGC F . 10.10 -12.50 25.80
C3 BGC F . 9.53 -13.90 25.65
C4 BGC F . 10.04 -14.82 26.74
C5 BGC F . 9.81 -14.21 28.11
C6 BGC F . 10.42 -15.02 29.23
C1 BGC F . 9.90 -11.98 27.22
O2 BGC F . 9.48 -11.60 24.90
O3 BGC F . 9.84 -14.40 24.35
O4 BGC F . 9.37 -16.08 26.65
O5 BGC F . 10.44 -12.91 28.17
O6 BGC F . 9.65 -14.95 30.43
N1 UPG G . 29.87 9.35 -17.30
C2 UPG G . 30.71 9.76 -18.48
N3 UPG G . 32.16 10.06 -18.32
C4 UPG G . 32.78 9.94 -17.01
C5 UPG G . 31.95 9.53 -15.84
C6 UPG G . 30.50 9.24 -16.00
O2 UPG G . 30.20 9.86 -19.58
O4 UPG G . 33.93 10.18 -16.87
C1C UPG G . 28.57 9.10 -17.52
C2C UPG G . 27.70 8.76 -16.26
O2C UPG G . 27.54 7.32 -16.14
C3C UPG G . 26.54 9.34 -16.51
C4C UPG G . 26.98 10.74 -17.25
O4C UPG G . 27.88 10.39 -18.13
O3C UPG G . 25.76 8.54 -17.39
C5C UPG G . 27.56 11.69 -16.28
O5C UPG G . 26.80 11.68 -15.08
PA UPG G . 27.61 11.99 -13.63
O1A UPG G . 28.40 13.29 -13.75
O2A UPG G . 28.54 10.85 -13.33
O3A UPG G . 26.52 12.14 -12.38
PB UPG G . 24.94 11.54 -12.48
O1B UPG G . 24.26 11.73 -11.16
O2B UPG G . 25.00 10.07 -12.79
O3B UPG G . 24.11 12.34 -13.67
C1' UPG G . 23.82 13.65 -13.48
C2' UPG G . 22.30 13.79 -13.33
C3' UPG G . 21.60 13.45 -14.57
C4' UPG G . 22.11 14.23 -15.73
C5' UPG G . 23.62 14.13 -15.89
C6' UPG G . 24.08 15.11 -16.95
O2' UPG G . 21.84 12.91 -12.25
O3' UPG G . 20.15 13.73 -14.39
O4' UPG G . 21.48 13.73 -16.93
O5' UPG G . 24.33 14.44 -14.64
O6' UPG G . 25.48 15.18 -16.95
HN3 UPG G . 32.64 10.29 -19.00
H5 UPG G . 32.34 9.47 -15.01
H6 UPG G . 30.01 8.99 -15.27
H1C UPG G . 28.48 8.37 -18.16
H2C UPG G . 28.07 9.14 -15.44
HO2C UPG G . 27.27 6.99 -16.87
H3C UPG G . 26.06 9.51 -15.68
H4C UPG G . 26.20 11.14 -17.69
HO3C UPG G . 25.95 8.72 -18.20
H5C1 UPG G . 27.56 12.58 -16.66
H5C2 UPG G . 28.48 11.42 -16.08
H1' UPG G . 24.24 13.96 -12.67
H2' UPG G . 22.10 14.71 -13.09
H3' UPG G . 21.71 12.50 -14.75
H4' UPG G . 21.87 15.16 -15.62
H5' UPG G . 23.85 13.22 -16.15
H6'1 UPG G . 23.71 15.98 -16.77
H6'2 UPG G . 23.77 14.81 -17.83
HO2' UPG G . 22.33 12.21 -12.24
HO3' UPG G . 20.05 14.54 -14.13
HO4' UPG G . 21.67 12.91 -17.02
HO6' UPG G . 25.79 14.43 -16.73
MG MG H . 22.75 9.72 -11.44
N1 UPG I . 3.43 -28.37 21.74
C2 UPG I . 3.82 -29.65 22.44
N3 UPG I . 2.82 -30.38 23.29
C4 UPG I . 1.47 -29.86 23.42
C5 UPG I . 1.09 -28.59 22.72
C6 UPG I . 2.09 -27.87 21.88
O2 UPG I . 4.95 -30.08 22.33
O4 UPG I . 0.68 -30.41 24.08
C1C UPG I . 4.31 -27.72 20.99
C2C UPG I . 3.66 -27.33 19.62
O2C UPG I . 4.04 -27.64 18.25
C3C UPG I . 4.66 -26.44 19.42
C4C UPG I . 4.81 -25.52 20.78
O4C UPG I . 4.75 -26.41 21.73
O3C UPG I . 5.90 -27.10 19.14
C5C UPG I . 3.70 -24.56 20.89
O5C UPG I . 3.39 -24.35 22.26
PA UPG I . 1.96 -23.52 22.64
O1A UPG I . 2.01 -23.08 24.09
O2A UPG I . 0.79 -24.42 22.42
O3A UPG I . 1.82 -22.17 21.66
PB UPG I . 2.96 -20.93 21.61
O1B UPG I . 2.39 -19.72 22.26
O2B UPG I . 3.30 -20.64 20.19
O3B UPG I . 4.32 -21.42 22.42
C1' UPG I . 5.07 -20.49 23.09
C2' UPG I . 6.08 -19.86 22.15
C3' UPG I . 7.03 -20.87 21.66
C4' UPG I . 7.71 -21.60 22.78
C5' UPG I . 6.72 -22.17 23.78
C6' UPG I . 7.49 -22.68 25.00
O2' UPG I . 5.39 -19.27 21.00
O3' UPG I . 8.07 -20.19 20.83
O4' UPG I . 8.48 -22.69 22.22
O5' UPG I . 5.74 -21.17 24.24
O6' UPG I . 8.08 -21.60 25.66
HN3 UPG I . 3.04 -31.11 23.70
H5 UPG I . 0.23 -28.25 22.80
H6 UPG I . 1.84 -27.08 21.44
H1C UPG I . 5.09 -28.28 20.83
H2C UPG I . 3.59 -28.29 19.57
HO2C UPG I . 3.36 -27.56 17.74
H3C UPG I . 4.42 -25.87 18.68
H4C UPG I . 5.67 -25.08 20.79
HO3C UPG I . 6.48 -26.87 19.70
H5C1 UPG I . 2.92 -24.89 20.42
H5C2 UPG I . 3.99 -23.71 20.50
H1' UPG I . 4.48 -19.80 23.44
H2' UPG I . 6.56 -19.17 22.61
H3' UPG I . 6.55 -21.51 21.10
H4' UPG I . 8.30 -20.99 23.24
H5' UPG I . 6.25 -22.90 23.37
H6'1 UPG I . 8.18 -23.30 24.70
H6'2 UPG I . 6.89 -23.14 25.60
HO2' UPG I . 5.26 -19.86 20.41
HO3' UPG I . 8.61 -19.79 21.34
HO4' UPG I . 8.12 -22.95 21.49
HO6' UPG I . 7.53 -20.96 25.71
MG MG J . 2.63 -19.32 18.09
N1 UPG K . -29.68 -0.50 -20.27
C2 UPG K . -30.75 -0.84 -21.26
N3 UPG K . -31.08 0.12 -22.36
C4 UPG K . -30.35 1.38 -22.45
C5 UPG K . -29.31 1.71 -21.46
C6 UPG K . -28.98 0.76 -20.37
O2 UPG K . -31.35 -1.89 -21.19
O4 UPG K . -30.62 2.15 -23.32
C1C UPG K . -29.40 -1.37 -19.28
C2C UPG K . -27.92 -1.87 -19.36
O2C UPG K . -27.83 -3.04 -20.21
C3C UPG K . -27.67 -2.19 -18.10
C4C UPG K . -28.43 -1.06 -17.18
O4C UPG K . -29.49 -0.67 -17.86
O3C UPG K . -28.18 -3.49 -17.80
C5C UPG K . -27.54 0.08 -16.92
O5C UPG K . -28.21 1.29 -17.25
PA UPG K . -27.86 2.68 -16.35
O1A UPG K . -28.68 3.84 -16.87
O2A UPG K . -26.40 2.99 -16.47
O3A UPG K . -28.24 2.40 -14.74
PB UPG K . -27.18 2.63 -13.46
O1B UPG K . -27.56 3.87 -12.71
O2B UPG K . -25.78 2.78 -13.98
O3B UPG K . -27.24 1.32 -12.45
C1' UPG K . -28.05 1.38 -11.36
C2' UPG K . -27.92 0.06 -10.59
C3' UPG K . -28.44 -1.08 -11.35
C4' UPG K . -29.85 -0.84 -11.82
C5' UPG K . -30.00 0.47 -12.56
C6' UPG K . -31.48 0.73 -12.82
O2' UPG K . -26.50 -0.18 -10.31
O3' UPG K . -28.41 -2.29 -10.50
O4' UPG K . -30.24 -1.93 -12.69
O5' UPG K . -29.46 1.61 -11.80
O6' UPG K . -31.66 2.04 -13.28
HN3 UPG K . -31.68 -0.06 -22.94
H5 UPG K . -28.84 2.51 -21.51
H6 UPG K . -28.32 0.96 -19.75
H1C UPG K . -30.00 -2.12 -19.31
H2C UPG K . -27.33 -1.17 -19.65
HO2C UPG K . -28.61 -3.32 -20.39
H3C UPG K . -26.70 -2.16 -17.94
H4C UPG K . -28.73 -1.45 -16.34
HO3C UPG K . -28.99 -3.43 -17.56
H5C1 UPG K . -26.73 0.00 -17.45
H5C2 UPG K . -27.31 0.09 -15.98
H1' UPG K . -27.78 2.10 -10.78
H2' UPG K . -28.40 0.13 -9.75
H3' UPG K . -27.88 -1.21 -12.12
H4' UPG K . -30.44 -0.84 -11.04
H5' UPG K . -29.53 0.41 -13.41
H6'1 UPG K . -31.98 0.62 -11.99
H6'2 UPG K . -31.81 0.11 -13.48
HO2' UPG K . -26.06 -0.09 -11.03
HO3' UPG K . -28.92 -2.18 -9.84
HO4' UPG K . -29.54 -2.36 -12.92
HO6' UPG K . -32.49 2.18 -13.41
MG MG L . -24.85 -1.04 -14.90
#